data_4BC0
#
_entry.id   4BC0
#
_cell.length_a   136.940
_cell.length_b   174.040
_cell.length_c   225.620
_cell.angle_alpha   90.00
_cell.angle_beta   90.00
_cell.angle_gamma   90.00
#
_symmetry.space_group_name_H-M   'P 21 21 21'
#
loop_
_entity.id
_entity.type
_entity.pdbx_description
1 polymer ACETYLCHOLINESTERASE
2 non-polymer '(2-methylphenyl) dihydrogen phosphate'
3 non-polymer 2-acetamido-2-deoxy-beta-D-glucopyranose
4 non-polymer 'SULFATE ION'
5 non-polymer 'CHLORIDE ION'
6 water water
#
_entity_poly.entity_id   1
_entity_poly.type   'polypeptide(L)'
_entity_poly.pdbx_seq_one_letter_code
;EGREDPQLLVRVRGGQLRGIRLKAPGGPVSAFLGIPFAEPPVGSRRFMPPEPKRPWSGVLDATTFQNVCYQYVDTLYPGF
EGTEMWNPNRELSEDCLYLNVWTPYPRPASPTPVLIWIYGGGFYSGAASLDVYDGRFLAQVEGAVLVSMNYRVGTFGFLA
LPGSREAPGNVGLLDQRLALQWVQENIAAFGGDPMSVTLFGESAGAASVGMHILSLPSRSLFHRAVLQSGTPNGPWATVS
AGEARRRATLLARLVGCPPGGAGGNDTELIACLRTRPAQDLVDHEWHVLPQESIFRFSFVPVVDGDFLSDTPEALINTGD
FQDLQVLVGVVKDEGSYFLVYGVPGFSKDNESLISRAQFLAGVRIGVPQASDLAAEAVVLHYTDWLHPEDPTHLRDAMSA
VVGDHNVVCPVAQLAGRLAAQGARVYAYIFEHRASTLTWPLWMGVPHGYEIEFIFGLPLDPSLNYTTEERIFAQRLMKYW
TNFARTGDPNDPRDSKSPQWPPYTTAAQQYVSLNLKPLEVRRGLRAQTCAFWNRFLPKLLSAT
;
_entity_poly.pdbx_strand_id   A,B,C,D
#
loop_
_chem_comp.id
_chem_comp.type
_chem_comp.name
_chem_comp.formula
4OJ non-polymer '(2-methylphenyl) dihydrogen phosphate' 'C7 H9 O4 P'
CL non-polymer 'CHLORIDE ION' 'Cl -1'
NAG D-saccharide, beta linking 2-acetamido-2-deoxy-beta-D-glucopyranose 'C8 H15 N O6'
SO4 non-polymer 'SULFATE ION' 'O4 S -2'
#
# COMPACT_ATOMS: atom_id res chain seq x y z
N GLY A 2 61.18 33.05 -46.93
CA GLY A 2 60.41 31.90 -47.36
C GLY A 2 60.29 30.81 -46.29
N ARG A 3 60.30 29.55 -46.74
CA ARG A 3 60.30 28.35 -45.88
C ARG A 3 58.96 28.08 -45.17
N GLU A 4 58.09 29.09 -45.09
CA GLU A 4 56.83 28.94 -44.39
C GLU A 4 55.71 28.61 -45.35
N ASP A 5 55.17 27.40 -45.28
CA ASP A 5 54.00 27.06 -46.08
C ASP A 5 52.82 27.93 -45.61
N PRO A 6 52.30 28.80 -46.50
CA PRO A 6 51.20 29.73 -46.18
C PRO A 6 49.91 28.97 -45.88
N GLN A 7 49.89 27.70 -46.24
CA GLN A 7 48.73 26.88 -45.94
C GLN A 7 48.73 26.45 -44.47
N LEU A 8 49.90 26.29 -43.87
CA LEU A 8 49.94 25.86 -42.49
C LEU A 8 50.06 27.00 -41.45
N LEU A 9 50.32 28.22 -41.92
CA LEU A 9 50.36 29.41 -41.08
C LEU A 9 48.95 29.98 -40.95
N VAL A 10 48.49 30.20 -39.73
CA VAL A 10 47.18 30.82 -39.53
C VAL A 10 47.29 31.83 -38.41
N ARG A 11 46.69 33.01 -38.58
CA ARG A 11 46.55 33.94 -37.46
C ARG A 11 45.12 33.94 -36.93
N VAL A 12 44.95 33.45 -35.72
CA VAL A 12 43.64 33.51 -35.09
C VAL A 12 43.63 34.70 -34.14
N ARG A 13 42.46 34.96 -33.56
CA ARG A 13 42.24 36.14 -32.74
C ARG A 13 43.34 36.28 -31.70
N GLY A 14 43.74 35.17 -31.10
CA GLY A 14 44.69 35.22 -30.00
C GLY A 14 46.16 35.20 -30.37
N GLY A 15 46.47 35.00 -31.65
CA GLY A 15 47.86 34.89 -32.07
C GLY A 15 48.10 34.01 -33.31
N GLN A 16 49.36 33.75 -33.61
CA GLN A 16 49.69 32.96 -34.78
C GLN A 16 50.09 31.55 -34.43
N LEU A 17 49.60 30.59 -35.19
CA LEU A 17 49.99 29.21 -34.98
C LEU A 17 50.34 28.60 -36.33
N ARG A 18 51.21 27.60 -36.29
CA ARG A 18 51.56 26.86 -37.49
C ARG A 18 51.14 25.43 -37.28
N GLY A 19 50.42 24.88 -38.25
CA GLY A 19 50.00 23.49 -38.22
C GLY A 19 50.91 22.55 -39.00
N ILE A 20 50.37 21.41 -39.38
CA ILE A 20 51.17 20.35 -39.98
C ILE A 20 50.43 19.69 -41.14
N ARG A 21 51.16 19.26 -42.17
CA ARG A 21 50.54 18.55 -43.28
C ARG A 21 50.55 17.05 -43.04
N LEU A 22 49.37 16.46 -43.02
CA LEU A 22 49.20 15.03 -42.79
C LEU A 22 48.85 14.35 -44.08
N LYS A 23 49.26 13.09 -44.24
CA LYS A 23 48.82 12.30 -45.37
C LYS A 23 47.61 11.47 -44.98
N ALA A 24 46.47 11.82 -45.56
CA ALA A 24 45.29 10.99 -45.56
C ALA A 24 45.44 10.07 -46.76
N PRO A 25 44.65 8.98 -46.81
CA PRO A 25 44.84 8.06 -47.92
C PRO A 25 44.64 8.73 -49.27
N GLY A 26 43.55 9.47 -49.42
CA GLY A 26 43.21 10.08 -50.69
C GLY A 26 44.15 11.18 -51.15
N GLY A 27 44.55 12.05 -50.22
CA GLY A 27 45.28 13.27 -50.54
C GLY A 27 45.98 13.78 -49.31
N PRO A 28 46.49 15.02 -49.33
CA PRO A 28 46.99 15.46 -48.03
C PRO A 28 45.91 16.28 -47.33
N VAL A 29 46.14 16.62 -46.05
CA VAL A 29 45.23 17.45 -45.25
C VAL A 29 46.06 18.31 -44.34
N SER A 30 45.41 19.35 -43.81
CA SER A 30 46.03 20.29 -42.91
C SER A 30 45.48 20.01 -41.52
N ALA A 31 46.37 19.80 -40.56
CA ALA A 31 45.96 19.54 -39.20
C ALA A 31 46.55 20.60 -38.27
N PHE A 32 45.71 21.22 -37.46
CA PHE A 32 46.19 22.19 -36.49
C PHE A 32 45.80 21.67 -35.13
N LEU A 33 46.78 21.24 -34.33
CA LEU A 33 46.49 20.48 -33.12
C LEU A 33 47.00 21.12 -31.84
N GLY A 34 46.14 21.19 -30.82
CA GLY A 34 46.61 21.65 -29.52
C GLY A 34 46.60 23.15 -29.40
N ILE A 35 45.67 23.75 -30.13
CA ILE A 35 45.41 25.17 -30.07
C ILE A 35 44.72 25.43 -28.77
N PRO A 36 45.36 26.17 -27.86
CA PRO A 36 44.70 26.43 -26.59
C PRO A 36 43.49 27.34 -26.75
N PHE A 37 42.33 26.91 -26.26
CA PHE A 37 41.16 27.78 -26.31
C PHE A 37 40.90 28.42 -24.96
N ALA A 38 41.67 28.04 -23.97
CA ALA A 38 41.44 28.56 -22.63
C ALA A 38 42.69 28.60 -21.78
N GLU A 39 42.76 29.57 -20.87
CA GLU A 39 43.83 29.59 -19.91
C GLU A 39 43.65 28.34 -19.05
N PRO A 40 44.75 27.59 -18.81
CA PRO A 40 44.75 26.33 -18.05
C PRO A 40 44.12 26.43 -16.68
N PRO A 41 43.15 25.54 -16.41
CA PRO A 41 42.34 25.59 -15.20
C PRO A 41 43.06 24.90 -14.08
N VAL A 42 44.25 25.38 -13.70
CA VAL A 42 45.01 24.70 -12.68
C VAL A 42 45.24 25.53 -11.42
N GLY A 43 45.55 24.84 -10.32
CA GLY A 43 45.72 25.51 -9.05
C GLY A 43 44.40 26.10 -8.60
N SER A 44 44.39 27.39 -8.35
CA SER A 44 43.19 28.09 -7.91
C SER A 44 42.08 28.14 -8.96
N ARG A 45 42.38 27.70 -10.18
CA ARG A 45 41.35 27.67 -11.20
C ARG A 45 40.62 26.33 -11.29
N ARG A 46 40.96 25.39 -10.40
CA ARG A 46 40.36 24.05 -10.43
C ARG A 46 38.92 24.11 -9.90
N PHE A 47 38.03 23.41 -10.60
CA PHE A 47 36.58 23.42 -10.36
C PHE A 47 35.86 24.66 -10.92
N MET A 48 36.60 25.55 -11.57
CA MET A 48 36.03 26.85 -11.94
C MET A 48 35.85 26.96 -13.45
N PRO A 49 34.86 27.77 -13.88
CA PRO A 49 34.58 28.01 -15.30
C PRO A 49 35.82 28.50 -16.04
N PRO A 50 35.96 28.10 -17.30
CA PRO A 50 37.18 28.41 -18.01
C PRO A 50 37.31 29.90 -18.29
N GLU A 51 38.47 30.48 -17.96
CA GLU A 51 38.82 31.79 -18.48
C GLU A 51 39.36 31.57 -19.90
N PRO A 52 39.02 32.47 -20.83
CA PRO A 52 39.44 32.33 -22.22
C PRO A 52 40.93 32.59 -22.38
N LYS A 53 41.54 32.01 -23.41
CA LYS A 53 43.00 31.98 -23.56
C LYS A 53 43.57 33.38 -23.68
N ARG A 54 44.53 33.68 -22.81
CA ARG A 54 45.21 34.96 -22.91
C ARG A 54 46.13 34.88 -24.12
N PRO A 55 46.17 35.97 -24.93
CA PRO A 55 46.85 36.00 -26.22
C PRO A 55 48.35 35.88 -26.08
N TRP A 56 48.98 35.36 -27.12
CA TRP A 56 50.40 35.01 -27.11
C TRP A 56 51.14 35.62 -28.28
N SER A 57 52.40 35.99 -28.06
CA SER A 57 53.25 36.47 -29.12
C SER A 57 54.08 35.31 -29.62
N GLY A 58 54.84 35.54 -30.69
CA GLY A 58 55.47 34.44 -31.39
C GLY A 58 54.46 33.56 -32.12
N VAL A 59 54.98 32.53 -32.80
CA VAL A 59 54.13 31.54 -33.45
C VAL A 59 53.98 30.25 -32.66
N LEU A 60 52.77 29.98 -32.19
CA LEU A 60 52.45 28.82 -31.37
C LEU A 60 52.51 27.54 -32.20
N ASP A 61 52.97 26.46 -31.61
CA ASP A 61 53.16 25.24 -32.40
C ASP A 61 51.95 24.32 -32.32
N ALA A 62 51.21 24.28 -33.42
CA ALA A 62 49.99 23.48 -33.50
C ALA A 62 50.20 22.12 -34.16
N THR A 63 51.44 21.72 -34.35
CA THR A 63 51.76 20.47 -35.06
C THR A 63 51.44 19.18 -34.31
N THR A 64 51.03 19.25 -33.06
CA THR A 64 50.85 18.01 -32.34
C THR A 64 49.82 18.05 -31.22
N PHE A 65 49.26 16.87 -30.90
CA PHE A 65 48.21 16.72 -29.89
C PHE A 65 48.69 17.16 -28.52
N GLN A 66 47.75 17.64 -27.71
CA GLN A 66 48.07 18.11 -26.37
C GLN A 66 47.66 17.13 -25.28
N ASN A 67 47.88 17.52 -24.03
CA ASN A 67 47.59 16.65 -22.92
C ASN A 67 46.12 16.31 -22.81
N VAL A 68 45.88 15.10 -22.29
CA VAL A 68 44.55 14.62 -22.00
C VAL A 68 44.13 15.05 -20.61
N CYS A 69 42.87 15.46 -20.45
CA CYS A 69 42.35 15.88 -19.16
C CYS A 69 42.46 14.75 -18.17
N TYR A 70 42.75 15.09 -16.93
CA TYR A 70 43.04 14.11 -15.90
C TYR A 70 41.89 13.15 -15.69
N GLN A 71 42.16 11.85 -15.76
CA GLN A 71 41.07 10.88 -15.69
C GLN A 71 41.42 9.49 -15.20
N TYR A 72 40.39 8.74 -14.84
CA TYR A 72 40.55 7.34 -14.52
C TYR A 72 40.97 6.60 -15.79
N VAL A 73 42.03 5.80 -15.68
CA VAL A 73 42.46 4.94 -16.79
C VAL A 73 41.97 3.52 -16.55
N ASP A 74 41.13 3.03 -17.46
CA ASP A 74 40.40 1.80 -17.23
C ASP A 74 41.26 0.55 -17.22
N THR A 75 41.20 -0.16 -16.09
CA THR A 75 41.99 -1.36 -15.85
C THR A 75 41.28 -2.70 -16.05
N LEU A 76 40.03 -2.69 -16.52
CA LEU A 76 39.25 -3.93 -16.60
C LEU A 76 39.94 -5.08 -17.35
N TYR A 77 40.14 -4.92 -18.64
CA TYR A 77 40.79 -5.97 -19.41
C TYR A 77 42.07 -5.40 -20.00
N PRO A 78 43.19 -5.47 -19.26
CA PRO A 78 44.43 -4.83 -19.74
C PRO A 78 44.94 -5.43 -21.06
N GLY A 79 45.56 -4.59 -21.88
CA GLY A 79 46.12 -5.00 -23.16
C GLY A 79 45.09 -5.56 -24.11
N PHE A 80 43.89 -5.00 -24.07
CA PHE A 80 42.77 -5.48 -24.87
C PHE A 80 42.18 -4.33 -25.69
N GLU A 81 42.24 -4.45 -27.02
CA GLU A 81 41.86 -3.36 -27.91
C GLU A 81 40.50 -2.71 -27.57
N GLY A 82 39.52 -3.55 -27.25
CA GLY A 82 38.18 -3.08 -26.96
C GLY A 82 38.09 -2.02 -25.86
N THR A 83 38.78 -2.27 -24.75
CA THR A 83 38.81 -1.32 -23.65
C THR A 83 39.82 -0.21 -23.86
N GLU A 84 40.96 -0.54 -24.48
CA GLU A 84 42.10 0.37 -24.47
C GLU A 84 42.17 1.36 -25.64
N MET A 85 41.28 1.19 -26.61
CA MET A 85 41.15 2.18 -27.68
C MET A 85 40.70 3.48 -27.02
N TRP A 86 39.93 3.34 -25.96
CA TRP A 86 39.28 4.46 -25.30
C TRP A 86 40.22 5.19 -24.35
N ASN A 87 41.30 4.52 -23.94
CA ASN A 87 42.20 5.07 -22.89
C ASN A 87 43.12 6.17 -23.41
N PRO A 88 43.50 7.12 -22.52
CA PRO A 88 44.28 8.32 -22.88
C PRO A 88 45.55 7.98 -23.66
N ASN A 89 45.73 8.59 -24.82
CA ASN A 89 46.95 8.36 -25.60
C ASN A 89 48.03 9.45 -25.54
N ARG A 90 47.81 10.48 -24.75
CA ARG A 90 48.86 11.46 -24.48
C ARG A 90 48.93 11.57 -22.96
N GLU A 91 49.84 12.39 -22.45
CA GLU A 91 50.05 12.45 -21.01
C GLU A 91 48.94 13.19 -20.27
N LEU A 92 48.60 12.69 -19.10
CA LEU A 92 47.57 13.28 -18.27
C LEU A 92 48.01 14.60 -17.67
N SER A 93 47.21 15.65 -17.84
CA SER A 93 47.48 16.91 -17.15
C SER A 93 46.22 17.66 -16.73
N GLU A 94 46.38 18.56 -15.77
CA GLU A 94 45.27 19.39 -15.34
C GLU A 94 45.14 20.53 -16.33
N ASP A 95 46.18 20.74 -17.13
CA ASP A 95 46.17 21.76 -18.16
C ASP A 95 45.89 20.98 -19.44
N CYS A 96 44.59 20.81 -19.72
CA CYS A 96 44.16 20.11 -20.92
C CYS A 96 43.35 20.87 -21.97
N LEU A 97 43.02 22.14 -21.76
CA LEU A 97 42.00 22.71 -22.63
C LEU A 97 42.70 23.29 -23.84
N TYR A 98 42.55 22.51 -24.93
CA TYR A 98 43.19 22.70 -26.23
C TYR A 98 42.22 22.08 -27.20
N LEU A 99 42.27 22.53 -28.45
CA LEU A 99 41.43 21.96 -29.49
C LEU A 99 42.17 21.66 -30.79
N ASN A 100 41.53 20.86 -31.61
CA ASN A 100 42.07 20.40 -32.89
C ASN A 100 41.18 20.78 -34.08
N VAL A 101 41.82 21.20 -35.17
CA VAL A 101 41.12 21.57 -36.38
C VAL A 101 41.73 20.84 -37.58
N TRP A 102 40.93 20.04 -38.28
CA TRP A 102 41.38 19.45 -39.54
C TRP A 102 40.68 20.14 -40.69
N THR A 103 41.43 20.51 -41.72
CA THR A 103 40.85 21.08 -42.94
C THR A 103 41.53 20.45 -44.14
N PRO A 104 40.94 20.61 -45.32
CA PRO A 104 41.59 20.14 -46.55
C PRO A 104 42.92 20.84 -46.84
N TYR A 105 43.76 20.23 -47.66
CA TYR A 105 44.97 20.87 -48.16
C TYR A 105 44.92 21.03 -49.68
N PRO A 106 45.04 22.27 -50.18
CA PRO A 106 45.24 23.50 -49.43
C PRO A 106 43.96 23.93 -48.80
N ARG A 107 44.06 24.83 -47.82
CA ARG A 107 42.95 25.32 -47.04
C ARG A 107 41.85 25.72 -48.03
N PRO A 108 40.57 25.40 -47.71
CA PRO A 108 39.45 25.56 -48.65
C PRO A 108 39.24 26.98 -49.25
N ALA A 109 38.90 27.02 -50.54
CA ALA A 109 38.63 28.28 -51.23
C ALA A 109 37.36 28.95 -50.70
N SER A 110 36.24 28.23 -50.80
CA SER A 110 34.95 28.69 -50.27
C SER A 110 34.73 28.26 -48.83
N PRO A 111 33.91 29.00 -48.10
CA PRO A 111 33.75 28.73 -46.68
C PRO A 111 32.97 27.44 -46.40
N THR A 112 33.68 26.32 -46.38
CA THR A 112 33.09 25.03 -46.04
C THR A 112 32.45 24.98 -44.64
N PRO A 113 31.30 24.27 -44.50
CA PRO A 113 30.63 24.08 -43.21
C PRO A 113 31.46 23.24 -42.25
N VAL A 114 31.23 23.44 -40.95
CA VAL A 114 32.11 22.96 -39.90
C VAL A 114 31.42 21.88 -39.07
N LEU A 115 32.18 20.88 -38.65
CA LEU A 115 31.67 19.82 -37.79
C LEU A 115 32.43 19.85 -36.50
N ILE A 116 31.76 20.16 -35.40
CA ILE A 116 32.42 20.12 -34.10
C ILE A 116 32.08 18.80 -33.39
N TRP A 117 33.13 18.05 -33.03
CA TRP A 117 32.93 16.77 -32.38
C TRP A 117 33.19 16.84 -30.88
N ILE A 118 32.20 16.48 -30.08
CA ILE A 118 32.38 16.37 -28.65
C ILE A 118 32.45 14.89 -28.31
N TYR A 119 33.55 14.45 -27.68
CA TYR A 119 33.73 13.04 -27.32
C TYR A 119 32.86 12.55 -26.15
N GLY A 120 32.70 11.23 -26.08
CA GLY A 120 32.05 10.58 -24.94
C GLY A 120 33.04 10.02 -23.91
N GLY A 121 32.63 8.95 -23.23
CA GLY A 121 33.39 8.48 -22.08
C GLY A 121 32.80 8.76 -20.70
N GLY A 122 31.51 9.06 -20.63
CA GLY A 122 30.77 9.06 -19.38
C GLY A 122 30.99 10.22 -18.41
N PHE A 123 31.58 11.28 -18.93
CA PHE A 123 32.01 12.43 -18.17
C PHE A 123 33.06 12.05 -17.12
N TYR A 124 33.60 10.84 -17.18
CA TYR A 124 34.75 10.52 -16.33
C TYR A 124 36.04 10.42 -17.14
N SER A 125 35.92 10.56 -18.46
CA SER A 125 37.01 10.08 -19.30
C SER A 125 37.01 10.58 -20.72
N GLY A 126 38.06 10.19 -21.44
CA GLY A 126 38.16 10.43 -22.86
C GLY A 126 38.98 11.64 -23.25
N ALA A 127 39.13 11.85 -24.56
CA ALA A 127 39.94 12.93 -25.11
C ALA A 127 39.86 12.97 -26.63
N ALA A 128 40.15 14.14 -27.19
CA ALA A 128 40.06 14.34 -28.61
C ALA A 128 41.25 13.70 -29.32
N SER A 129 42.25 13.29 -28.56
CA SER A 129 43.47 12.72 -29.12
C SER A 129 43.26 11.30 -29.67
N LEU A 130 42.26 10.59 -29.15
CA LEU A 130 42.01 9.19 -29.49
C LEU A 130 41.93 8.90 -30.99
N ASP A 131 42.46 7.73 -31.37
CA ASP A 131 42.61 7.38 -32.78
C ASP A 131 41.30 7.32 -33.58
N VAL A 132 40.23 6.85 -32.97
CA VAL A 132 38.96 6.77 -33.69
C VAL A 132 38.38 8.15 -34.06
N TYR A 133 38.75 9.21 -33.36
CA TYR A 133 38.20 10.54 -33.67
C TYR A 133 39.05 11.33 -34.67
N ASP A 134 40.08 10.71 -35.23
CA ASP A 134 40.97 11.41 -36.15
C ASP A 134 40.18 12.01 -37.31
N GLY A 135 40.29 13.33 -37.48
CA GLY A 135 39.46 14.05 -38.43
C GLY A 135 39.99 14.03 -39.84
N ARG A 136 41.15 13.41 -40.01
CA ARG A 136 41.89 13.42 -41.28
C ARG A 136 41.07 12.98 -42.48
N PHE A 137 40.26 11.94 -42.33
CA PHE A 137 39.51 11.35 -43.45
C PHE A 137 38.29 12.16 -43.87
N LEU A 138 37.56 12.71 -42.91
CA LEU A 138 36.43 13.57 -43.25
C LEU A 138 36.97 14.79 -43.97
N ALA A 139 38.07 15.31 -43.45
CA ALA A 139 38.73 16.44 -44.06
C ALA A 139 39.06 16.13 -45.51
N GLN A 140 39.81 15.05 -45.73
CA GLN A 140 40.30 14.77 -47.07
C GLN A 140 39.16 14.41 -48.02
N VAL A 141 38.37 13.40 -47.65
CA VAL A 141 37.34 12.84 -48.54
C VAL A 141 36.13 13.73 -48.73
N GLU A 142 35.58 14.21 -47.62
CA GLU A 142 34.38 15.04 -47.68
C GLU A 142 34.70 16.51 -47.66
N GLY A 143 36.00 16.82 -47.71
CA GLY A 143 36.46 18.19 -47.82
C GLY A 143 35.96 19.07 -46.72
N ALA A 144 35.76 18.50 -45.53
CA ALA A 144 35.11 19.22 -44.47
C ALA A 144 36.12 19.86 -43.55
N VAL A 145 35.63 20.66 -42.62
CA VAL A 145 36.46 21.27 -41.59
C VAL A 145 35.93 20.75 -40.29
N LEU A 146 36.80 20.07 -39.55
CA LEU A 146 36.39 19.34 -38.37
C LEU A 146 37.09 19.83 -37.12
N VAL A 147 36.32 20.14 -36.07
CA VAL A 147 36.90 20.58 -34.82
C VAL A 147 36.61 19.61 -33.69
N SER A 148 37.58 19.44 -32.80
CA SER A 148 37.36 18.67 -31.57
C SER A 148 38.07 19.28 -30.36
N MET A 149 37.34 19.51 -29.28
CA MET A 149 37.94 20.13 -28.11
C MET A 149 38.03 19.14 -26.97
N ASN A 150 39.00 19.38 -26.08
CA ASN A 150 39.04 18.72 -24.80
C ASN A 150 38.13 19.41 -23.81
N TYR A 151 37.46 18.67 -22.95
CA TYR A 151 36.77 19.32 -21.86
C TYR A 151 37.10 18.58 -20.59
N ARG A 152 37.16 19.31 -19.48
CA ARG A 152 37.39 18.67 -18.19
C ARG A 152 36.35 17.58 -17.88
N VAL A 153 36.85 16.38 -17.61
CA VAL A 153 36.01 15.29 -17.20
C VAL A 153 36.22 15.06 -15.71
N GLY A 154 35.47 14.11 -15.14
CA GLY A 154 35.69 13.69 -13.76
C GLY A 154 35.35 14.74 -12.72
N THR A 155 36.07 14.75 -11.60
CA THR A 155 35.81 15.74 -10.56
C THR A 155 36.17 17.13 -11.04
N PHE A 156 37.25 17.23 -11.81
CA PHE A 156 37.73 18.50 -12.29
C PHE A 156 36.72 19.14 -13.20
N GLY A 157 36.08 18.32 -14.02
CA GLY A 157 35.02 18.82 -14.86
C GLY A 157 33.67 19.02 -14.19
N PHE A 158 33.24 18.00 -13.47
CA PHE A 158 31.89 18.01 -12.89
C PHE A 158 31.64 18.10 -11.39
N LEU A 159 32.66 18.18 -10.56
CA LEU A 159 32.41 18.25 -9.12
C LEU A 159 31.70 19.56 -8.88
N ALA A 160 30.62 19.53 -8.10
CA ALA A 160 29.80 20.72 -7.96
C ALA A 160 29.27 20.84 -6.56
N LEU A 161 29.33 22.06 -6.03
CA LEU A 161 28.69 22.42 -4.78
C LEU A 161 27.77 23.55 -5.13
N PRO A 162 26.60 23.22 -5.68
CA PRO A 162 25.70 24.12 -6.42
C PRO A 162 25.33 25.37 -5.65
N GLY A 163 25.47 26.51 -6.32
CA GLY A 163 25.21 27.78 -5.66
C GLY A 163 26.42 28.39 -4.99
N SER A 164 27.60 27.82 -5.24
CA SER A 164 28.85 28.38 -4.74
C SER A 164 29.67 28.94 -5.88
N ARG A 165 30.41 30.01 -5.61
CA ARG A 165 31.24 30.62 -6.64
C ARG A 165 32.42 29.71 -6.92
N GLU A 166 32.79 28.89 -5.94
CA GLU A 166 34.04 28.15 -6.00
C GLU A 166 34.01 26.85 -6.83
N ALA A 167 32.86 26.17 -6.80
CA ALA A 167 32.70 24.92 -7.54
C ALA A 167 31.27 24.87 -8.10
N PRO A 168 31.03 25.71 -9.09
CA PRO A 168 29.68 26.02 -9.54
C PRO A 168 29.03 24.86 -10.27
N GLY A 169 29.84 23.97 -10.87
CA GLY A 169 29.32 22.87 -11.65
C GLY A 169 29.12 23.14 -13.13
N ASN A 170 29.19 22.07 -13.92
CA ASN A 170 29.19 22.10 -15.38
C ASN A 170 30.34 22.87 -16.02
N VAL A 171 31.42 23.04 -15.27
CA VAL A 171 32.54 23.77 -15.83
C VAL A 171 33.05 23.04 -17.08
N GLY A 172 32.90 21.71 -17.14
CA GLY A 172 33.26 20.97 -18.33
C GLY A 172 32.42 21.34 -19.57
N LEU A 173 31.11 21.45 -19.35
CA LEU A 173 30.18 21.85 -20.39
C LEU A 173 30.51 23.28 -20.83
N LEU A 174 31.03 24.06 -19.88
CA LEU A 174 31.44 25.41 -20.17
C LEU A 174 32.70 25.42 -21.05
N ASP A 175 33.60 24.46 -20.81
CA ASP A 175 34.80 24.32 -21.61
C ASP A 175 34.37 24.13 -23.03
N GLN A 176 33.45 23.16 -23.20
CA GLN A 176 32.85 22.89 -24.49
C GLN A 176 32.32 24.17 -25.13
N ARG A 177 31.43 24.87 -24.43
CA ARG A 177 30.84 26.09 -24.98
C ARG A 177 31.90 27.10 -25.39
N LEU A 178 32.93 27.23 -24.57
CA LEU A 178 34.01 28.16 -24.82
C LEU A 178 34.64 27.84 -26.17
N ALA A 179 34.97 26.57 -26.37
CA ALA A 179 35.50 26.12 -27.64
C ALA A 179 34.51 26.35 -28.81
N LEU A 180 33.23 26.30 -28.51
CA LEU A 180 32.21 26.64 -29.50
C LEU A 180 32.33 28.09 -29.92
N GLN A 181 32.44 28.98 -28.93
CA GLN A 181 32.70 30.40 -29.19
C GLN A 181 33.96 30.53 -30.01
N TRP A 182 35.00 29.81 -29.62
CA TRP A 182 36.28 29.85 -30.30
C TRP A 182 36.10 29.56 -31.78
N VAL A 183 35.32 28.53 -32.09
CA VAL A 183 35.01 28.22 -33.48
C VAL A 183 34.30 29.41 -34.12
N GLN A 184 33.32 29.99 -33.44
CA GLN A 184 32.66 31.18 -33.99
C GLN A 184 33.66 32.29 -34.38
N GLU A 185 34.49 32.70 -33.41
CA GLU A 185 35.47 33.77 -33.62
C GLU A 185 36.54 33.48 -34.66
N ASN A 186 37.20 32.33 -34.57
CA ASN A 186 38.30 32.00 -35.47
C ASN A 186 38.14 31.00 -36.62
N ILE A 187 37.00 30.35 -36.83
CA ILE A 187 37.07 29.20 -37.75
C ILE A 187 37.24 29.62 -39.21
N ALA A 188 36.78 30.82 -39.54
CA ALA A 188 36.86 31.26 -40.92
C ALA A 188 38.32 31.44 -41.30
N ALA A 189 39.16 31.75 -40.33
CA ALA A 189 40.58 31.86 -40.59
C ALA A 189 41.12 30.56 -41.17
N PHE A 190 40.52 29.44 -40.80
CA PHE A 190 40.95 28.14 -41.32
C PHE A 190 40.18 27.69 -42.57
N GLY A 191 39.25 28.52 -43.06
CA GLY A 191 38.43 28.13 -44.19
C GLY A 191 37.04 27.64 -43.81
N GLY A 192 36.72 27.75 -42.52
CA GLY A 192 35.45 27.31 -42.01
C GLY A 192 34.35 28.32 -42.31
N ASP A 193 33.13 28.00 -41.93
CA ASP A 193 31.97 28.86 -42.15
C ASP A 193 31.17 29.04 -40.87
N PRO A 194 31.42 30.11 -40.11
CA PRO A 194 30.69 30.24 -38.85
C PRO A 194 29.18 30.19 -39.05
N MET A 195 28.72 30.51 -40.24
CA MET A 195 27.30 30.46 -40.51
C MET A 195 26.75 29.02 -40.55
N SER A 196 27.60 28.03 -40.69
CA SER A 196 27.09 26.66 -40.60
C SER A 196 27.93 25.78 -39.66
N VAL A 197 27.35 25.42 -38.54
CA VAL A 197 28.08 24.65 -37.54
C VAL A 197 27.21 23.49 -37.08
N THR A 198 27.70 22.28 -37.26
CA THR A 198 27.01 21.13 -36.77
C THR A 198 27.80 20.55 -35.60
N LEU A 199 27.15 20.48 -34.43
CA LEU A 199 27.74 19.77 -33.29
C LEU A 199 27.43 18.29 -33.45
N PHE A 200 28.42 17.41 -33.30
CA PHE A 200 28.10 15.97 -33.25
C PHE A 200 28.92 15.22 -32.23
N GLY A 201 28.24 14.34 -31.49
CA GLY A 201 28.84 13.65 -30.35
C GLY A 201 28.27 12.28 -30.10
N GLU A 202 28.95 11.51 -29.27
CA GLU A 202 28.52 10.14 -29.00
C GLU A 202 28.54 9.82 -27.50
N SER A 203 27.54 9.07 -27.04
CA SER A 203 27.40 8.73 -25.61
C SER A 203 27.24 9.97 -24.70
N ALA A 204 28.13 10.10 -23.72
CA ALA A 204 28.17 11.28 -22.87
C ALA A 204 28.30 12.50 -23.77
N GLY A 205 29.09 12.36 -24.83
CA GLY A 205 29.29 13.44 -25.77
C GLY A 205 28.01 13.85 -26.47
N ALA A 206 27.23 12.87 -26.93
CA ALA A 206 25.94 13.16 -27.52
C ALA A 206 25.04 13.88 -26.51
N ALA A 207 25.14 13.46 -25.25
CA ALA A 207 24.38 14.09 -24.17
C ALA A 207 24.82 15.53 -24.04
N SER A 208 26.11 15.77 -24.23
CA SER A 208 26.63 17.11 -24.15
C SER A 208 25.99 17.94 -25.24
N VAL A 209 25.96 17.39 -26.45
CA VAL A 209 25.36 18.07 -27.59
C VAL A 209 23.94 18.48 -27.24
N GLY A 210 23.17 17.52 -26.74
CA GLY A 210 21.81 17.80 -26.35
C GLY A 210 21.74 18.94 -25.34
N MET A 211 22.61 18.90 -24.34
CA MET A 211 22.66 19.94 -23.33
C MET A 211 22.89 21.34 -23.93
N HIS A 212 23.75 21.43 -24.95
CA HIS A 212 23.92 22.69 -25.67
C HIS A 212 22.68 23.09 -26.44
N ILE A 213 21.92 22.11 -26.93
CA ILE A 213 20.66 22.44 -27.58
C ILE A 213 19.76 23.10 -26.56
N LEU A 214 19.74 22.56 -25.35
CA LEU A 214 18.81 22.99 -24.32
C LEU A 214 19.21 24.25 -23.54
N SER A 215 20.46 24.70 -23.70
CA SER A 215 20.96 25.90 -23.00
C SER A 215 21.10 27.08 -23.95
N LEU A 216 20.37 28.14 -23.66
CA LEU A 216 20.25 29.29 -24.55
C LEU A 216 21.58 29.94 -25.04
N PRO A 217 22.58 30.08 -24.15
CA PRO A 217 23.84 30.65 -24.62
C PRO A 217 24.58 29.80 -25.63
N SER A 218 24.34 28.49 -25.59
CA SER A 218 24.96 27.60 -26.56
C SER A 218 24.23 27.61 -27.92
N ARG A 219 22.93 27.89 -27.91
CA ARG A 219 22.14 27.87 -29.13
C ARG A 219 22.62 28.85 -30.23
N SER A 220 23.24 29.96 -29.83
CA SER A 220 23.67 30.99 -30.76
C SER A 220 24.95 30.61 -31.50
N LEU A 221 25.59 29.54 -31.04
CA LEU A 221 26.87 29.10 -31.60
C LEU A 221 26.85 28.01 -32.70
N PHE A 222 25.72 27.34 -32.89
CA PHE A 222 25.69 26.25 -33.83
C PHE A 222 24.30 26.14 -34.43
N HIS A 223 24.22 25.59 -35.62
CA HIS A 223 22.95 25.48 -36.30
C HIS A 223 22.29 24.10 -36.36
N ARG A 224 22.99 23.05 -35.97
CA ARG A 224 22.49 21.70 -36.25
C ARG A 224 23.08 20.68 -35.31
N ALA A 225 22.36 19.61 -35.03
CA ALA A 225 22.92 18.69 -34.05
C ALA A 225 22.87 17.22 -34.45
N VAL A 226 23.89 16.45 -34.05
CA VAL A 226 23.86 14.99 -34.18
C VAL A 226 24.17 14.33 -32.85
N LEU A 227 23.16 13.65 -32.31
CA LEU A 227 23.25 12.87 -31.10
C LEU A 227 23.33 11.36 -31.42
N GLN A 228 24.51 10.80 -31.18
CA GLN A 228 24.74 9.39 -31.47
C GLN A 228 24.80 8.61 -30.16
N SER A 229 23.75 7.84 -29.91
CA SER A 229 23.71 6.90 -28.77
C SER A 229 23.84 7.55 -27.41
N GLY A 230 23.19 8.70 -27.24
CA GLY A 230 23.14 9.37 -25.96
C GLY A 230 22.21 10.56 -26.05
N THR A 231 21.70 11.02 -24.91
CA THR A 231 20.69 12.09 -24.86
C THR A 231 20.87 12.90 -23.56
N PRO A 232 20.40 14.16 -23.53
CA PRO A 232 20.45 14.87 -22.24
C PRO A 232 19.40 14.39 -21.23
N ASN A 233 18.27 13.94 -21.72
CA ASN A 233 17.28 13.35 -20.84
C ASN A 233 17.74 11.94 -20.55
N GLY A 234 17.00 11.21 -19.74
CA GLY A 234 17.44 9.87 -19.40
C GLY A 234 18.25 9.81 -18.13
N PRO A 235 18.38 8.59 -17.57
CA PRO A 235 18.83 8.30 -16.20
C PRO A 235 20.28 8.70 -15.86
N TRP A 236 21.19 8.54 -16.79
CA TRP A 236 22.60 8.68 -16.46
C TRP A 236 23.27 10.06 -16.63
N ALA A 237 22.66 10.96 -17.41
CA ALA A 237 23.43 12.13 -17.85
C ALA A 237 23.33 13.40 -16.99
N THR A 238 22.44 13.41 -16.00
CA THR A 238 22.27 14.58 -15.15
C THR A 238 22.10 14.16 -13.71
N VAL A 239 22.32 15.09 -12.79
CA VAL A 239 22.06 14.83 -11.38
C VAL A 239 21.34 15.99 -10.69
N SER A 240 20.55 15.61 -9.69
CA SER A 240 19.95 16.53 -8.74
C SER A 240 21.04 17.43 -8.17
N ALA A 241 20.71 18.68 -7.93
CA ALA A 241 21.70 19.59 -7.37
C ALA A 241 22.14 19.07 -5.99
N GLY A 242 21.15 18.61 -5.23
CA GLY A 242 21.40 18.02 -3.94
C GLY A 242 22.23 16.75 -4.02
N GLU A 243 21.96 15.91 -5.01
CA GLU A 243 22.77 14.71 -5.19
C GLU A 243 24.22 15.07 -5.46
N ALA A 244 24.45 15.90 -6.48
CA ALA A 244 25.79 16.38 -6.81
C ALA A 244 26.50 16.89 -5.57
N ARG A 245 25.78 17.66 -4.74
CA ARG A 245 26.34 18.22 -3.50
C ARG A 245 26.75 17.15 -2.50
N ARG A 246 25.85 16.20 -2.34
CA ARG A 246 26.07 15.02 -1.54
C ARG A 246 27.37 14.33 -1.96
N ARG A 247 27.50 14.06 -3.27
CA ARG A 247 28.63 13.31 -3.80
C ARG A 247 29.93 14.10 -3.59
N ALA A 248 29.82 15.44 -3.69
CA ALA A 248 30.98 16.30 -3.58
C ALA A 248 31.51 16.28 -2.19
N THR A 249 30.64 16.54 -1.21
CA THR A 249 31.09 16.62 0.17
C THR A 249 31.53 15.26 0.67
N LEU A 250 30.94 14.20 0.11
CA LEU A 250 31.40 12.84 0.40
C LEU A 250 32.81 12.57 -0.14
N LEU A 251 33.07 12.92 -1.40
CA LEU A 251 34.40 12.73 -1.95
C LEU A 251 35.40 13.55 -1.17
N ALA A 252 35.00 14.76 -0.82
CA ALA A 252 35.76 15.62 0.08
C ALA A 252 36.16 14.87 1.35
N ARG A 253 35.16 14.28 2.03
CA ARG A 253 35.43 13.46 3.21
C ARG A 253 36.43 12.35 2.91
N LEU A 254 36.27 11.70 1.76
CA LEU A 254 37.11 10.55 1.39
C LEU A 254 38.57 10.87 1.20
N VAL A 255 38.87 12.05 0.67
CA VAL A 255 40.25 12.45 0.40
C VAL A 255 40.83 13.13 1.62
N GLY A 256 40.08 13.11 2.72
CA GLY A 256 40.57 13.64 3.98
C GLY A 256 40.46 15.13 3.97
N CYS A 257 39.38 15.63 3.39
CA CYS A 257 39.19 17.05 3.28
C CYS A 257 37.88 17.47 3.91
N PRO A 258 37.68 17.13 5.20
CA PRO A 258 36.84 18.12 5.86
C PRO A 258 37.62 19.44 6.12
N PRO A 259 38.87 19.40 6.65
CA PRO A 259 39.65 18.33 7.34
C PRO A 259 39.25 18.06 8.80
N GLY A 260 39.20 16.79 9.20
CA GLY A 260 39.02 16.41 10.61
C GLY A 260 37.62 16.19 11.18
N GLY A 261 36.58 16.20 10.34
CA GLY A 261 35.19 16.11 10.77
C GLY A 261 34.33 17.37 10.61
N ALA A 262 34.93 18.41 10.07
CA ALA A 262 34.28 19.67 9.68
C ALA A 262 33.70 19.59 8.24
N GLY A 263 33.53 20.73 7.57
CA GLY A 263 32.97 20.77 6.24
C GLY A 263 31.64 21.48 5.96
N GLY A 264 31.20 22.32 6.90
CA GLY A 264 30.08 23.22 6.67
C GLY A 264 30.30 24.35 5.66
N ASN A 265 31.38 25.11 5.83
CA ASN A 265 31.72 26.20 4.90
C ASN A 265 32.16 25.65 3.54
N ASP A 266 31.46 26.06 2.48
CA ASP A 266 31.83 25.64 1.12
C ASP A 266 33.24 26.06 0.72
N THR A 267 33.44 27.38 0.54
CA THR A 267 34.70 27.94 0.04
C THR A 267 35.90 27.30 0.70
N GLU A 268 35.77 27.10 2.01
CA GLU A 268 36.77 26.45 2.84
C GLU A 268 37.03 24.99 2.41
N LEU A 269 35.94 24.29 2.07
CA LEU A 269 36.01 22.87 1.67
C LEU A 269 36.59 22.68 0.27
N ILE A 270 36.13 23.49 -0.67
CA ILE A 270 36.70 23.44 -2.00
C ILE A 270 38.16 23.84 -1.90
N ALA A 271 38.42 24.94 -1.22
CA ALA A 271 39.80 25.40 -1.10
C ALA A 271 40.71 24.32 -0.48
N CYS A 272 40.19 23.51 0.44
CA CYS A 272 40.99 22.35 0.87
C CYS A 272 41.15 21.32 -0.27
N LEU A 273 40.03 20.95 -0.90
CA LEU A 273 40.05 19.99 -2.02
C LEU A 273 41.06 20.39 -3.09
N ARG A 274 41.22 21.69 -3.27
CA ARG A 274 42.08 22.21 -4.33
C ARG A 274 43.53 21.96 -4.02
N THR A 275 43.83 21.61 -2.78
CA THR A 275 45.19 21.26 -2.40
C THR A 275 45.55 19.81 -2.75
N ARG A 276 44.62 18.87 -2.61
CA ARG A 276 44.94 17.47 -2.90
C ARG A 276 45.39 17.30 -4.36
N PRO A 277 46.42 16.46 -4.59
CA PRO A 277 46.96 16.13 -5.92
C PRO A 277 45.89 15.51 -6.80
N ALA A 278 45.88 15.86 -8.09
CA ALA A 278 44.79 15.46 -8.98
C ALA A 278 44.49 13.96 -8.92
N GLN A 279 45.54 13.17 -9.01
CA GLN A 279 45.37 11.73 -9.01
C GLN A 279 44.64 11.15 -7.78
N ASP A 280 44.67 11.83 -6.62
CA ASP A 280 43.94 11.36 -5.43
C ASP A 280 42.43 11.47 -5.63
N LEU A 281 42.02 12.61 -6.20
CA LEU A 281 40.66 12.84 -6.59
C LEU A 281 40.22 11.79 -7.59
N VAL A 282 41.09 11.51 -8.56
CA VAL A 282 40.76 10.50 -9.56
C VAL A 282 40.59 9.12 -8.93
N ASP A 283 41.47 8.78 -7.99
CA ASP A 283 41.41 7.51 -7.27
C ASP A 283 40.13 7.37 -6.47
N HIS A 284 39.58 8.49 -6.00
CA HIS A 284 38.36 8.37 -5.20
C HIS A 284 37.01 8.61 -5.87
N GLU A 285 36.98 9.00 -7.12
CA GLU A 285 35.73 9.49 -7.67
C GLU A 285 34.64 8.43 -7.78
N TRP A 286 35.04 7.18 -7.72
CA TRP A 286 34.10 6.09 -7.88
C TRP A 286 33.38 5.65 -6.60
N HIS A 287 33.92 6.05 -5.45
CA HIS A 287 33.44 5.59 -4.14
C HIS A 287 32.22 6.36 -3.70
N VAL A 288 31.95 7.47 -4.35
CA VAL A 288 30.83 8.29 -3.96
C VAL A 288 29.45 7.81 -4.45
N LEU A 289 29.40 6.93 -5.45
CA LEU A 289 28.15 6.37 -6.00
C LEU A 289 27.24 5.71 -4.97
N PRO A 290 25.92 5.96 -5.07
CA PRO A 290 24.87 5.49 -4.16
C PRO A 290 24.70 4.00 -4.14
N GLN A 291 24.64 3.36 -5.31
CA GLN A 291 24.35 1.93 -5.43
C GLN A 291 25.32 1.11 -6.28
N GLU A 292 25.26 -0.19 -6.08
CA GLU A 292 25.91 -1.15 -6.94
C GLU A 292 25.11 -0.99 -8.22
N SER A 293 25.79 -0.58 -9.28
CA SER A 293 25.11 -0.18 -10.50
C SER A 293 26.06 -0.16 -11.68
N ILE A 294 25.49 -0.18 -12.89
CA ILE A 294 26.22 0.11 -14.11
C ILE A 294 25.54 1.20 -14.92
N PHE A 295 26.34 1.85 -15.75
CA PHE A 295 25.87 2.92 -16.64
C PHE A 295 25.35 4.06 -15.77
N ARG A 296 26.01 4.23 -14.63
CA ARG A 296 25.80 5.35 -13.73
C ARG A 296 27.16 5.94 -13.39
N PHE A 297 27.30 7.25 -13.60
CA PHE A 297 28.58 7.92 -13.41
C PHE A 297 28.55 8.94 -12.26
N SER A 298 29.70 9.11 -11.59
CA SER A 298 29.77 9.86 -10.34
C SER A 298 29.59 11.36 -10.49
N PHE A 299 30.42 11.98 -11.32
CA PHE A 299 30.30 13.40 -11.57
C PHE A 299 29.88 13.75 -13.00
N VAL A 300 28.66 14.26 -13.13
CA VAL A 300 28.08 14.54 -14.41
C VAL A 300 27.45 15.93 -14.34
N PRO A 301 26.90 16.45 -15.48
CA PRO A 301 26.24 17.76 -15.45
C PRO A 301 25.20 17.79 -14.37
N VAL A 302 25.17 18.89 -13.62
CA VAL A 302 24.23 19.07 -12.54
C VAL A 302 23.10 19.97 -13.02
N VAL A 303 21.89 19.78 -12.51
CA VAL A 303 20.83 20.71 -12.88
C VAL A 303 20.83 21.85 -11.85
N ASP A 304 21.44 22.96 -12.28
CA ASP A 304 21.78 24.08 -11.41
C ASP A 304 20.82 25.27 -11.53
N GLY A 305 19.82 25.14 -12.39
CA GLY A 305 18.99 26.27 -12.75
C GLY A 305 19.75 27.35 -13.49
N ASP A 306 20.97 27.05 -13.92
CA ASP A 306 21.81 28.03 -14.61
C ASP A 306 22.13 27.57 -16.04
N PHE A 307 23.03 26.60 -16.18
CA PHE A 307 23.35 26.06 -17.51
C PHE A 307 22.13 25.31 -18.00
N LEU A 308 21.69 24.36 -17.19
CA LEU A 308 20.41 23.73 -17.39
C LEU A 308 19.48 24.50 -16.50
N SER A 309 18.52 25.18 -17.11
CA SER A 309 17.62 26.05 -16.36
C SER A 309 16.57 25.24 -15.62
N ASP A 310 16.08 24.18 -16.27
CA ASP A 310 15.29 23.15 -15.62
C ASP A 310 15.87 21.79 -15.98
N THR A 311 15.23 20.70 -15.58
CA THR A 311 15.64 19.38 -16.02
C THR A 311 15.43 19.23 -17.53
N PRO A 312 16.33 18.49 -18.20
CA PRO A 312 16.24 18.26 -19.64
C PRO A 312 14.87 17.71 -20.02
N GLU A 313 14.29 16.88 -19.16
CA GLU A 313 12.91 16.44 -19.34
C GLU A 313 12.01 17.64 -19.62
N ALA A 314 11.91 18.51 -18.62
CA ALA A 314 11.08 19.70 -18.69
C ALA A 314 11.42 20.50 -19.95
N LEU A 315 12.70 20.63 -20.20
CA LEU A 315 13.18 21.54 -21.22
C LEU A 315 12.82 21.09 -22.60
N ILE A 316 13.01 19.80 -22.90
CA ILE A 316 12.65 19.26 -24.20
C ILE A 316 11.16 19.13 -24.29
N ASN A 317 10.49 19.10 -23.15
CA ASN A 317 9.05 19.00 -23.21
C ASN A 317 8.41 20.31 -23.65
N THR A 318 8.93 21.40 -23.12
CA THR A 318 8.35 22.71 -23.34
C THR A 318 9.00 23.62 -24.38
N GLY A 319 10.08 23.17 -25.03
CA GLY A 319 10.90 24.06 -25.84
C GLY A 319 10.32 24.50 -27.18
N ASP A 320 11.00 25.40 -27.89
CA ASP A 320 10.64 25.67 -29.29
C ASP A 320 11.78 25.37 -30.24
N PHE A 321 11.61 24.30 -31.01
CA PHE A 321 12.67 23.75 -31.84
C PHE A 321 12.71 24.01 -33.37
N GLN A 322 11.86 24.91 -33.88
CA GLN A 322 11.80 25.21 -35.33
C GLN A 322 13.12 25.68 -36.00
N ASP A 323 13.99 26.28 -35.19
CA ASP A 323 15.30 26.74 -35.66
C ASP A 323 16.09 25.56 -36.21
N LEU A 324 15.72 24.36 -35.74
CA LEU A 324 16.66 23.28 -35.53
C LEU A 324 16.41 21.98 -36.31
N GLN A 325 17.50 21.38 -36.78
CA GLN A 325 17.50 20.01 -37.32
C GLN A 325 18.50 19.11 -36.57
N VAL A 326 18.01 17.95 -36.12
CA VAL A 326 18.85 16.98 -35.44
C VAL A 326 18.85 15.63 -36.14
N LEU A 327 19.98 14.96 -36.10
CA LEU A 327 20.12 13.58 -36.53
C LEU A 327 20.48 12.74 -35.27
N VAL A 328 19.60 11.80 -34.91
CA VAL A 328 19.75 10.99 -33.70
C VAL A 328 19.63 9.50 -33.97
N GLY A 329 20.44 8.71 -33.29
CA GLY A 329 20.34 7.28 -33.51
C GLY A 329 21.03 6.42 -32.48
N VAL A 330 20.88 5.11 -32.59
CA VAL A 330 21.48 4.19 -31.64
C VAL A 330 22.18 3.07 -32.40
N VAL A 331 23.02 2.28 -31.74
CA VAL A 331 23.54 1.08 -32.38
C VAL A 331 22.72 -0.15 -31.98
N LYS A 332 23.03 -1.29 -32.59
CA LYS A 332 22.11 -2.42 -32.53
C LYS A 332 22.04 -3.02 -31.14
N ASP A 333 23.18 -3.20 -30.48
CA ASP A 333 23.14 -3.59 -29.08
C ASP A 333 23.86 -2.59 -28.20
N GLU A 334 23.08 -1.78 -27.48
CA GLU A 334 23.63 -0.70 -26.68
C GLU A 334 24.09 -1.24 -25.35
N GLY A 335 23.36 -2.22 -24.84
CA GLY A 335 23.56 -2.68 -23.48
C GLY A 335 24.84 -3.46 -23.26
N SER A 336 25.15 -4.35 -24.21
CA SER A 336 26.17 -5.39 -24.01
C SER A 336 27.52 -4.92 -23.46
N TYR A 337 27.96 -3.73 -23.86
CA TYR A 337 29.24 -3.22 -23.39
C TYR A 337 29.27 -3.10 -21.85
N PHE A 338 28.23 -2.50 -21.26
CA PHE A 338 28.27 -2.15 -19.84
C PHE A 338 28.02 -3.36 -18.97
N LEU A 339 27.63 -4.46 -19.58
CA LEU A 339 27.32 -5.67 -18.83
C LEU A 339 28.56 -6.25 -18.17
N VAL A 340 29.65 -6.35 -18.92
CA VAL A 340 30.90 -6.91 -18.42
C VAL A 340 31.49 -6.03 -17.30
N TYR A 341 30.88 -4.87 -17.15
CA TYR A 341 31.25 -3.84 -16.20
C TYR A 341 30.60 -3.99 -14.81
N GLY A 342 30.13 -5.20 -14.51
CA GLY A 342 29.52 -5.51 -13.24
C GLY A 342 28.12 -6.04 -13.04
N VAL A 343 27.47 -6.49 -14.11
CA VAL A 343 26.45 -7.53 -13.96
C VAL A 343 27.14 -8.92 -14.00
N PRO A 344 26.96 -9.71 -12.94
CA PRO A 344 27.55 -11.05 -12.85
C PRO A 344 27.02 -12.03 -13.89
N GLY A 345 27.89 -12.92 -14.35
CA GLY A 345 27.53 -13.87 -15.39
C GLY A 345 28.06 -13.41 -16.73
N PHE A 346 28.42 -12.13 -16.81
CA PHE A 346 28.79 -11.55 -18.09
C PHE A 346 30.29 -11.28 -18.26
N SER A 347 30.93 -12.05 -19.16
CA SER A 347 32.34 -11.86 -19.53
C SER A 347 32.48 -11.67 -21.05
N LYS A 348 33.63 -11.16 -21.48
CA LYS A 348 33.91 -11.09 -22.91
C LYS A 348 34.54 -12.40 -23.40
N ASP A 349 34.96 -13.22 -22.44
CA ASP A 349 35.81 -14.38 -22.71
C ASP A 349 35.02 -15.66 -22.93
N ASN A 350 33.71 -15.58 -22.74
CA ASN A 350 32.81 -16.72 -22.92
C ASN A 350 31.41 -16.26 -23.33
N GLU A 351 30.60 -17.20 -23.80
CA GLU A 351 29.31 -16.91 -24.41
C GLU A 351 28.33 -16.19 -23.48
N SER A 352 28.66 -16.16 -22.20
CA SER A 352 27.85 -15.46 -21.22
C SER A 352 26.40 -15.89 -21.26
N LEU A 353 26.14 -17.15 -20.92
CA LEU A 353 24.78 -17.60 -20.68
C LEU A 353 24.58 -17.47 -19.19
N ILE A 354 23.38 -17.08 -18.76
CA ILE A 354 23.17 -16.79 -17.35
C ILE A 354 21.89 -17.42 -16.78
N SER A 355 21.89 -17.69 -15.48
CA SER A 355 20.72 -18.28 -14.86
C SER A 355 19.64 -17.23 -14.71
N ARG A 356 18.48 -17.67 -14.22
CA ARG A 356 17.39 -16.73 -14.04
C ARG A 356 17.74 -15.82 -12.90
N ALA A 357 18.17 -16.41 -11.79
CA ALA A 357 18.54 -15.64 -10.60
C ALA A 357 19.54 -14.55 -10.95
N GLN A 358 20.43 -14.90 -11.88
CA GLN A 358 21.43 -13.98 -12.41
C GLN A 358 20.80 -12.87 -13.22
N PHE A 359 19.77 -13.20 -13.99
CA PHE A 359 19.04 -12.18 -14.73
C PHE A 359 18.32 -11.20 -13.79
N LEU A 360 17.65 -11.72 -12.78
CA LEU A 360 16.94 -10.89 -11.81
C LEU A 360 17.91 -9.94 -11.11
N ALA A 361 19.02 -10.52 -10.64
CA ALA A 361 20.06 -9.78 -9.93
C ALA A 361 20.56 -8.69 -10.83
N GLY A 362 20.74 -9.06 -12.09
CA GLY A 362 21.18 -8.12 -13.11
C GLY A 362 20.24 -6.95 -13.21
N VAL A 363 18.96 -7.22 -13.40
CA VAL A 363 17.95 -6.16 -13.45
C VAL A 363 18.03 -5.22 -12.24
N ARG A 364 18.33 -5.75 -11.06
CA ARG A 364 18.54 -4.87 -9.91
C ARG A 364 19.75 -3.97 -10.13
N ILE A 365 20.79 -4.51 -10.75
CA ILE A 365 22.03 -3.76 -10.92
C ILE A 365 21.91 -2.67 -11.98
N GLY A 366 21.34 -3.04 -13.12
CA GLY A 366 21.17 -2.15 -14.26
C GLY A 366 20.08 -1.10 -14.09
N VAL A 367 19.01 -1.41 -13.38
CA VAL A 367 17.96 -0.42 -13.08
C VAL A 367 18.00 -0.25 -11.56
N PRO A 368 19.04 0.45 -11.08
CA PRO A 368 19.44 0.49 -9.65
C PRO A 368 18.53 1.30 -8.75
N GLN A 369 17.81 2.26 -9.35
CA GLN A 369 16.90 3.14 -8.63
C GLN A 369 15.49 2.59 -8.68
N ALA A 370 15.33 1.41 -9.27
CA ALA A 370 14.02 0.79 -9.38
C ALA A 370 13.74 -0.04 -8.15
N SER A 371 12.58 0.20 -7.54
CA SER A 371 12.13 -0.58 -6.39
C SER A 371 11.70 -1.95 -6.85
N ASP A 372 11.31 -2.81 -5.93
CA ASP A 372 10.65 -4.04 -6.31
C ASP A 372 9.35 -3.63 -6.96
N LEU A 373 8.86 -4.45 -7.87
CA LEU A 373 7.64 -4.16 -8.64
C LEU A 373 7.90 -3.06 -9.67
N ALA A 374 8.90 -2.24 -9.44
CA ALA A 374 9.37 -1.40 -10.51
C ALA A 374 10.18 -2.43 -11.27
N ALA A 375 10.97 -3.19 -10.53
CA ALA A 375 11.86 -4.18 -11.11
C ALA A 375 11.09 -5.41 -11.50
N GLU A 376 10.06 -5.76 -10.74
CA GLU A 376 9.22 -6.88 -11.12
C GLU A 376 8.47 -6.53 -12.40
N ALA A 377 8.23 -5.23 -12.61
CA ALA A 377 7.63 -4.78 -13.86
C ALA A 377 8.60 -5.01 -15.00
N VAL A 378 9.86 -4.67 -14.77
CA VAL A 378 10.90 -4.86 -15.77
C VAL A 378 11.01 -6.34 -16.12
N VAL A 379 11.03 -7.20 -15.11
CA VAL A 379 11.18 -8.63 -15.32
C VAL A 379 9.99 -9.21 -16.07
N LEU A 380 8.79 -8.83 -15.66
CA LEU A 380 7.58 -9.22 -16.37
C LEU A 380 7.66 -8.83 -17.84
N HIS A 381 8.09 -7.61 -18.10
CA HIS A 381 8.15 -7.16 -19.47
C HIS A 381 9.22 -7.91 -20.30
N TYR A 382 10.40 -8.11 -19.72
CA TYR A 382 11.53 -8.68 -20.48
C TYR A 382 11.66 -10.19 -20.50
N THR A 383 10.95 -10.90 -19.63
CA THR A 383 11.00 -12.37 -19.62
C THR A 383 10.22 -12.97 -20.77
N ASP A 384 10.74 -14.05 -21.36
CA ASP A 384 9.94 -14.87 -22.25
C ASP A 384 9.32 -15.94 -21.37
N TRP A 385 7.99 -15.85 -21.20
CA TRP A 385 7.30 -16.63 -20.17
C TRP A 385 6.99 -18.03 -20.64
N LEU A 386 7.17 -18.24 -21.94
CA LEU A 386 7.05 -19.57 -22.50
C LEU A 386 8.32 -20.35 -22.15
N HIS A 387 9.44 -19.63 -22.08
CA HIS A 387 10.74 -20.22 -21.75
C HIS A 387 11.53 -19.25 -20.87
N PRO A 388 11.11 -19.13 -19.59
CA PRO A 388 11.55 -18.14 -18.59
C PRO A 388 12.95 -18.41 -18.08
N GLU A 389 13.38 -19.67 -18.23
CA GLU A 389 14.68 -20.11 -17.77
C GLU A 389 15.74 -20.15 -18.86
N ASP A 390 15.36 -19.79 -20.09
CA ASP A 390 16.28 -19.88 -21.22
C ASP A 390 17.46 -18.94 -21.04
N PRO A 391 18.67 -19.51 -20.93
CA PRO A 391 19.93 -18.81 -20.64
C PRO A 391 20.35 -17.85 -21.74
N THR A 392 20.19 -18.27 -23.00
CA THR A 392 20.45 -17.40 -24.14
C THR A 392 19.48 -16.23 -24.14
N HIS A 393 18.19 -16.54 -24.03
CA HIS A 393 17.18 -15.50 -24.01
C HIS A 393 17.38 -14.56 -22.83
N LEU A 394 17.61 -15.12 -21.65
CA LEU A 394 17.94 -14.34 -20.45
C LEU A 394 19.09 -13.36 -20.68
N ARG A 395 20.20 -13.86 -21.23
CA ARG A 395 21.35 -13.02 -21.55
C ARG A 395 20.97 -11.87 -22.48
N ASP A 396 20.42 -12.22 -23.63
CA ASP A 396 20.04 -11.24 -24.63
C ASP A 396 19.07 -10.21 -24.03
N ALA A 397 18.14 -10.72 -23.23
CA ALA A 397 17.21 -9.90 -22.48
C ALA A 397 17.97 -8.85 -21.70
N MET A 398 18.73 -9.28 -20.70
CA MET A 398 19.46 -8.37 -19.81
C MET A 398 20.21 -7.29 -20.57
N SER A 399 20.90 -7.71 -21.64
CA SER A 399 21.54 -6.74 -22.54
C SER A 399 20.52 -5.70 -22.99
N ALA A 400 19.40 -6.18 -23.53
CA ALA A 400 18.37 -5.27 -24.03
C ALA A 400 17.80 -4.36 -22.94
N VAL A 401 17.77 -4.85 -21.70
CA VAL A 401 17.22 -4.07 -20.61
C VAL A 401 18.12 -2.87 -20.42
N VAL A 402 19.42 -3.13 -20.22
CA VAL A 402 20.35 -2.02 -19.99
C VAL A 402 20.31 -1.04 -21.15
N GLY A 403 20.39 -1.59 -22.36
CA GLY A 403 20.40 -0.78 -23.56
C GLY A 403 19.17 0.10 -23.72
N ASP A 404 18.00 -0.51 -23.60
CA ASP A 404 16.74 0.21 -23.70
C ASP A 404 16.60 1.30 -22.64
N HIS A 405 17.00 0.99 -21.42
CA HIS A 405 16.79 1.94 -20.32
C HIS A 405 17.70 3.14 -20.39
N ASN A 406 18.98 2.95 -20.71
CA ASN A 406 19.88 4.09 -20.76
C ASN A 406 20.04 4.78 -22.12
N VAL A 407 19.66 4.11 -23.19
CA VAL A 407 19.91 4.67 -24.50
C VAL A 407 18.73 4.71 -25.45
N VAL A 408 18.21 3.55 -25.86
CA VAL A 408 17.14 3.56 -26.87
C VAL A 408 15.89 4.33 -26.44
N CYS A 409 15.31 4.02 -25.30
CA CYS A 409 14.10 4.75 -24.91
C CYS A 409 14.24 6.28 -24.65
N PRO A 410 15.36 6.72 -24.05
CA PRO A 410 15.64 8.16 -24.03
C PRO A 410 15.89 8.83 -25.40
N VAL A 411 16.53 8.12 -26.35
CA VAL A 411 16.66 8.63 -27.72
C VAL A 411 15.30 8.75 -28.41
N ALA A 412 14.48 7.74 -28.25
CA ALA A 412 13.13 7.76 -28.77
C ALA A 412 12.33 8.92 -28.17
N GLN A 413 12.52 9.17 -26.88
CA GLN A 413 11.77 10.24 -26.22
C GLN A 413 12.21 11.61 -26.72
N LEU A 414 13.52 11.80 -26.84
CA LEU A 414 14.04 13.07 -27.36
C LEU A 414 13.61 13.30 -28.82
N ALA A 415 13.60 12.24 -29.61
CA ALA A 415 13.18 12.35 -30.99
C ALA A 415 11.73 12.79 -31.02
N GLY A 416 10.87 12.03 -30.34
CA GLY A 416 9.45 12.33 -30.33
C GLY A 416 9.14 13.75 -29.91
N ARG A 417 9.81 14.21 -28.85
CA ARG A 417 9.56 15.55 -28.33
C ARG A 417 10.10 16.67 -29.24
N LEU A 418 11.30 16.49 -29.77
CA LEU A 418 11.90 17.48 -30.67
C LEU A 418 11.07 17.59 -31.93
N ALA A 419 10.53 16.47 -32.38
CA ALA A 419 9.68 16.45 -33.54
C ALA A 419 8.40 17.21 -33.21
N ALA A 420 7.76 16.83 -32.11
CA ALA A 420 6.49 17.44 -31.70
C ALA A 420 6.65 18.94 -31.49
N GLN A 421 7.86 19.33 -31.14
CA GLN A 421 8.15 20.73 -30.89
C GLN A 421 8.55 21.41 -32.21
N GLY A 422 8.38 20.66 -33.29
CA GLY A 422 8.66 21.17 -34.62
C GLY A 422 10.12 21.30 -35.01
N ALA A 423 10.85 20.21 -34.91
CA ALA A 423 12.19 20.16 -35.46
C ALA A 423 12.27 19.09 -36.58
N ARG A 424 13.19 19.29 -37.52
CA ARG A 424 13.44 18.26 -38.52
C ARG A 424 14.32 17.25 -37.83
N VAL A 425 13.84 16.02 -37.74
CA VAL A 425 14.62 15.01 -37.05
C VAL A 425 14.83 13.87 -38.01
N TYR A 426 16.07 13.42 -38.12
CA TYR A 426 16.32 12.15 -38.79
C TYR A 426 16.78 11.12 -37.76
N ALA A 427 16.37 9.87 -37.93
CA ALA A 427 16.68 8.83 -36.95
C ALA A 427 17.32 7.58 -37.56
N TYR A 428 18.26 6.98 -36.84
CA TYR A 428 18.94 5.79 -37.36
C TYR A 428 19.18 4.70 -36.32
N ILE A 429 19.10 3.46 -36.77
CA ILE A 429 19.65 2.36 -35.98
C ILE A 429 20.85 1.85 -36.78
N PHE A 430 22.02 1.81 -36.15
CA PHE A 430 23.25 1.37 -36.81
C PHE A 430 23.47 -0.12 -36.54
N GLU A 431 23.28 -0.94 -37.57
CA GLU A 431 23.27 -2.39 -37.39
C GLU A 431 24.51 -3.17 -37.80
N HIS A 432 25.56 -2.51 -38.27
CA HIS A 432 26.72 -3.25 -38.76
C HIS A 432 27.84 -3.51 -37.74
N ARG A 433 28.14 -4.80 -37.55
CA ARG A 433 29.25 -5.21 -36.69
C ARG A 433 30.57 -5.10 -37.44
N ALA A 434 31.56 -4.43 -36.85
CA ALA A 434 32.85 -4.28 -37.51
C ALA A 434 33.56 -5.62 -37.67
N SER A 435 34.18 -5.80 -38.83
CA SER A 435 34.98 -6.99 -39.07
C SER A 435 36.19 -6.99 -38.15
N THR A 436 36.67 -5.79 -37.79
CA THR A 436 37.87 -5.65 -36.96
C THR A 436 37.55 -5.85 -35.48
N LEU A 437 36.27 -6.13 -35.19
CA LEU A 437 35.79 -6.13 -33.82
C LEU A 437 36.41 -7.21 -32.94
N THR A 438 36.74 -6.82 -31.71
CA THR A 438 37.45 -7.64 -30.73
C THR A 438 36.50 -8.40 -29.80
N TRP A 439 35.64 -7.64 -29.10
CA TRP A 439 34.62 -8.17 -28.19
C TRP A 439 33.87 -9.32 -28.84
N PRO A 440 33.46 -10.32 -28.03
CA PRO A 440 32.92 -11.60 -28.51
C PRO A 440 31.67 -11.42 -29.35
N LEU A 441 31.09 -12.53 -29.79
CA LEU A 441 29.99 -12.45 -30.73
C LEU A 441 28.67 -12.03 -30.08
N TRP A 442 28.45 -12.46 -28.84
CA TRP A 442 27.16 -12.24 -28.18
C TRP A 442 26.87 -10.76 -27.90
N MET A 443 27.91 -9.93 -27.92
CA MET A 443 27.79 -8.51 -27.63
C MET A 443 27.28 -7.69 -28.82
N GLY A 444 27.14 -8.34 -29.97
CA GLY A 444 26.52 -7.74 -31.15
C GLY A 444 27.24 -6.56 -31.77
N VAL A 445 26.54 -5.44 -31.86
CA VAL A 445 27.11 -4.22 -32.38
C VAL A 445 27.10 -3.25 -31.22
N PRO A 446 28.10 -3.38 -30.33
CA PRO A 446 28.11 -2.70 -29.04
C PRO A 446 28.31 -1.19 -29.14
N HIS A 447 28.02 -0.54 -28.03
CA HIS A 447 27.97 0.90 -27.89
C HIS A 447 29.29 1.50 -28.33
N GLY A 448 29.23 2.44 -29.27
CA GLY A 448 30.42 3.16 -29.69
C GLY A 448 31.12 2.71 -30.96
N TYR A 449 30.66 1.61 -31.55
CA TYR A 449 31.37 1.00 -32.66
C TYR A 449 30.90 1.44 -34.04
N GLU A 450 30.00 2.41 -34.09
CA GLU A 450 29.69 3.05 -35.35
C GLU A 450 30.62 4.24 -35.53
N ILE A 451 31.32 4.63 -34.47
CA ILE A 451 32.10 5.86 -34.52
C ILE A 451 33.16 5.78 -35.58
N GLU A 452 33.96 4.71 -35.54
CA GLU A 452 35.05 4.51 -36.48
C GLU A 452 34.57 4.43 -37.93
N PHE A 453 33.32 4.05 -38.12
CA PHE A 453 32.74 4.06 -39.46
C PHE A 453 32.27 5.45 -39.86
N ILE A 454 31.98 6.30 -38.88
CA ILE A 454 31.57 7.67 -39.17
C ILE A 454 32.77 8.51 -39.57
N PHE A 455 33.89 8.30 -38.89
CA PHE A 455 35.10 9.06 -39.17
C PHE A 455 35.85 8.48 -40.35
N GLY A 456 35.33 7.40 -40.92
CA GLY A 456 35.90 6.86 -42.14
C GLY A 456 37.28 6.22 -41.99
N LEU A 457 37.52 5.62 -40.83
CA LEU A 457 38.70 4.82 -40.60
C LEU A 457 38.91 3.63 -41.53
N PRO A 458 37.82 2.97 -42.01
CA PRO A 458 37.96 1.93 -43.04
C PRO A 458 38.58 2.42 -44.34
N LEU A 459 38.61 3.75 -44.55
CA LEU A 459 39.24 4.30 -45.72
C LEU A 459 40.77 4.21 -45.63
N ASP A 460 41.26 3.92 -44.43
CA ASP A 460 42.67 3.60 -44.22
C ASP A 460 42.89 2.12 -44.49
N PRO A 461 43.66 1.82 -45.55
CA PRO A 461 43.96 0.45 -46.00
C PRO A 461 44.74 -0.36 -44.98
N SER A 462 45.67 0.29 -44.29
CA SER A 462 46.50 -0.38 -43.30
C SER A 462 45.72 -0.90 -42.08
N LEU A 463 44.42 -0.63 -42.01
CA LEU A 463 43.65 -1.00 -40.82
C LEU A 463 42.88 -2.32 -40.85
N ASN A 464 42.98 -3.02 -41.98
CA ASN A 464 42.36 -4.35 -42.15
C ASN A 464 40.82 -4.39 -42.20
N TYR A 465 40.17 -3.31 -42.61
CA TYR A 465 38.73 -3.37 -42.88
C TYR A 465 38.50 -4.03 -44.24
N THR A 466 37.29 -4.55 -44.45
CA THR A 466 36.90 -5.09 -45.75
C THR A 466 36.42 -4.00 -46.68
N THR A 467 36.66 -4.19 -47.97
CA THR A 467 36.26 -3.24 -49.00
C THR A 467 34.77 -2.85 -48.94
N GLU A 468 33.92 -3.78 -48.49
CA GLU A 468 32.48 -3.51 -48.33
C GLU A 468 32.29 -2.49 -47.20
N GLU A 469 33.06 -2.68 -46.13
CA GLU A 469 33.05 -1.75 -45.02
C GLU A 469 33.62 -0.40 -45.44
N ARG A 470 34.55 -0.42 -46.37
CA ARG A 470 35.17 0.82 -46.81
C ARG A 470 34.12 1.63 -47.55
N ILE A 471 33.44 0.98 -48.50
CA ILE A 471 32.36 1.64 -49.25
C ILE A 471 31.30 2.16 -48.28
N PHE A 472 30.92 1.29 -47.35
CA PHE A 472 29.90 1.60 -46.36
C PHE A 472 30.27 2.87 -45.60
N ALA A 473 31.52 2.93 -45.15
CA ALA A 473 32.08 4.04 -44.38
C ALA A 473 31.99 5.33 -45.16
N GLN A 474 32.38 5.29 -46.43
CA GLN A 474 32.16 6.41 -47.35
C GLN A 474 30.71 6.89 -47.34
N ARG A 475 29.80 5.93 -47.47
CA ARG A 475 28.37 6.24 -47.51
C ARG A 475 27.89 6.94 -46.24
N LEU A 476 28.35 6.48 -45.08
CA LEU A 476 28.05 7.16 -43.83
C LEU A 476 28.60 8.59 -43.86
N MET A 477 29.89 8.74 -44.19
CA MET A 477 30.51 10.06 -44.26
C MET A 477 29.68 11.02 -45.10
N LYS A 478 29.27 10.56 -46.28
CA LYS A 478 28.36 11.35 -47.11
C LYS A 478 27.04 11.70 -46.43
N TYR A 479 26.45 10.76 -45.68
CA TYR A 479 25.22 11.07 -44.92
C TYR A 479 25.46 12.21 -43.95
N TRP A 480 26.52 12.06 -43.15
CA TRP A 480 26.79 12.98 -42.05
C TRP A 480 27.17 14.36 -42.53
N THR A 481 28.07 14.44 -43.49
CA THR A 481 28.45 15.73 -44.03
C THR A 481 27.31 16.35 -44.86
N ASN A 482 26.46 15.51 -45.43
CA ASN A 482 25.21 16.02 -45.98
C ASN A 482 24.34 16.67 -44.93
N PHE A 483 24.15 16.00 -43.80
CA PHE A 483 23.35 16.59 -42.75
C PHE A 483 23.97 17.89 -42.29
N ALA A 484 25.30 17.87 -42.15
CA ALA A 484 26.07 19.01 -41.71
C ALA A 484 25.83 20.21 -42.60
N ARG A 485 25.94 19.97 -43.91
CA ARG A 485 25.82 21.01 -44.92
C ARG A 485 24.39 21.50 -45.14
N THR A 486 23.48 20.59 -45.45
CA THR A 486 22.10 20.92 -45.80
C THR A 486 21.01 20.72 -44.74
N GLY A 487 21.37 20.17 -43.58
CA GLY A 487 20.36 19.78 -42.61
C GLY A 487 19.59 18.51 -42.96
N ASP A 488 19.97 17.84 -44.04
CA ASP A 488 19.31 16.61 -44.48
C ASP A 488 20.41 15.61 -44.81
N PRO A 489 20.25 14.34 -44.37
CA PRO A 489 21.31 13.36 -44.64
C PRO A 489 21.34 12.97 -46.10
N ASN A 490 20.26 13.25 -46.81
CA ASN A 490 20.07 12.73 -48.16
C ASN A 490 21.00 13.33 -49.19
N ASP A 491 21.36 12.50 -50.18
CA ASP A 491 22.10 12.95 -51.34
C ASP A 491 21.15 13.82 -52.14
N PRO A 492 21.52 15.11 -52.31
CA PRO A 492 20.60 16.15 -52.81
C PRO A 492 20.17 16.01 -54.27
N ARG A 493 21.14 15.77 -55.14
CA ARG A 493 20.88 15.62 -56.57
C ARG A 493 20.09 14.33 -56.75
N ASP A 494 20.67 13.25 -56.26
CA ASP A 494 20.15 11.91 -56.42
C ASP A 494 18.73 11.75 -55.86
N SER A 495 17.94 10.93 -56.52
CA SER A 495 16.75 10.35 -55.91
C SER A 495 16.85 8.81 -56.01
N LYS A 496 17.09 8.16 -54.86
CA LYS A 496 17.33 6.71 -54.80
C LYS A 496 17.62 6.12 -53.41
N SER A 497 17.77 4.80 -53.44
CA SER A 497 18.14 3.87 -52.35
C SER A 497 17.39 3.67 -51.02
N PRO A 498 16.05 3.76 -50.99
CA PRO A 498 15.34 4.97 -51.39
C PRO A 498 15.73 6.03 -50.33
N GLN A 499 15.42 7.30 -50.56
CA GLN A 499 15.89 8.32 -49.63
C GLN A 499 15.36 8.15 -48.18
N TRP A 500 16.07 8.79 -47.25
CA TRP A 500 15.89 8.69 -45.80
C TRP A 500 14.92 9.76 -45.33
N PRO A 501 13.72 9.34 -44.87
CA PRO A 501 12.58 10.14 -44.43
C PRO A 501 12.69 10.68 -43.01
N PRO A 502 12.08 11.83 -42.74
CA PRO A 502 12.16 12.38 -41.38
C PRO A 502 11.36 11.58 -40.37
N TYR A 503 11.93 11.41 -39.18
CA TYR A 503 11.20 10.88 -38.06
C TYR A 503 10.15 11.91 -37.66
N THR A 504 8.91 11.47 -37.59
CA THR A 504 7.80 12.34 -37.23
C THR A 504 7.06 11.66 -36.08
N THR A 505 6.21 12.41 -35.38
CA THR A 505 5.50 11.84 -34.24
C THR A 505 4.46 10.85 -34.72
N ALA A 506 3.75 11.24 -35.78
CA ALA A 506 2.77 10.38 -36.44
C ALA A 506 3.33 9.02 -36.93
N ALA A 507 4.17 9.09 -37.97
CA ALA A 507 4.66 7.90 -38.66
C ALA A 507 5.82 7.19 -37.97
N GLN A 508 6.66 7.97 -37.29
CA GLN A 508 7.92 7.52 -36.66
C GLN A 508 8.79 6.64 -37.54
N GLN A 509 9.32 7.20 -38.61
CA GLN A 509 10.16 6.41 -39.47
C GLN A 509 11.62 6.70 -39.17
N TYR A 510 12.40 5.63 -39.06
CA TYR A 510 13.84 5.76 -38.96
C TYR A 510 14.39 4.76 -39.96
N VAL A 511 15.70 4.80 -40.22
CA VAL A 511 16.27 3.87 -41.17
C VAL A 511 17.35 3.02 -40.52
N SER A 512 17.69 1.93 -41.21
CA SER A 512 18.74 1.03 -40.78
C SER A 512 20.03 1.38 -41.51
N LEU A 513 21.11 1.56 -40.76
CA LEU A 513 22.42 1.77 -41.35
C LEU A 513 23.22 0.50 -41.26
N ASN A 514 23.45 -0.13 -42.41
CA ASN A 514 24.16 -1.40 -42.48
C ASN A 514 24.73 -1.62 -43.87
N LEU A 515 25.22 -2.82 -44.11
CA LEU A 515 25.84 -3.13 -45.39
C LEU A 515 24.85 -3.11 -46.56
N LYS A 516 23.62 -3.57 -46.34
CA LYS A 516 22.56 -3.46 -47.35
C LYS A 516 22.27 -1.97 -47.52
N PRO A 517 21.54 -1.58 -48.58
CA PRO A 517 21.08 -0.19 -48.69
C PRO A 517 20.04 0.14 -47.63
N LEU A 518 19.59 1.39 -47.58
CA LEU A 518 18.65 1.81 -46.53
C LEU A 518 17.30 1.12 -46.65
N GLU A 519 16.78 0.64 -45.52
CA GLU A 519 15.38 0.26 -45.42
C GLU A 519 14.77 1.15 -44.34
N VAL A 520 13.48 1.45 -44.47
CA VAL A 520 12.82 2.30 -43.49
C VAL A 520 11.95 1.52 -42.52
N ARG A 521 12.30 1.59 -41.24
CA ARG A 521 11.52 0.94 -40.19
C ARG A 521 10.64 1.97 -39.45
N ARG A 522 9.41 1.57 -39.16
CA ARG A 522 8.46 2.46 -38.52
C ARG A 522 8.33 2.16 -37.04
N GLY A 523 8.60 3.16 -36.22
CA GLY A 523 8.47 3.08 -34.79
C GLY A 523 9.72 2.42 -34.23
N LEU A 524 10.24 3.00 -33.15
CA LEU A 524 11.53 2.63 -32.62
C LEU A 524 11.32 2.08 -31.23
N ARG A 525 11.42 0.75 -31.09
CA ARG A 525 11.14 0.06 -29.82
C ARG A 525 9.86 0.60 -29.16
N ALA A 526 8.78 0.67 -29.94
CA ALA A 526 7.58 1.43 -29.56
C ALA A 526 6.90 0.98 -28.27
N GLN A 527 6.57 -0.30 -28.16
CA GLN A 527 5.81 -0.75 -27.00
C GLN A 527 6.67 -0.68 -25.75
N THR A 528 7.93 -1.04 -25.94
CA THR A 528 8.89 -1.11 -24.85
C THR A 528 9.18 0.31 -24.37
N CYS A 529 9.36 1.21 -25.31
CA CYS A 529 9.62 2.57 -24.94
C CYS A 529 8.38 3.23 -24.33
N ALA A 530 7.20 2.80 -24.73
CA ALA A 530 6.01 3.28 -24.06
C ALA A 530 6.07 2.87 -22.60
N PHE A 531 6.57 1.66 -22.35
CA PHE A 531 6.73 1.22 -20.96
C PHE A 531 7.71 2.10 -20.20
N TRP A 532 8.94 2.18 -20.72
CA TRP A 532 10.04 2.88 -20.04
C TRP A 532 9.79 4.38 -19.86
N ASN A 533 9.30 5.02 -20.92
CA ASN A 533 9.09 6.46 -20.93
C ASN A 533 7.78 6.88 -20.27
N ARG A 534 6.72 6.10 -20.48
CA ARG A 534 5.39 6.47 -19.99
C ARG A 534 5.03 5.81 -18.66
N PHE A 535 5.02 4.48 -18.63
CA PHE A 535 4.53 3.75 -17.46
C PHE A 535 5.50 3.77 -16.28
N LEU A 536 6.68 3.18 -16.44
CA LEU A 536 7.64 3.05 -15.33
C LEU A 536 7.88 4.31 -14.50
N PRO A 537 7.88 5.51 -15.11
CA PRO A 537 7.96 6.66 -14.22
C PRO A 537 6.82 6.66 -13.22
N LYS A 538 5.59 6.45 -13.65
CA LYS A 538 4.42 6.47 -12.75
C LYS A 538 4.52 5.39 -11.65
N LEU A 539 5.38 4.40 -11.88
CA LEU A 539 5.46 3.29 -10.98
C LEU A 539 6.32 3.62 -9.79
N LEU A 540 7.64 3.70 -9.97
CA LEU A 540 8.58 3.86 -8.85
C LEU A 540 8.38 5.19 -8.06
N SER A 541 7.43 5.94 -8.60
CA SER A 541 6.97 7.29 -8.24
C SER A 541 5.79 7.49 -7.27
N ALA A 542 5.62 6.64 -6.22
CA ALA A 542 4.37 6.01 -5.75
C ALA A 542 4.43 4.49 -5.84
N THR A 543 5.61 3.99 -6.21
CA THR A 543 6.13 2.64 -5.91
C THR A 543 5.17 1.60 -5.35
N ASP B 5 -44.92 -49.28 -23.53
CA ASP B 5 -43.48 -49.21 -23.80
C ASP B 5 -42.64 -49.53 -22.55
N PRO B 6 -41.74 -50.52 -22.66
CA PRO B 6 -41.01 -51.04 -21.49
C PRO B 6 -40.02 -50.06 -20.87
N GLN B 7 -39.26 -49.39 -21.74
CA GLN B 7 -38.11 -48.60 -21.32
C GLN B 7 -38.56 -47.31 -20.68
N LEU B 8 -39.70 -46.81 -21.16
CA LEU B 8 -40.23 -45.53 -20.73
C LEU B 8 -40.68 -45.51 -19.27
N LEU B 9 -40.64 -46.66 -18.60
CA LEU B 9 -40.98 -46.72 -17.17
C LEU B 9 -39.82 -47.21 -16.27
N VAL B 10 -39.35 -46.34 -15.36
CA VAL B 10 -38.17 -46.64 -14.53
C VAL B 10 -38.36 -46.30 -13.04
N ARG B 11 -37.64 -47.00 -12.16
CA ARG B 11 -37.95 -47.03 -10.72
C ARG B 11 -37.49 -45.89 -9.81
N VAL B 12 -36.19 -45.63 -9.66
CA VAL B 12 -35.75 -44.42 -8.92
C VAL B 12 -36.19 -44.25 -7.44
N ARG B 13 -35.32 -44.61 -6.50
CA ARG B 13 -35.68 -44.76 -5.08
C ARG B 13 -36.74 -43.76 -4.52
N GLY B 14 -36.95 -42.64 -5.19
CA GLY B 14 -38.13 -41.82 -4.94
C GLY B 14 -39.47 -42.37 -5.46
N GLY B 15 -39.45 -43.42 -6.29
CA GLY B 15 -40.66 -43.96 -6.89
C GLY B 15 -40.87 -43.77 -8.40
N GLN B 16 -41.97 -44.31 -8.92
CA GLN B 16 -42.19 -44.54 -10.37
C GLN B 16 -42.07 -43.34 -11.32
N LEU B 17 -41.53 -43.59 -12.52
CA LEU B 17 -41.30 -42.55 -13.52
C LEU B 17 -41.73 -42.97 -14.93
N ARG B 18 -42.37 -42.07 -15.67
CA ARG B 18 -42.70 -42.33 -17.08
C ARG B 18 -41.99 -41.40 -18.05
N GLY B 19 -41.04 -41.94 -18.81
CA GLY B 19 -40.27 -41.16 -19.76
C GLY B 19 -41.02 -40.84 -21.04
N ILE B 20 -40.29 -40.50 -22.10
CA ILE B 20 -40.88 -40.25 -23.41
C ILE B 20 -39.87 -40.67 -24.49
N ARG B 21 -40.38 -41.23 -25.59
CA ARG B 21 -39.52 -41.62 -26.71
C ARG B 21 -39.33 -40.47 -27.71
N LEU B 22 -38.06 -40.22 -28.05
CA LEU B 22 -37.71 -39.09 -28.93
C LEU B 22 -36.83 -39.49 -30.12
N LYS B 23 -36.94 -38.73 -31.20
CA LYS B 23 -36.18 -39.00 -32.42
C LYS B 23 -34.87 -38.21 -32.57
N ALA B 24 -33.75 -38.92 -32.47
CA ALA B 24 -32.47 -38.39 -32.94
C ALA B 24 -32.33 -38.83 -34.40
N PRO B 25 -31.52 -38.09 -35.19
CA PRO B 25 -31.24 -38.45 -36.58
C PRO B 25 -30.82 -39.92 -36.77
N GLY B 26 -30.08 -40.47 -35.82
CA GLY B 26 -29.54 -41.81 -35.96
C GLY B 26 -30.17 -42.91 -35.12
N GLY B 27 -31.26 -42.60 -34.41
CA GLY B 27 -31.91 -43.60 -33.57
C GLY B 27 -33.04 -43.05 -32.73
N PRO B 28 -33.53 -43.86 -31.76
CA PRO B 28 -34.38 -43.27 -30.73
C PRO B 28 -33.63 -42.96 -29.44
N VAL B 29 -34.30 -42.25 -28.53
CA VAL B 29 -33.75 -42.01 -27.19
C VAL B 29 -34.86 -41.97 -26.16
N SER B 30 -34.54 -42.51 -24.99
CA SER B 30 -35.41 -42.46 -23.83
C SER B 30 -35.06 -41.19 -23.09
N ALA B 31 -36.01 -40.26 -23.07
CA ALA B 31 -35.81 -38.96 -22.45
C ALA B 31 -36.68 -38.90 -21.21
N PHE B 32 -36.09 -38.61 -20.05
CA PHE B 32 -36.87 -38.44 -18.81
C PHE B 32 -36.68 -37.03 -18.28
N LEU B 33 -37.72 -36.21 -18.35
CA LEU B 33 -37.57 -34.78 -18.09
C LEU B 33 -38.37 -34.29 -16.89
N GLY B 34 -37.71 -33.66 -15.93
CA GLY B 34 -38.43 -33.04 -14.85
C GLY B 34 -38.58 -33.94 -13.65
N ILE B 35 -37.65 -34.87 -13.53
CA ILE B 35 -37.57 -35.68 -12.32
C ILE B 35 -37.27 -34.77 -11.15
N PRO B 36 -38.18 -34.68 -10.19
CA PRO B 36 -37.86 -33.88 -8.99
C PRO B 36 -36.72 -34.46 -8.18
N PHE B 37 -35.67 -33.67 -7.93
CA PHE B 37 -34.61 -34.11 -7.03
C PHE B 37 -34.61 -33.50 -5.64
N ALA B 38 -35.50 -32.53 -5.41
CA ALA B 38 -35.64 -31.88 -4.10
C ALA B 38 -37.05 -31.36 -3.92
N GLU B 39 -37.52 -31.34 -2.67
CA GLU B 39 -38.81 -30.72 -2.36
C GLU B 39 -38.63 -29.24 -2.63
N PRO B 40 -39.60 -28.61 -3.32
CA PRO B 40 -39.47 -27.25 -3.81
C PRO B 40 -39.12 -26.30 -2.70
N PRO B 41 -38.05 -25.50 -2.89
CA PRO B 41 -37.56 -24.53 -1.93
C PRO B 41 -38.38 -23.26 -2.08
N VAL B 42 -39.64 -23.35 -1.70
CA VAL B 42 -40.50 -22.17 -1.74
C VAL B 42 -40.85 -21.82 -0.31
N GLY B 43 -41.57 -20.73 -0.13
CA GLY B 43 -41.96 -20.31 1.20
C GLY B 43 -40.82 -20.18 2.18
N SER B 44 -40.96 -20.84 3.34
CA SER B 44 -39.94 -20.82 4.38
C SER B 44 -38.66 -21.52 3.93
N ARG B 45 -38.77 -22.30 2.86
CA ARG B 45 -37.62 -23.04 2.35
C ARG B 45 -36.80 -22.23 1.33
N ARG B 46 -37.16 -20.97 1.12
CA ARG B 46 -36.39 -20.12 0.20
C ARG B 46 -35.11 -19.67 0.89
N PHE B 47 -34.01 -19.62 0.13
CA PHE B 47 -32.67 -19.25 0.63
C PHE B 47 -31.98 -20.40 1.36
N MET B 48 -32.64 -21.54 1.45
CA MET B 48 -32.18 -22.61 2.32
C MET B 48 -31.66 -23.76 1.49
N PRO B 49 -30.71 -24.52 2.08
CA PRO B 49 -30.15 -25.70 1.42
C PRO B 49 -31.27 -26.63 1.05
N PRO B 50 -31.18 -27.26 -0.12
CA PRO B 50 -32.25 -28.12 -0.57
C PRO B 50 -32.38 -29.39 0.29
N GLU B 51 -33.59 -29.75 0.71
CA GLU B 51 -33.88 -31.08 1.26
C GLU B 51 -34.31 -31.98 0.10
N PRO B 52 -34.02 -33.29 0.21
CA PRO B 52 -34.28 -34.13 -0.97
C PRO B 52 -35.77 -34.32 -1.22
N LYS B 53 -36.13 -34.69 -2.45
CA LYS B 53 -37.53 -34.91 -2.80
C LYS B 53 -38.07 -35.99 -1.89
N ARG B 54 -39.26 -35.76 -1.32
CA ARG B 54 -39.90 -36.82 -0.57
C ARG B 54 -40.56 -37.75 -1.57
N PRO B 55 -40.51 -39.06 -1.32
CA PRO B 55 -40.86 -40.05 -2.34
C PRO B 55 -42.34 -39.95 -2.72
N TRP B 56 -42.72 -40.53 -3.85
CA TRP B 56 -44.12 -40.49 -4.25
C TRP B 56 -44.65 -41.85 -4.73
N SER B 57 -45.96 -42.01 -4.63
CA SER B 57 -46.64 -43.12 -5.29
C SER B 57 -47.30 -42.58 -6.56
N GLY B 58 -47.40 -43.43 -7.57
CA GLY B 58 -47.97 -43.03 -8.83
C GLY B 58 -46.91 -42.99 -9.91
N VAL B 59 -47.33 -43.03 -11.16
CA VAL B 59 -46.39 -42.98 -12.27
C VAL B 59 -46.24 -41.53 -12.71
N LEU B 60 -45.07 -40.98 -12.40
CA LEU B 60 -44.81 -39.55 -12.51
C LEU B 60 -44.49 -39.20 -13.94
N ASP B 61 -44.85 -38.00 -14.37
CA ASP B 61 -44.66 -37.66 -15.77
C ASP B 61 -43.27 -37.05 -15.99
N ALA B 62 -42.41 -37.82 -16.64
CA ALA B 62 -41.07 -37.39 -17.03
C ALA B 62 -41.05 -36.92 -18.48
N THR B 63 -42.22 -36.79 -19.08
CA THR B 63 -42.33 -36.57 -20.50
C THR B 63 -42.11 -35.13 -20.98
N THR B 64 -41.91 -34.18 -20.06
CA THR B 64 -41.62 -32.80 -20.47
C THR B 64 -40.76 -31.98 -19.52
N PHE B 65 -40.20 -30.89 -20.04
CA PHE B 65 -39.38 -29.97 -19.25
C PHE B 65 -40.16 -29.20 -18.18
N GLN B 66 -39.60 -29.17 -16.98
CA GLN B 66 -40.20 -28.47 -15.86
C GLN B 66 -39.90 -26.97 -15.91
N ASN B 67 -40.23 -26.31 -14.80
CA ASN B 67 -40.06 -24.87 -14.66
C ASN B 67 -38.63 -24.40 -14.70
N VAL B 68 -38.47 -23.13 -15.07
CA VAL B 68 -37.18 -22.47 -15.00
C VAL B 68 -37.06 -21.71 -13.67
N CYS B 69 -35.88 -21.73 -13.08
CA CYS B 69 -35.61 -20.99 -11.86
C CYS B 69 -35.81 -19.50 -12.03
N TYR B 70 -36.38 -18.87 -11.02
CA TYR B 70 -36.76 -17.47 -11.14
C TYR B 70 -35.55 -16.60 -11.46
N GLN B 71 -35.65 -15.81 -12.52
CA GLN B 71 -34.49 -15.07 -13.00
C GLN B 71 -34.82 -13.86 -13.87
N TYR B 72 -33.84 -12.99 -13.99
CA TYR B 72 -33.92 -11.85 -14.90
C TYR B 72 -34.05 -12.34 -16.34
N VAL B 73 -35.05 -11.85 -17.05
CA VAL B 73 -35.19 -12.16 -18.47
C VAL B 73 -34.55 -11.06 -19.32
N ASP B 74 -33.63 -11.43 -20.21
CA ASP B 74 -32.85 -10.41 -20.91
C ASP B 74 -33.69 -9.63 -21.90
N THR B 75 -33.77 -8.32 -21.68
CA THR B 75 -34.62 -7.43 -22.46
C THR B 75 -33.87 -6.64 -23.54
N LEU B 76 -32.56 -6.88 -23.65
CA LEU B 76 -31.65 -6.00 -24.40
C LEU B 76 -31.96 -5.90 -25.89
N TYR B 77 -31.99 -7.04 -26.56
CA TYR B 77 -32.23 -7.08 -27.99
C TYR B 77 -33.46 -7.94 -28.29
N PRO B 78 -34.68 -7.35 -28.22
CA PRO B 78 -35.94 -8.06 -28.42
C PRO B 78 -35.94 -8.86 -29.71
N GLY B 79 -36.37 -10.11 -29.63
CA GLY B 79 -36.51 -10.98 -30.80
C GLY B 79 -35.24 -11.29 -31.58
N PHE B 80 -34.08 -10.98 -31.00
CA PHE B 80 -32.79 -11.31 -31.61
C PHE B 80 -32.28 -12.68 -31.15
N GLU B 81 -32.17 -13.63 -32.08
CA GLU B 81 -31.90 -15.03 -31.75
C GLU B 81 -30.73 -15.22 -30.77
N GLY B 82 -29.72 -14.36 -30.90
CA GLY B 82 -28.50 -14.47 -30.13
C GLY B 82 -28.64 -14.27 -28.62
N THR B 83 -29.31 -13.19 -28.21
CA THR B 83 -29.57 -12.94 -26.79
C THR B 83 -30.76 -13.76 -26.34
N GLU B 84 -31.75 -13.86 -27.23
CA GLU B 84 -32.99 -14.54 -26.93
C GLU B 84 -32.73 -15.99 -26.55
N MET B 85 -31.76 -16.63 -27.23
CA MET B 85 -31.54 -18.05 -27.03
C MET B 85 -31.19 -18.46 -25.59
N TRP B 86 -30.68 -17.51 -24.79
CA TRP B 86 -30.28 -17.83 -23.42
C TRP B 86 -31.36 -17.55 -22.40
N ASN B 87 -32.45 -16.90 -22.84
CA ASN B 87 -33.60 -16.62 -21.98
C ASN B 87 -34.31 -17.92 -21.62
N PRO B 88 -35.17 -17.89 -20.60
CA PRO B 88 -35.92 -19.10 -20.26
C PRO B 88 -36.94 -19.49 -21.35
N ASN B 89 -36.97 -20.77 -21.71
CA ASN B 89 -37.94 -21.31 -22.67
C ASN B 89 -39.15 -21.98 -22.01
N ARG B 90 -39.10 -22.07 -20.70
CA ARG B 90 -40.25 -22.52 -19.93
C ARG B 90 -40.69 -21.38 -19.04
N GLU B 91 -41.66 -21.66 -18.19
CA GLU B 91 -42.20 -20.65 -17.31
C GLU B 91 -41.33 -20.51 -16.07
N LEU B 92 -41.24 -19.29 -15.55
CA LEU B 92 -40.48 -19.02 -14.32
C LEU B 92 -41.23 -19.42 -13.06
N SER B 93 -40.61 -20.22 -12.21
CA SER B 93 -41.17 -20.46 -10.91
C SER B 93 -40.09 -20.76 -9.90
N GLU B 94 -40.39 -20.51 -8.63
CA GLU B 94 -39.43 -20.76 -7.57
C GLU B 94 -39.38 -22.25 -7.32
N ASP B 95 -40.33 -23.00 -7.88
CA ASP B 95 -40.29 -24.45 -7.76
C ASP B 95 -39.67 -24.88 -9.06
N CYS B 96 -38.34 -24.90 -9.09
CA CYS B 96 -37.57 -25.30 -10.27
C CYS B 96 -36.68 -26.51 -10.22
N LEU B 97 -36.58 -27.21 -9.09
CA LEU B 97 -35.48 -28.16 -9.01
C LEU B 97 -35.90 -29.54 -9.53
N TYR B 98 -35.49 -29.78 -10.77
CA TYR B 98 -35.86 -30.97 -11.52
C TYR B 98 -34.69 -31.23 -12.43
N LEU B 99 -34.28 -32.50 -12.58
CA LEU B 99 -33.24 -32.80 -13.56
C LEU B 99 -33.79 -33.55 -14.76
N ASN B 100 -32.89 -33.80 -15.70
CA ASN B 100 -33.25 -34.38 -16.98
C ASN B 100 -32.24 -35.46 -17.27
N VAL B 101 -32.72 -36.64 -17.67
CA VAL B 101 -31.82 -37.74 -18.02
C VAL B 101 -32.06 -38.19 -19.45
N TRP B 102 -30.98 -38.42 -20.18
CA TRP B 102 -31.06 -38.98 -21.50
C TRP B 102 -30.34 -40.33 -21.57
N THR B 103 -31.08 -41.37 -21.96
CA THR B 103 -30.54 -42.68 -22.32
C THR B 103 -30.85 -42.88 -23.80
N PRO B 104 -30.05 -43.70 -24.50
CA PRO B 104 -30.48 -44.09 -25.84
C PRO B 104 -31.62 -45.10 -25.78
N TYR B 105 -32.34 -45.30 -26.88
CA TYR B 105 -33.26 -46.44 -26.95
C TYR B 105 -32.62 -47.50 -27.83
N PRO B 106 -32.31 -48.66 -27.24
CA PRO B 106 -32.74 -49.11 -25.92
C PRO B 106 -31.80 -48.74 -24.78
N ARG B 107 -32.16 -49.18 -23.57
CA ARG B 107 -31.34 -49.03 -22.35
C ARG B 107 -30.00 -49.81 -22.53
N PRO B 108 -29.15 -49.91 -21.48
CA PRO B 108 -27.77 -50.03 -21.92
C PRO B 108 -27.39 -51.44 -22.36
N ALA B 109 -26.13 -51.63 -22.73
CA ALA B 109 -25.59 -52.97 -22.75
C ALA B 109 -25.03 -53.20 -21.34
N SER B 110 -23.87 -52.61 -21.08
CA SER B 110 -23.29 -52.59 -19.74
C SER B 110 -23.52 -51.19 -19.18
N PRO B 111 -23.14 -50.94 -17.92
CA PRO B 111 -23.23 -49.54 -17.50
C PRO B 111 -22.30 -48.64 -18.32
N THR B 112 -22.88 -47.61 -18.93
CA THR B 112 -22.16 -46.66 -19.75
C THR B 112 -21.72 -45.43 -18.93
N PRO B 113 -20.68 -44.70 -19.39
CA PRO B 113 -20.27 -43.45 -18.74
C PRO B 113 -21.37 -42.38 -18.77
N VAL B 114 -21.38 -41.57 -17.72
CA VAL B 114 -22.41 -40.54 -17.52
C VAL B 114 -21.84 -39.12 -17.63
N LEU B 115 -22.57 -38.26 -18.34
CA LEU B 115 -22.22 -36.86 -18.47
C LEU B 115 -23.25 -35.95 -17.80
N ILE B 116 -22.85 -35.30 -16.69
CA ILE B 116 -23.71 -34.34 -16.00
C ILE B 116 -23.40 -32.93 -16.47
N TRP B 117 -24.41 -32.19 -16.89
CA TRP B 117 -24.22 -30.84 -17.40
C TRP B 117 -24.66 -29.79 -16.37
N ILE B 118 -23.81 -28.78 -16.16
CA ILE B 118 -24.20 -27.65 -15.33
C ILE B 118 -24.17 -26.40 -16.18
N TYR B 119 -25.33 -25.76 -16.36
CA TYR B 119 -25.44 -24.60 -17.24
C TYR B 119 -24.71 -23.33 -16.76
N GLY B 120 -24.45 -22.43 -17.71
CA GLY B 120 -23.82 -21.16 -17.41
C GLY B 120 -24.90 -20.11 -17.17
N GLY B 121 -24.63 -18.85 -17.49
CA GLY B 121 -25.59 -17.79 -17.24
C GLY B 121 -25.32 -16.84 -16.07
N GLY B 122 -24.09 -16.88 -15.56
CA GLY B 122 -23.58 -15.88 -14.64
C GLY B 122 -24.12 -15.94 -13.22
N PHE B 123 -24.74 -17.05 -12.86
CA PHE B 123 -25.39 -17.18 -11.56
C PHE B 123 -26.63 -16.29 -11.45
N TYR B 124 -26.83 -15.41 -12.43
CA TYR B 124 -28.02 -14.60 -12.44
C TYR B 124 -29.11 -15.17 -13.33
N SER B 125 -28.86 -16.34 -13.95
CA SER B 125 -29.78 -16.93 -14.93
C SER B 125 -29.32 -18.27 -15.48
N GLY B 126 -30.24 -19.00 -16.11
CA GLY B 126 -29.92 -20.20 -16.85
C GLY B 126 -31.04 -21.23 -16.82
N ALA B 127 -30.82 -22.42 -17.37
CA ALA B 127 -31.71 -23.58 -17.25
C ALA B 127 -31.16 -24.76 -18.03
N ALA B 128 -31.56 -25.97 -17.64
CA ALA B 128 -31.22 -27.17 -18.40
C ALA B 128 -32.25 -27.33 -19.51
N SER B 129 -33.36 -26.61 -19.34
CA SER B 129 -34.48 -26.61 -20.27
C SER B 129 -34.12 -26.01 -21.62
N LEU B 130 -32.93 -25.44 -21.73
CA LEU B 130 -32.56 -24.68 -22.91
C LEU B 130 -32.42 -25.55 -24.16
N ASP B 131 -32.48 -24.88 -25.31
CA ASP B 131 -32.32 -25.53 -26.61
C ASP B 131 -30.94 -26.15 -26.84
N VAL B 132 -29.90 -25.33 -26.75
CA VAL B 132 -28.53 -25.78 -27.07
C VAL B 132 -28.05 -26.91 -26.16
N TYR B 133 -28.78 -27.12 -25.07
CA TYR B 133 -28.45 -28.16 -24.12
C TYR B 133 -29.19 -29.44 -24.45
N ASP B 134 -29.78 -29.48 -25.65
CA ASP B 134 -30.57 -30.63 -26.11
C ASP B 134 -29.71 -31.86 -25.89
N GLY B 135 -30.19 -32.78 -25.06
CA GLY B 135 -29.31 -33.77 -24.50
C GLY B 135 -29.16 -35.03 -25.34
N ARG B 136 -30.02 -35.14 -26.35
CA ARG B 136 -30.26 -36.40 -27.06
C ARG B 136 -29.17 -36.85 -28.05
N PHE B 137 -28.57 -35.89 -28.75
CA PHE B 137 -27.57 -36.23 -29.76
C PHE B 137 -26.38 -36.97 -29.15
N LEU B 138 -25.87 -36.51 -28.02
CA LEU B 138 -24.78 -37.19 -27.31
C LEU B 138 -25.17 -38.60 -26.88
N ALA B 139 -26.39 -38.72 -26.35
CA ALA B 139 -26.93 -40.01 -25.94
C ALA B 139 -26.97 -41.01 -27.10
N GLN B 140 -27.80 -40.72 -28.10
CA GLN B 140 -27.97 -41.61 -29.26
C GLN B 140 -26.64 -41.88 -29.97
N VAL B 141 -25.96 -40.82 -30.39
CA VAL B 141 -24.75 -40.95 -31.18
C VAL B 141 -23.59 -41.59 -30.42
N GLU B 142 -23.25 -41.06 -29.25
CA GLU B 142 -22.09 -41.61 -28.55
C GLU B 142 -22.42 -42.62 -27.46
N GLY B 143 -23.69 -42.97 -27.32
CA GLY B 143 -24.12 -43.98 -26.37
C GLY B 143 -23.94 -43.55 -24.93
N ALA B 144 -24.31 -42.30 -24.64
CA ALA B 144 -24.02 -41.70 -23.35
C ALA B 144 -25.29 -41.42 -22.56
N VAL B 145 -25.23 -41.70 -21.26
CA VAL B 145 -26.30 -41.29 -20.35
C VAL B 145 -25.97 -39.88 -19.86
N LEU B 146 -26.85 -38.94 -20.19
CA LEU B 146 -26.53 -37.53 -20.01
C LEU B 146 -27.54 -36.78 -19.13
N VAL B 147 -27.08 -36.32 -17.98
CA VAL B 147 -27.92 -35.63 -17.00
C VAL B 147 -27.69 -34.13 -17.06
N SER B 148 -28.78 -33.37 -16.97
CA SER B 148 -28.67 -31.94 -16.81
C SER B 148 -29.71 -31.45 -15.78
N MET B 149 -29.25 -30.71 -14.77
CA MET B 149 -30.14 -30.25 -13.69
C MET B 149 -30.30 -28.73 -13.66
N ASN B 150 -31.41 -28.28 -13.09
CA ASN B 150 -31.62 -26.88 -12.77
C ASN B 150 -31.15 -26.67 -11.35
N TYR B 151 -30.42 -25.59 -11.11
CA TYR B 151 -30.10 -25.16 -9.75
C TYR B 151 -30.58 -23.72 -9.62
N ARG B 152 -30.81 -23.27 -8.40
CA ARG B 152 -31.28 -21.92 -8.15
C ARG B 152 -30.26 -20.87 -8.61
N VAL B 153 -30.76 -19.74 -9.10
CA VAL B 153 -29.88 -18.64 -9.46
C VAL B 153 -30.32 -17.34 -8.80
N GLY B 154 -29.54 -16.29 -9.05
CA GLY B 154 -29.82 -14.98 -8.52
C GLY B 154 -29.84 -15.01 -7.01
N THR B 155 -30.68 -14.14 -6.44
CA THR B 155 -30.77 -14.04 -4.99
C THR B 155 -31.16 -15.39 -4.39
N PHE B 156 -32.06 -16.08 -5.07
CA PHE B 156 -32.60 -17.33 -4.58
C PHE B 156 -31.53 -18.38 -4.41
N GLY B 157 -30.62 -18.46 -5.38
CA GLY B 157 -29.48 -19.36 -5.26
C GLY B 157 -28.34 -18.88 -4.38
N PHE B 158 -27.89 -17.66 -4.58
CA PHE B 158 -26.70 -17.20 -3.88
C PHE B 158 -26.72 -16.09 -2.80
N LEU B 159 -27.87 -15.49 -2.53
CA LEU B 159 -27.94 -14.43 -1.51
C LEU B 159 -27.54 -15.03 -0.19
N ALA B 160 -26.58 -14.44 0.48
CA ALA B 160 -26.11 -15.03 1.72
C ALA B 160 -25.97 -13.99 2.78
N LEU B 161 -26.31 -14.37 4.00
CA LEU B 161 -25.93 -13.61 5.17
C LEU B 161 -25.03 -14.57 5.91
N PRO B 162 -23.75 -14.62 5.52
CA PRO B 162 -22.84 -15.68 5.95
C PRO B 162 -22.78 -15.80 7.47
N GLY B 163 -22.90 -17.02 7.98
CA GLY B 163 -22.94 -17.24 9.40
C GLY B 163 -24.35 -17.46 9.89
N SER B 164 -25.33 -17.23 9.01
CA SER B 164 -26.73 -17.38 9.38
C SER B 164 -27.23 -18.77 9.05
N ARG B 165 -28.14 -19.25 9.90
CA ARG B 165 -28.77 -20.54 9.70
C ARG B 165 -29.64 -20.52 8.45
N GLU B 166 -30.32 -19.39 8.25
CA GLU B 166 -31.38 -19.27 7.23
C GLU B 166 -31.00 -18.68 5.89
N ALA B 167 -29.79 -18.15 5.77
CA ALA B 167 -29.27 -17.81 4.45
C ALA B 167 -27.76 -18.07 4.41
N PRO B 168 -27.38 -19.35 4.36
CA PRO B 168 -26.00 -19.81 4.48
C PRO B 168 -25.17 -19.45 3.25
N GLY B 169 -25.82 -19.35 2.11
CA GLY B 169 -25.15 -19.08 0.86
C GLY B 169 -24.76 -20.33 0.09
N ASN B 170 -24.46 -20.14 -1.18
CA ASN B 170 -24.08 -21.22 -2.10
C ASN B 170 -25.16 -22.30 -2.22
N VAL B 171 -26.39 -21.97 -1.86
CA VAL B 171 -27.39 -23.01 -1.87
C VAL B 171 -27.67 -23.48 -3.30
N GLY B 172 -27.41 -22.63 -4.30
CA GLY B 172 -27.52 -23.04 -5.69
C GLY B 172 -26.52 -24.15 -6.01
N LEU B 173 -25.34 -24.02 -5.41
CA LEU B 173 -24.32 -25.05 -5.58
C LEU B 173 -24.80 -26.33 -4.92
N LEU B 174 -25.47 -26.19 -3.78
CA LEU B 174 -25.99 -27.33 -3.08
C LEU B 174 -27.08 -28.03 -3.87
N ASP B 175 -27.83 -27.26 -4.66
CA ASP B 175 -28.81 -27.82 -5.58
C ASP B 175 -28.05 -28.67 -6.57
N GLN B 176 -26.94 -28.14 -7.07
CA GLN B 176 -26.11 -28.95 -7.95
C GLN B 176 -25.64 -30.25 -7.28
N ARG B 177 -25.12 -30.13 -6.06
CA ARG B 177 -24.55 -31.26 -5.37
C ARG B 177 -25.60 -32.31 -5.15
N LEU B 178 -26.77 -31.89 -4.66
CA LEU B 178 -27.89 -32.79 -4.43
C LEU B 178 -28.33 -33.49 -5.70
N ALA B 179 -28.37 -32.76 -6.81
CA ALA B 179 -28.63 -33.39 -8.10
C ALA B 179 -27.60 -34.49 -8.32
N LEU B 180 -26.37 -34.23 -7.90
CA LEU B 180 -25.30 -35.23 -8.03
C LEU B 180 -25.51 -36.47 -7.15
N GLN B 181 -25.97 -36.28 -5.91
CA GLN B 181 -26.23 -37.44 -5.05
C GLN B 181 -27.42 -38.23 -5.54
N TRP B 182 -28.41 -37.54 -6.12
CA TRP B 182 -29.51 -38.22 -6.77
C TRP B 182 -29.00 -39.01 -7.94
N VAL B 183 -28.03 -38.47 -8.68
CA VAL B 183 -27.49 -39.24 -9.80
C VAL B 183 -26.62 -40.39 -9.30
N GLN B 184 -26.08 -40.28 -8.10
CA GLN B 184 -25.24 -41.34 -7.54
C GLN B 184 -26.08 -42.51 -7.02
N GLU B 185 -27.27 -42.20 -6.50
CA GLU B 185 -28.23 -43.23 -6.10
C GLU B 185 -29.02 -43.79 -7.28
N ASN B 186 -29.59 -42.92 -8.09
CA ASN B 186 -30.59 -43.34 -9.08
C ASN B 186 -30.21 -43.50 -10.58
N ILE B 187 -28.97 -43.18 -10.96
CA ILE B 187 -28.65 -43.18 -12.39
C ILE B 187 -28.53 -44.61 -12.91
N ALA B 188 -28.17 -45.52 -12.01
CA ALA B 188 -27.97 -46.95 -12.34
C ALA B 188 -29.15 -47.50 -13.11
N ALA B 189 -30.36 -47.23 -12.61
CA ALA B 189 -31.61 -47.68 -13.24
C ALA B 189 -31.81 -47.17 -14.67
N PHE B 190 -31.04 -46.17 -15.08
CA PHE B 190 -31.09 -45.65 -16.45
C PHE B 190 -29.98 -46.27 -17.27
N GLY B 191 -29.23 -47.15 -16.64
CA GLY B 191 -28.14 -47.83 -17.31
C GLY B 191 -26.92 -46.94 -17.42
N GLY B 192 -26.84 -45.96 -16.54
CA GLY B 192 -25.64 -45.16 -16.40
C GLY B 192 -24.74 -45.77 -15.35
N ASP B 193 -23.44 -45.53 -15.46
CA ASP B 193 -22.50 -46.05 -14.48
C ASP B 193 -22.28 -45.00 -13.40
N PRO B 194 -22.65 -45.33 -12.15
CA PRO B 194 -22.37 -44.47 -10.99
C PRO B 194 -20.88 -44.26 -10.73
N MET B 195 -20.02 -45.10 -11.30
CA MET B 195 -18.56 -44.93 -11.15
C MET B 195 -17.86 -44.23 -12.32
N SER B 196 -18.60 -43.93 -13.39
CA SER B 196 -18.14 -42.96 -14.38
C SER B 196 -19.07 -41.76 -14.41
N VAL B 197 -18.61 -40.65 -13.85
CA VAL B 197 -19.37 -39.41 -13.85
C VAL B 197 -18.44 -38.26 -14.22
N THR B 198 -18.72 -37.65 -15.36
CA THR B 198 -17.95 -36.51 -15.80
C THR B 198 -18.79 -35.24 -15.85
N LEU B 199 -18.51 -34.31 -14.93
CA LEU B 199 -19.23 -33.04 -14.89
C LEU B 199 -18.68 -32.11 -15.95
N PHE B 200 -19.54 -31.61 -16.82
CA PHE B 200 -19.09 -30.56 -17.71
C PHE B 200 -19.98 -29.32 -17.68
N GLY B 201 -19.34 -28.15 -17.70
CA GLY B 201 -20.10 -26.92 -17.63
C GLY B 201 -19.47 -25.80 -18.42
N GLU B 202 -20.27 -24.77 -18.67
CA GLU B 202 -19.78 -23.64 -19.40
C GLU B 202 -20.02 -22.35 -18.62
N SER B 203 -19.06 -21.42 -18.72
CA SER B 203 -19.15 -20.12 -18.07
C SER B 203 -19.28 -20.25 -16.56
N ALA B 204 -20.36 -19.69 -16.02
CA ALA B 204 -20.69 -19.87 -14.61
C ALA B 204 -20.78 -21.35 -14.27
N GLY B 205 -21.29 -22.13 -15.22
CA GLY B 205 -21.35 -23.57 -15.08
C GLY B 205 -19.98 -24.16 -14.85
N ALA B 206 -19.04 -23.79 -15.73
CA ALA B 206 -17.65 -24.22 -15.59
C ALA B 206 -17.14 -23.87 -14.20
N ALA B 207 -17.43 -22.65 -13.78
CA ALA B 207 -17.02 -22.18 -12.48
C ALA B 207 -17.60 -23.08 -11.39
N SER B 208 -18.78 -23.61 -11.65
CA SER B 208 -19.43 -24.46 -10.68
C SER B 208 -18.74 -25.83 -10.67
N VAL B 209 -18.29 -26.26 -11.84
CA VAL B 209 -17.61 -27.53 -11.96
C VAL B 209 -16.34 -27.50 -11.12
N GLY B 210 -15.51 -26.49 -11.38
CA GLY B 210 -14.32 -26.27 -10.59
C GLY B 210 -14.66 -26.05 -9.13
N MET B 211 -15.85 -25.51 -8.89
CA MET B 211 -16.31 -25.24 -7.55
C MET B 211 -16.53 -26.57 -6.81
N HIS B 212 -17.01 -27.59 -7.52
CA HIS B 212 -17.19 -28.89 -6.88
C HIS B 212 -15.83 -29.53 -6.67
N ILE B 213 -14.97 -29.44 -7.69
CA ILE B 213 -13.59 -29.92 -7.61
C ILE B 213 -12.92 -29.42 -6.33
N LEU B 214 -13.19 -28.16 -5.97
CA LEU B 214 -12.54 -27.59 -4.82
C LEU B 214 -13.24 -27.89 -3.50
N SER B 215 -14.48 -28.34 -3.57
CA SER B 215 -15.27 -28.56 -2.36
C SER B 215 -15.21 -30.01 -1.93
N LEU B 216 -14.87 -30.26 -0.67
CA LEU B 216 -14.55 -31.63 -0.25
C LEU B 216 -15.71 -32.64 -0.41
N PRO B 217 -16.88 -32.39 0.20
CA PRO B 217 -17.96 -33.37 0.05
C PRO B 217 -18.38 -33.62 -1.39
N SER B 218 -18.09 -32.69 -2.28
CA SER B 218 -18.47 -32.87 -3.68
C SER B 218 -17.58 -33.93 -4.33
N ARG B 219 -16.36 -34.06 -3.80
CA ARG B 219 -15.31 -34.89 -4.39
C ARG B 219 -15.69 -36.34 -4.71
N SER B 220 -16.49 -36.94 -3.84
CA SER B 220 -16.85 -38.35 -3.99
C SER B 220 -18.00 -38.57 -4.99
N LEU B 221 -18.54 -37.49 -5.53
CA LEU B 221 -19.71 -37.58 -6.40
C LEU B 221 -19.35 -37.56 -7.89
N PHE B 222 -18.06 -37.43 -8.19
CA PHE B 222 -17.66 -37.40 -9.59
C PHE B 222 -16.23 -37.85 -9.81
N HIS B 223 -15.84 -37.90 -11.08
CA HIS B 223 -14.58 -38.51 -11.51
C HIS B 223 -13.73 -37.60 -12.43
N ARG B 224 -14.30 -37.20 -13.55
CA ARG B 224 -13.64 -36.26 -14.45
C ARG B 224 -14.43 -34.94 -14.60
N ALA B 225 -13.76 -33.88 -15.06
CA ALA B 225 -14.48 -32.63 -15.26
C ALA B 225 -14.04 -31.72 -16.45
N VAL B 226 -15.02 -31.23 -17.20
CA VAL B 226 -14.77 -30.29 -18.30
C VAL B 226 -15.21 -28.84 -17.98
N LEU B 227 -14.26 -27.91 -18.09
CA LEU B 227 -14.52 -26.50 -17.84
C LEU B 227 -14.40 -25.67 -19.10
N GLN B 228 -15.54 -25.19 -19.56
CA GLN B 228 -15.58 -24.48 -20.81
C GLN B 228 -15.77 -22.99 -20.58
N SER B 229 -14.72 -22.21 -20.84
CA SER B 229 -14.79 -20.75 -20.71
C SER B 229 -15.25 -20.26 -19.33
N GLY B 230 -14.76 -20.90 -18.28
CA GLY B 230 -15.06 -20.46 -16.93
C GLY B 230 -14.18 -21.18 -15.92
N THR B 231 -13.99 -20.59 -14.75
CA THR B 231 -13.12 -21.17 -13.72
C THR B 231 -13.65 -20.83 -12.35
N PRO B 232 -13.33 -21.63 -11.33
CA PRO B 232 -13.72 -21.31 -9.96
C PRO B 232 -12.91 -20.15 -9.42
N ASN B 233 -11.73 -19.92 -9.97
CA ASN B 233 -10.86 -18.83 -9.53
C ASN B 233 -11.17 -17.60 -10.34
N GLY B 234 -10.48 -16.50 -10.04
CA GLY B 234 -10.63 -15.32 -10.86
C GLY B 234 -11.46 -14.20 -10.26
N PRO B 235 -11.69 -13.17 -11.08
CA PRO B 235 -12.36 -11.93 -10.69
C PRO B 235 -13.84 -12.07 -10.35
N TRP B 236 -14.59 -12.80 -11.17
CA TRP B 236 -16.06 -12.78 -11.08
C TRP B 236 -16.81 -13.93 -10.40
N ALA B 237 -16.11 -15.00 -10.03
CA ALA B 237 -16.82 -16.23 -9.66
C ALA B 237 -17.16 -16.41 -8.20
N THR B 238 -16.55 -15.61 -7.32
CA THR B 238 -16.83 -15.70 -5.89
C THR B 238 -16.87 -14.32 -5.26
N VAL B 239 -17.56 -14.18 -4.13
CA VAL B 239 -17.36 -12.98 -3.31
C VAL B 239 -16.94 -13.39 -1.92
N SER B 240 -16.44 -12.41 -1.19
CA SER B 240 -16.07 -12.62 0.19
C SER B 240 -17.32 -12.74 1.03
N ALA B 241 -17.19 -13.35 2.19
CA ALA B 241 -18.27 -13.33 3.16
C ALA B 241 -18.69 -11.88 3.41
N GLY B 242 -17.71 -11.01 3.54
CA GLY B 242 -17.99 -9.61 3.78
C GLY B 242 -18.90 -8.99 2.74
N GLU B 243 -18.49 -9.09 1.48
CA GLU B 243 -19.23 -8.45 0.41
C GLU B 243 -20.57 -9.15 0.19
N ALA B 244 -20.61 -10.46 0.45
CA ALA B 244 -21.86 -11.16 0.37
C ALA B 244 -22.82 -10.49 1.34
N ARG B 245 -22.44 -10.42 2.61
CA ARG B 245 -23.27 -9.82 3.63
C ARG B 245 -23.67 -8.40 3.28
N ARG B 246 -22.71 -7.65 2.76
CA ARG B 246 -22.93 -6.27 2.35
C ARG B 246 -24.07 -6.16 1.33
N ARG B 247 -24.00 -7.01 0.30
CA ARG B 247 -24.96 -6.97 -0.80
C ARG B 247 -26.32 -7.49 -0.38
N ALA B 248 -26.34 -8.53 0.43
CA ALA B 248 -27.59 -9.08 0.91
C ALA B 248 -28.31 -8.04 1.74
N THR B 249 -27.56 -7.41 2.64
CA THR B 249 -28.08 -6.35 3.49
C THR B 249 -28.65 -5.20 2.68
N LEU B 250 -27.90 -4.74 1.69
CA LEU B 250 -28.39 -3.68 0.79
C LEU B 250 -29.64 -4.07 -0.01
N LEU B 251 -29.68 -5.28 -0.55
CA LEU B 251 -30.84 -5.67 -1.35
C LEU B 251 -32.07 -5.76 -0.45
N ALA B 252 -31.92 -6.39 0.71
CA ALA B 252 -32.98 -6.38 1.71
C ALA B 252 -33.42 -4.93 1.89
N ARG B 253 -32.47 -4.04 2.08
CA ARG B 253 -32.78 -2.65 2.39
C ARG B 253 -33.52 -1.93 1.27
N LEU B 254 -33.36 -2.40 0.04
CA LEU B 254 -34.02 -1.82 -1.13
C LEU B 254 -35.50 -2.20 -1.27
N VAL B 255 -35.83 -3.45 -0.94
CA VAL B 255 -37.20 -3.83 -0.67
C VAL B 255 -37.41 -3.51 0.80
N GLY B 256 -38.53 -3.92 1.40
CA GLY B 256 -38.81 -3.47 2.76
C GLY B 256 -37.79 -3.68 3.90
N CYS B 257 -36.98 -4.73 3.78
CA CYS B 257 -36.41 -5.41 4.94
C CYS B 257 -35.06 -4.92 5.49
N PRO B 258 -34.89 -4.96 6.82
CA PRO B 258 -35.91 -5.29 7.82
C PRO B 258 -36.79 -4.06 7.94
N PRO B 259 -38.02 -4.22 8.49
CA PRO B 259 -39.01 -3.14 8.33
C PRO B 259 -38.61 -1.81 8.97
N GLY B 260 -38.61 -0.73 8.20
CA GLY B 260 -38.27 0.59 8.67
C GLY B 260 -36.91 0.75 9.34
N GLY B 261 -36.02 -0.23 9.18
CA GLY B 261 -34.67 -0.17 9.71
C GLY B 261 -34.44 -0.40 11.20
N ALA B 262 -35.06 -1.42 11.76
CA ALA B 262 -34.87 -1.76 13.17
C ALA B 262 -33.52 -2.40 13.43
N GLY B 263 -32.85 -2.82 12.36
CA GLY B 263 -31.57 -3.50 12.46
C GLY B 263 -31.67 -4.81 13.22
N GLY B 264 -30.52 -5.36 13.62
CA GLY B 264 -30.48 -6.56 14.44
C GLY B 264 -30.49 -7.87 13.69
N ASN B 265 -31.11 -8.89 14.30
CA ASN B 265 -30.94 -10.30 13.91
C ASN B 265 -31.17 -10.60 12.44
N ASP B 266 -30.24 -11.36 11.89
CA ASP B 266 -30.30 -11.75 10.50
C ASP B 266 -31.55 -12.59 10.27
N THR B 267 -31.95 -13.34 11.29
CA THR B 267 -33.13 -14.22 11.24
C THR B 267 -34.39 -13.47 10.80
N GLU B 268 -34.63 -12.29 11.38
CA GLU B 268 -35.76 -11.48 11.00
C GLU B 268 -35.56 -10.85 9.63
N LEU B 269 -34.33 -10.49 9.29
CA LEU B 269 -34.10 -9.92 7.95
C LEU B 269 -34.41 -10.96 6.87
N ILE B 270 -33.94 -12.19 7.04
CA ILE B 270 -34.22 -13.24 6.09
C ILE B 270 -35.69 -13.61 6.12
N ALA B 271 -36.29 -13.52 7.31
CA ALA B 271 -37.69 -13.84 7.49
C ALA B 271 -38.53 -12.87 6.70
N CYS B 272 -38.11 -11.62 6.71
CA CYS B 272 -38.81 -10.56 6.00
C CYS B 272 -38.59 -10.74 4.49
N LEU B 273 -37.35 -11.02 4.10
CA LEU B 273 -37.02 -11.21 2.68
C LEU B 273 -37.85 -12.32 2.09
N ARG B 274 -38.17 -13.31 2.92
CA ARG B 274 -38.87 -14.47 2.43
C ARG B 274 -40.26 -14.14 1.96
N THR B 275 -40.81 -13.03 2.47
CA THR B 275 -42.19 -12.65 2.17
C THR B 275 -42.34 -11.65 1.02
N ARG B 276 -41.26 -11.33 0.33
CA ARG B 276 -41.36 -10.47 -0.83
C ARG B 276 -41.59 -11.32 -2.07
N PRO B 277 -42.40 -10.82 -3.01
CA PRO B 277 -42.59 -11.43 -4.32
C PRO B 277 -41.27 -11.71 -5.04
N ALA B 278 -41.10 -12.91 -5.60
CA ALA B 278 -39.86 -13.28 -6.27
C ALA B 278 -39.38 -12.25 -7.29
N GLN B 279 -40.34 -11.72 -8.04
CA GLN B 279 -40.01 -10.74 -9.06
C GLN B 279 -39.46 -9.45 -8.45
N ASP B 280 -39.74 -9.19 -7.17
CA ASP B 280 -39.20 -7.98 -6.54
C ASP B 280 -37.69 -8.11 -6.32
N LEU B 281 -37.29 -9.28 -5.85
CA LEU B 281 -35.89 -9.58 -5.65
C LEU B 281 -35.22 -9.45 -6.98
N VAL B 282 -35.80 -10.07 -8.00
CA VAL B 282 -35.21 -9.94 -9.33
C VAL B 282 -35.09 -8.49 -9.83
N ASP B 283 -36.12 -7.68 -9.60
CA ASP B 283 -36.11 -6.27 -10.00
C ASP B 283 -34.95 -5.50 -9.38
N HIS B 284 -34.80 -5.62 -8.07
CA HIS B 284 -33.75 -4.84 -7.42
C HIS B 284 -32.40 -5.53 -7.45
N GLU B 285 -32.35 -6.69 -8.08
CA GLU B 285 -31.13 -7.50 -8.05
C GLU B 285 -29.91 -6.79 -8.60
N TRP B 286 -30.12 -5.99 -9.64
CA TRP B 286 -28.99 -5.46 -10.39
C TRP B 286 -28.39 -4.20 -9.76
N HIS B 287 -28.98 -3.72 -8.66
CA HIS B 287 -28.56 -2.48 -8.02
C HIS B 287 -27.43 -2.59 -6.99
N VAL B 288 -27.12 -3.79 -6.56
CA VAL B 288 -26.20 -3.91 -5.42
C VAL B 288 -24.71 -3.97 -5.82
N LEU B 289 -24.43 -3.81 -7.10
CA LEU B 289 -23.05 -3.88 -7.58
C LEU B 289 -22.27 -2.62 -7.24
N PRO B 290 -21.02 -2.78 -6.77
CA PRO B 290 -20.15 -1.68 -6.31
C PRO B 290 -19.83 -0.63 -7.38
N GLN B 291 -19.45 -1.08 -8.58
CA GLN B 291 -19.09 -0.17 -9.68
C GLN B 291 -19.88 -0.48 -10.94
N GLU B 292 -19.65 0.32 -11.98
CA GLU B 292 -20.21 0.03 -13.30
C GLU B 292 -19.37 -1.10 -13.90
N SER B 293 -20.03 -2.17 -14.34
CA SER B 293 -19.29 -3.37 -14.76
C SER B 293 -19.87 -4.20 -15.92
N ILE B 294 -19.00 -5.06 -16.45
CA ILE B 294 -19.26 -5.83 -17.67
C ILE B 294 -19.46 -7.32 -17.36
N PHE B 295 -18.42 -7.96 -16.85
CA PHE B 295 -18.55 -9.22 -16.11
C PHE B 295 -18.98 -8.73 -14.73
N ARG B 296 -18.74 -9.45 -13.64
CA ARG B 296 -19.16 -8.93 -12.32
C ARG B 296 -20.69 -8.86 -12.09
N PHE B 297 -21.26 -10.02 -11.75
CA PHE B 297 -22.68 -10.14 -11.40
C PHE B 297 -22.91 -10.14 -9.87
N SER B 298 -24.07 -9.64 -9.44
CA SER B 298 -24.41 -9.38 -8.02
C SER B 298 -24.28 -10.50 -6.99
N PHE B 299 -25.00 -11.59 -7.20
CA PHE B 299 -24.98 -12.69 -6.25
C PHE B 299 -24.35 -13.94 -6.84
N VAL B 300 -23.29 -14.41 -6.19
CA VAL B 300 -22.49 -15.53 -6.70
C VAL B 300 -22.10 -16.42 -5.54
N PRO B 301 -21.37 -17.52 -5.81
CA PRO B 301 -20.82 -18.30 -4.70
C PRO B 301 -20.03 -17.43 -3.72
N VAL B 302 -20.09 -17.74 -2.44
CA VAL B 302 -19.39 -16.95 -1.45
C VAL B 302 -18.38 -17.83 -0.73
N VAL B 303 -17.23 -17.29 -0.35
CA VAL B 303 -16.27 -18.09 0.38
C VAL B 303 -16.68 -17.92 1.83
N ASP B 304 -17.33 -18.97 2.33
CA ASP B 304 -18.01 -18.96 3.63
C ASP B 304 -17.19 -19.57 4.76
N GLY B 305 -16.14 -20.29 4.38
CA GLY B 305 -15.48 -21.18 5.32
C GLY B 305 -16.16 -22.53 5.42
N ASP B 306 -17.17 -22.78 4.57
CA ASP B 306 -17.86 -24.07 4.58
C ASP B 306 -17.77 -24.80 3.23
N PHE B 307 -18.55 -24.37 2.23
CA PHE B 307 -18.55 -25.04 0.94
C PHE B 307 -17.18 -24.90 0.30
N LEU B 308 -16.60 -23.71 0.42
CA LEU B 308 -15.20 -23.50 0.10
C LEU B 308 -14.50 -23.19 1.43
N SER B 309 -13.48 -23.98 1.77
CA SER B 309 -12.76 -23.83 3.03
C SER B 309 -11.87 -22.59 3.05
N ASP B 310 -11.36 -22.22 1.87
CA ASP B 310 -10.63 -20.98 1.66
C ASP B 310 -10.98 -20.51 0.26
N THR B 311 -10.45 -19.37 -0.12
CA THR B 311 -10.66 -18.82 -1.45
C THR B 311 -10.12 -19.76 -2.51
N PRO B 312 -10.79 -19.85 -3.65
CA PRO B 312 -10.38 -20.71 -4.75
C PRO B 312 -8.91 -20.56 -5.11
N GLU B 313 -8.38 -19.34 -4.98
CA GLU B 313 -6.95 -19.14 -5.19
C GLU B 313 -6.16 -20.07 -4.29
N ALA B 314 -6.45 -20.01 -2.99
CA ALA B 314 -5.70 -20.77 -2.02
C ALA B 314 -5.89 -22.25 -2.23
N LEU B 315 -7.08 -22.63 -2.72
CA LEU B 315 -7.41 -24.04 -2.85
C LEU B 315 -6.77 -24.68 -4.07
N ILE B 316 -6.68 -23.94 -5.17
CA ILE B 316 -6.00 -24.46 -6.35
C ILE B 316 -4.48 -24.27 -6.24
N ASN B 317 -4.06 -23.45 -5.27
CA ASN B 317 -2.64 -23.37 -4.96
C ASN B 317 -2.10 -24.46 -4.02
N THR B 318 -2.83 -24.79 -2.97
CA THR B 318 -2.39 -25.86 -2.06
C THR B 318 -3.03 -27.20 -2.32
N GLY B 319 -4.01 -27.27 -3.21
CA GLY B 319 -4.83 -28.47 -3.34
C GLY B 319 -4.09 -29.69 -3.86
N ASP B 320 -4.39 -30.88 -3.36
CA ASP B 320 -3.76 -32.08 -3.91
C ASP B 320 -4.61 -32.72 -5.00
N PHE B 321 -4.11 -32.62 -6.23
CA PHE B 321 -4.87 -32.99 -7.42
C PHE B 321 -4.61 -34.37 -8.04
N GLN B 322 -3.97 -35.24 -7.26
CA GLN B 322 -3.39 -36.50 -7.73
C GLN B 322 -4.24 -37.21 -8.77
N ASP B 323 -5.40 -37.73 -8.39
CA ASP B 323 -6.22 -38.32 -9.43
C ASP B 323 -7.30 -37.34 -9.79
N LEU B 324 -7.04 -36.61 -10.87
CA LEU B 324 -8.00 -35.69 -11.44
C LEU B 324 -7.76 -35.62 -12.93
N GLN B 325 -8.81 -35.71 -13.72
CA GLN B 325 -8.69 -35.47 -15.15
C GLN B 325 -9.60 -34.30 -15.51
N VAL B 326 -9.01 -33.30 -16.17
CA VAL B 326 -9.72 -32.08 -16.48
C VAL B 326 -9.57 -31.70 -17.94
N LEU B 327 -10.66 -31.36 -18.60
CA LEU B 327 -10.56 -30.82 -19.94
C LEU B 327 -11.03 -29.39 -19.89
N VAL B 328 -10.09 -28.44 -20.01
CA VAL B 328 -10.40 -27.01 -19.91
C VAL B 328 -10.14 -26.27 -21.21
N GLY B 329 -10.83 -25.16 -21.40
CA GLY B 329 -10.49 -24.38 -22.57
C GLY B 329 -11.29 -23.12 -22.77
N VAL B 330 -10.94 -22.36 -23.80
CA VAL B 330 -11.65 -21.12 -24.08
C VAL B 330 -12.13 -21.04 -25.53
N VAL B 331 -13.03 -20.10 -25.82
CA VAL B 331 -13.33 -19.81 -27.22
C VAL B 331 -12.46 -18.66 -27.71
N LYS B 332 -12.57 -18.35 -29.01
CA LYS B 332 -11.55 -17.50 -29.64
C LYS B 332 -11.61 -16.05 -29.16
N ASP B 333 -12.75 -15.40 -29.31
CA ASP B 333 -12.89 -14.07 -28.75
C ASP B 333 -13.92 -14.16 -27.64
N GLU B 334 -13.45 -14.12 -26.41
CA GLU B 334 -14.33 -14.24 -25.24
C GLU B 334 -15.10 -12.95 -24.97
N GLY B 335 -14.36 -11.85 -24.91
CA GLY B 335 -14.87 -10.61 -24.36
C GLY B 335 -15.97 -9.93 -25.15
N SER B 336 -15.96 -10.18 -26.47
CA SER B 336 -16.82 -9.49 -27.43
C SER B 336 -18.28 -9.41 -27.02
N TYR B 337 -18.86 -10.57 -26.75
CA TYR B 337 -20.26 -10.70 -26.36
C TYR B 337 -20.65 -9.69 -25.29
N PHE B 338 -19.74 -9.48 -24.33
CA PHE B 338 -20.05 -8.69 -23.16
C PHE B 338 -20.02 -7.21 -23.41
N LEU B 339 -19.24 -6.78 -24.39
CA LEU B 339 -19.03 -5.35 -24.58
C LEU B 339 -20.31 -4.58 -24.90
N VAL B 340 -21.25 -5.23 -25.56
CA VAL B 340 -22.48 -4.56 -25.97
C VAL B 340 -23.43 -4.36 -24.79
N TYR B 341 -23.06 -4.96 -23.68
CA TYR B 341 -23.83 -4.87 -22.45
C TYR B 341 -23.48 -3.63 -21.65
N GLY B 342 -22.94 -2.63 -22.33
CA GLY B 342 -22.64 -1.35 -21.69
C GLY B 342 -21.26 -0.73 -21.65
N VAL B 343 -20.28 -1.31 -22.33
CA VAL B 343 -19.18 -0.46 -22.76
C VAL B 343 -19.74 0.42 -23.87
N PRO B 344 -19.65 1.74 -23.72
CA PRO B 344 -20.13 2.63 -24.76
C PRO B 344 -19.43 2.41 -26.09
N GLY B 345 -20.20 2.36 -27.16
CA GLY B 345 -19.68 2.38 -28.50
C GLY B 345 -19.74 1.00 -29.11
N PHE B 346 -20.26 0.04 -28.36
CA PHE B 346 -20.33 -1.31 -28.86
C PHE B 346 -21.78 -1.73 -29.06
N SER B 347 -22.15 -1.97 -30.31
CA SER B 347 -23.47 -2.46 -30.66
C SER B 347 -23.30 -3.75 -31.46
N LYS B 348 -24.37 -4.51 -31.64
CA LYS B 348 -24.34 -5.64 -32.56
C LYS B 348 -24.58 -5.12 -33.98
N ASP B 349 -25.09 -3.90 -34.07
CA ASP B 349 -25.51 -3.31 -35.34
C ASP B 349 -24.38 -2.61 -36.08
N ASN B 350 -23.95 -1.46 -35.59
CA ASN B 350 -22.74 -0.86 -36.14
C ASN B 350 -21.56 -1.77 -35.85
N GLU B 351 -20.50 -1.69 -36.61
CA GLU B 351 -19.41 -2.64 -36.43
C GLU B 351 -18.41 -2.16 -35.36
N SER B 352 -18.79 -1.10 -34.67
CA SER B 352 -18.24 -0.75 -33.36
C SER B 352 -16.78 -0.30 -33.37
N LEU B 353 -16.39 0.44 -34.39
CA LEU B 353 -15.10 1.11 -34.37
C LEU B 353 -15.22 2.22 -33.34
N ILE B 354 -14.23 2.33 -32.46
CA ILE B 354 -14.38 3.23 -31.32
C ILE B 354 -13.27 4.28 -31.25
N SER B 355 -13.50 5.33 -30.45
CA SER B 355 -12.49 6.37 -30.26
C SER B 355 -11.41 5.84 -29.33
N ARG B 356 -10.36 6.62 -29.10
CA ARG B 356 -9.35 6.19 -28.11
C ARG B 356 -9.90 6.39 -26.71
N ALA B 357 -10.55 7.53 -26.50
CA ALA B 357 -11.13 7.85 -25.20
C ALA B 357 -12.21 6.83 -24.82
N GLN B 358 -12.93 6.36 -25.83
CA GLN B 358 -13.89 5.29 -25.63
C GLN B 358 -13.21 4.08 -25.02
N PHE B 359 -12.12 3.64 -25.64
CA PHE B 359 -11.33 2.51 -25.16
C PHE B 359 -10.86 2.75 -23.74
N LEU B 360 -10.32 3.94 -23.50
CA LEU B 360 -9.80 4.33 -22.20
C LEU B 360 -10.83 4.16 -21.09
N ALA B 361 -12.06 4.57 -21.37
CA ALA B 361 -13.12 4.47 -20.36
C ALA B 361 -13.69 3.05 -20.27
N GLY B 362 -13.67 2.37 -21.41
CA GLY B 362 -14.11 1.00 -21.50
C GLY B 362 -13.25 0.13 -20.61
N VAL B 363 -11.95 0.44 -20.55
CA VAL B 363 -11.06 -0.28 -19.66
C VAL B 363 -11.52 -0.10 -18.22
N ARG B 364 -11.82 1.15 -17.86
CA ARG B 364 -12.33 1.44 -16.51
C ARG B 364 -13.56 0.61 -16.22
N ILE B 365 -14.38 0.41 -17.24
CA ILE B 365 -15.58 -0.39 -17.05
C ILE B 365 -15.30 -1.89 -16.88
N GLY B 366 -14.58 -2.49 -17.81
CA GLY B 366 -14.41 -3.94 -17.81
C GLY B 366 -13.41 -4.45 -16.79
N VAL B 367 -12.58 -3.57 -16.25
CA VAL B 367 -11.70 -3.93 -15.13
C VAL B 367 -12.02 -2.94 -14.03
N PRO B 368 -13.19 -3.08 -13.43
CA PRO B 368 -13.73 -2.04 -12.54
C PRO B 368 -12.95 -1.95 -11.22
N GLN B 369 -12.34 -3.04 -10.79
CA GLN B 369 -11.62 -3.05 -9.52
C GLN B 369 -10.23 -2.44 -9.68
N ALA B 370 -9.90 -2.06 -10.90
CA ALA B 370 -8.58 -1.48 -11.15
C ALA B 370 -8.47 -0.05 -10.65
N SER B 371 -7.33 0.27 -10.03
CA SER B 371 -7.03 1.65 -9.66
C SER B 371 -6.60 2.39 -10.91
N ASP B 372 -6.33 3.69 -10.79
CA ASP B 372 -5.88 4.49 -11.92
C ASP B 372 -4.62 3.91 -12.54
N LEU B 373 -3.71 3.46 -11.69
CA LEU B 373 -2.43 2.92 -12.13
C LEU B 373 -2.60 1.56 -12.83
N ALA B 374 -3.31 0.64 -12.20
CA ALA B 374 -3.59 -0.66 -12.81
C ALA B 374 -4.25 -0.45 -14.15
N ALA B 375 -5.14 0.53 -14.23
CA ALA B 375 -5.75 0.89 -15.50
C ALA B 375 -4.70 1.35 -16.51
N GLU B 376 -3.81 2.24 -16.07
CA GLU B 376 -2.73 2.74 -16.92
C GLU B 376 -1.88 1.59 -17.46
N ALA B 377 -1.76 0.56 -16.64
CA ALA B 377 -1.00 -0.63 -16.96
C ALA B 377 -1.74 -1.45 -18.02
N VAL B 378 -3.04 -1.58 -17.86
CA VAL B 378 -3.83 -2.35 -18.80
C VAL B 378 -3.80 -1.64 -20.16
N VAL B 379 -3.94 -0.32 -20.14
CA VAL B 379 -3.94 0.45 -21.37
C VAL B 379 -2.59 0.37 -22.06
N LEU B 380 -1.53 0.66 -21.31
CA LEU B 380 -0.17 0.52 -21.84
C LEU B 380 0.03 -0.84 -22.48
N HIS B 381 -0.48 -1.88 -21.84
CA HIS B 381 -0.30 -3.24 -22.34
C HIS B 381 -1.05 -3.49 -23.65
N TYR B 382 -2.31 -3.06 -23.72
CA TYR B 382 -3.19 -3.39 -24.88
C TYR B 382 -3.18 -2.36 -26.01
N THR B 383 -2.57 -1.21 -25.79
CA THR B 383 -2.44 -0.17 -26.81
C THR B 383 -1.39 -0.57 -27.82
N ASP B 384 -1.67 -0.42 -29.12
CA ASP B 384 -0.57 -0.46 -30.09
C ASP B 384 0.00 0.94 -30.30
N TRP B 385 1.22 1.15 -29.84
CA TRP B 385 1.75 2.50 -29.69
C TRP B 385 2.21 3.10 -30.99
N LEU B 386 2.31 2.26 -32.00
CA LEU B 386 2.70 2.74 -33.30
C LEU B 386 1.50 3.43 -33.95
N HIS B 387 0.30 2.89 -33.69
CA HIS B 387 -0.96 3.50 -34.12
C HIS B 387 -2.00 3.55 -32.99
N PRO B 388 -1.78 4.44 -32.02
CA PRO B 388 -2.61 4.56 -30.81
C PRO B 388 -4.09 4.91 -31.05
N GLU B 389 -4.42 5.49 -32.20
CA GLU B 389 -5.78 5.92 -32.50
C GLU B 389 -6.64 4.98 -33.37
N ASP B 390 -6.03 3.92 -33.88
CA ASP B 390 -6.71 3.05 -34.85
C ASP B 390 -7.93 2.35 -34.23
N PRO B 391 -9.14 2.70 -34.70
CA PRO B 391 -10.41 2.25 -34.13
C PRO B 391 -10.61 0.75 -34.18
N THR B 392 -10.24 0.12 -35.29
CA THR B 392 -10.36 -1.32 -35.41
C THR B 392 -9.55 -2.01 -34.32
N HIS B 393 -8.29 -1.61 -34.15
CA HIS B 393 -7.46 -2.18 -33.09
C HIS B 393 -8.06 -1.90 -31.73
N LEU B 394 -8.34 -0.63 -31.41
CA LEU B 394 -8.92 -0.29 -30.12
C LEU B 394 -10.13 -1.16 -29.78
N ARG B 395 -10.98 -1.42 -30.76
CA ARG B 395 -12.13 -2.29 -30.56
C ARG B 395 -11.69 -3.70 -30.23
N ASP B 396 -10.90 -4.30 -31.13
CA ASP B 396 -10.54 -5.70 -30.96
C ASP B 396 -9.79 -5.91 -29.65
N ALA B 397 -9.04 -4.88 -29.28
CA ALA B 397 -8.22 -4.87 -28.09
C ALA B 397 -9.09 -4.75 -26.86
N MET B 398 -10.12 -3.93 -26.89
CA MET B 398 -11.05 -3.89 -25.77
C MET B 398 -11.77 -5.25 -25.55
N SER B 399 -12.19 -5.89 -26.65
CA SER B 399 -12.70 -7.26 -26.55
C SER B 399 -11.67 -8.20 -25.90
N ALA B 400 -10.42 -8.02 -26.28
CA ALA B 400 -9.35 -8.81 -25.70
C ALA B 400 -9.13 -8.52 -24.21
N VAL B 401 -9.31 -7.27 -23.79
CA VAL B 401 -9.08 -6.90 -22.40
C VAL B 401 -10.10 -7.62 -21.56
N VAL B 402 -11.37 -7.42 -21.89
CA VAL B 402 -12.42 -8.06 -21.12
C VAL B 402 -12.31 -9.58 -21.12
N GLY B 403 -12.02 -10.17 -22.28
CA GLY B 403 -11.85 -11.61 -22.38
C GLY B 403 -10.67 -12.20 -21.60
N ASP B 404 -9.50 -11.60 -21.79
CA ASP B 404 -8.29 -12.07 -21.12
C ASP B 404 -8.49 -11.98 -19.63
N HIS B 405 -9.03 -10.85 -19.16
CA HIS B 405 -9.20 -10.63 -17.72
C HIS B 405 -10.17 -11.61 -17.08
N ASN B 406 -11.40 -11.69 -17.61
CA ASN B 406 -12.42 -12.53 -16.98
C ASN B 406 -12.40 -14.04 -17.26
N VAL B 407 -11.93 -14.42 -18.44
CA VAL B 407 -11.86 -15.83 -18.78
C VAL B 407 -10.47 -16.39 -19.09
N VAL B 408 -9.82 -15.91 -20.15
CA VAL B 408 -8.65 -16.62 -20.66
C VAL B 408 -7.53 -16.82 -19.64
N CYS B 409 -7.04 -15.73 -19.06
CA CYS B 409 -6.00 -15.84 -18.04
C CYS B 409 -6.37 -16.62 -16.77
N PRO B 410 -7.61 -16.46 -16.26
CA PRO B 410 -8.09 -17.39 -15.25
C PRO B 410 -7.97 -18.85 -15.67
N VAL B 411 -8.42 -19.16 -16.90
CA VAL B 411 -8.41 -20.52 -17.41
C VAL B 411 -6.99 -21.05 -17.42
N ALA B 412 -6.09 -20.26 -17.98
CA ALA B 412 -4.69 -20.61 -18.01
C ALA B 412 -4.13 -20.83 -16.62
N GLN B 413 -4.44 -19.93 -15.68
CA GLN B 413 -3.97 -20.09 -14.32
C GLN B 413 -4.45 -21.40 -13.68
N LEU B 414 -5.75 -21.70 -13.77
CA LEU B 414 -6.26 -22.96 -13.26
C LEU B 414 -5.54 -24.14 -13.93
N ALA B 415 -5.40 -24.08 -15.26
CA ALA B 415 -4.72 -25.14 -16.00
C ALA B 415 -3.36 -25.44 -15.41
N GLY B 416 -2.48 -24.46 -15.45
CA GLY B 416 -1.15 -24.60 -14.87
C GLY B 416 -1.10 -25.01 -13.40
N ARG B 417 -2.02 -24.51 -12.58
CA ARG B 417 -2.02 -24.85 -11.16
C ARG B 417 -2.42 -26.30 -10.97
N LEU B 418 -3.37 -26.76 -11.77
CA LEU B 418 -3.84 -28.12 -11.66
C LEU B 418 -2.75 -29.06 -12.15
N ALA B 419 -2.05 -28.66 -13.21
CA ALA B 419 -0.94 -29.47 -13.72
C ALA B 419 0.17 -29.59 -12.69
N ALA B 420 0.53 -28.48 -12.05
CA ALA B 420 1.60 -28.47 -11.05
C ALA B 420 1.29 -29.35 -9.83
N GLN B 421 0.01 -29.61 -9.60
CA GLN B 421 -0.41 -30.48 -8.49
C GLN B 421 -0.64 -31.96 -8.84
N GLY B 422 -0.25 -32.35 -10.04
CA GLY B 422 -0.36 -33.73 -10.44
C GLY B 422 -1.75 -34.07 -10.91
N ALA B 423 -2.31 -33.21 -11.74
CA ALA B 423 -3.54 -33.55 -12.45
C ALA B 423 -3.23 -33.68 -13.94
N ARG B 424 -3.99 -34.53 -14.62
CA ARG B 424 -3.93 -34.64 -16.07
C ARG B 424 -4.88 -33.63 -16.66
N VAL B 425 -4.36 -32.76 -17.52
CA VAL B 425 -5.13 -31.62 -17.99
C VAL B 425 -5.03 -31.50 -19.50
N TYR B 426 -6.16 -31.31 -20.17
CA TYR B 426 -6.12 -31.09 -21.61
C TYR B 426 -6.73 -29.73 -21.93
N ALA B 427 -5.96 -28.89 -22.62
CA ALA B 427 -6.39 -27.53 -22.93
C ALA B 427 -6.82 -27.39 -24.39
N TYR B 428 -7.81 -26.55 -24.64
CA TYR B 428 -8.29 -26.36 -26.01
C TYR B 428 -8.72 -24.93 -26.25
N ILE B 429 -8.49 -24.44 -27.46
CA ILE B 429 -9.01 -23.14 -27.84
C ILE B 429 -9.87 -23.28 -29.08
N PHE B 430 -11.09 -22.75 -29.03
CA PHE B 430 -12.09 -23.03 -30.03
C PHE B 430 -12.12 -21.92 -31.10
N GLU B 431 -11.65 -22.23 -32.30
CA GLU B 431 -11.41 -21.20 -33.31
C GLU B 431 -12.55 -20.97 -34.29
N HIS B 432 -13.55 -21.85 -34.27
CA HIS B 432 -14.54 -21.86 -35.36
C HIS B 432 -15.85 -21.12 -35.08
N ARG B 433 -16.16 -20.15 -35.94
CA ARG B 433 -17.37 -19.37 -35.84
C ARG B 433 -18.48 -20.01 -36.64
N ALA B 434 -19.58 -20.35 -35.97
CA ALA B 434 -20.70 -21.00 -36.66
C ALA B 434 -21.29 -20.08 -37.73
N SER B 435 -21.81 -20.71 -38.78
CA SER B 435 -22.43 -20.01 -39.90
C SER B 435 -23.83 -19.56 -39.50
N THR B 436 -24.36 -20.21 -38.48
CA THR B 436 -25.69 -19.94 -37.96
C THR B 436 -25.66 -18.78 -36.95
N LEU B 437 -24.49 -18.18 -36.78
CA LEU B 437 -24.31 -17.09 -35.83
C LEU B 437 -25.02 -15.79 -36.25
N THR B 438 -25.88 -15.31 -35.37
CA THR B 438 -26.69 -14.13 -35.65
C THR B 438 -25.97 -12.86 -35.24
N TRP B 439 -24.86 -13.02 -34.51
CA TRP B 439 -24.07 -11.91 -34.03
C TRP B 439 -23.14 -11.45 -35.12
N PRO B 440 -22.85 -10.14 -35.17
CA PRO B 440 -22.00 -9.54 -36.21
C PRO B 440 -20.63 -10.21 -36.23
N LEU B 441 -19.89 -10.07 -37.32
CA LEU B 441 -18.63 -10.80 -37.41
C LEU B 441 -17.52 -10.24 -36.52
N TRP B 442 -17.63 -8.97 -36.13
CA TRP B 442 -16.58 -8.37 -35.32
C TRP B 442 -16.47 -9.03 -33.94
N MET B 443 -17.50 -9.79 -33.58
CA MET B 443 -17.51 -10.52 -32.31
C MET B 443 -16.88 -11.88 -32.47
N GLY B 444 -16.38 -12.20 -33.65
CA GLY B 444 -15.61 -13.42 -33.83
C GLY B 444 -16.37 -14.65 -33.39
N VAL B 445 -15.78 -15.36 -32.42
CA VAL B 445 -16.32 -16.60 -31.91
C VAL B 445 -16.71 -16.37 -30.46
N PRO B 446 -17.88 -15.73 -30.23
CA PRO B 446 -18.22 -15.16 -28.93
C PRO B 446 -18.39 -16.20 -27.85
N HIS B 447 -18.36 -15.73 -26.61
CA HIS B 447 -18.48 -16.55 -25.43
C HIS B 447 -19.71 -17.46 -25.56
N GLY B 448 -19.54 -18.73 -25.23
CA GLY B 448 -20.67 -19.64 -25.16
C GLY B 448 -21.14 -20.28 -26.44
N TYR B 449 -20.52 -19.96 -27.58
CA TYR B 449 -20.93 -20.54 -28.87
C TYR B 449 -20.25 -21.83 -29.31
N GLU B 450 -19.43 -22.40 -28.43
CA GLU B 450 -18.91 -23.73 -28.68
C GLU B 450 -19.85 -24.80 -28.12
N ILE B 451 -20.91 -24.36 -27.44
CA ILE B 451 -21.90 -25.30 -26.89
C ILE B 451 -22.75 -25.95 -27.98
N GLU B 452 -23.14 -25.16 -28.99
CA GLU B 452 -23.91 -25.67 -30.13
C GLU B 452 -23.28 -26.94 -30.67
N PHE B 453 -21.95 -26.91 -30.78
CA PHE B 453 -21.19 -27.98 -31.38
C PHE B 453 -20.90 -29.15 -30.45
N ILE B 454 -20.56 -28.90 -29.20
CA ILE B 454 -20.34 -30.01 -28.26
C ILE B 454 -21.60 -30.87 -28.10
N PHE B 455 -22.77 -30.22 -28.17
CA PHE B 455 -24.04 -30.92 -27.92
C PHE B 455 -24.57 -31.62 -29.16
N GLY B 456 -23.85 -31.49 -30.26
CA GLY B 456 -24.14 -32.21 -31.48
C GLY B 456 -25.32 -31.65 -32.24
N LEU B 457 -25.60 -30.37 -32.02
CA LEU B 457 -26.66 -29.67 -32.74
C LEU B 457 -26.57 -29.59 -34.29
N PRO B 458 -25.37 -29.57 -34.88
CA PRO B 458 -25.37 -29.63 -36.35
C PRO B 458 -25.88 -30.96 -36.97
N LEU B 459 -25.89 -32.03 -36.19
CA LEU B 459 -26.43 -33.32 -36.63
C LEU B 459 -27.93 -33.22 -36.91
N ASP B 460 -28.57 -32.20 -36.36
CA ASP B 460 -29.95 -31.89 -36.72
C ASP B 460 -29.97 -31.24 -38.10
N PRO B 461 -30.59 -31.94 -39.07
CA PRO B 461 -30.51 -31.49 -40.46
C PRO B 461 -31.24 -30.17 -40.68
N SER B 462 -32.42 -30.05 -40.08
CA SER B 462 -33.31 -28.93 -40.31
C SER B 462 -32.78 -27.61 -39.78
N LEU B 463 -31.64 -27.66 -39.07
CA LEU B 463 -31.04 -26.47 -38.47
C LEU B 463 -30.17 -25.63 -39.42
N ASN B 464 -29.92 -26.15 -40.63
CA ASN B 464 -29.12 -25.44 -41.64
C ASN B 464 -27.62 -25.26 -41.35
N TYR B 465 -27.01 -26.26 -40.71
CA TYR B 465 -25.56 -26.26 -40.55
C TYR B 465 -24.89 -26.76 -41.82
N THR B 466 -23.65 -26.33 -42.07
CA THR B 466 -22.88 -26.88 -43.18
C THR B 466 -22.49 -28.33 -42.87
N THR B 467 -22.11 -29.10 -43.89
CA THR B 467 -21.85 -30.53 -43.67
C THR B 467 -20.55 -30.77 -42.90
N GLU B 468 -19.49 -30.08 -43.29
CA GLU B 468 -18.24 -30.14 -42.55
C GLU B 468 -18.46 -29.68 -41.11
N GLU B 469 -19.47 -28.86 -40.89
CA GLU B 469 -19.85 -28.47 -39.54
C GLU B 469 -20.40 -29.63 -38.71
N ARG B 470 -21.16 -30.54 -39.33
CA ARG B 470 -21.66 -31.69 -38.56
C ARG B 470 -20.60 -32.78 -38.42
N ILE B 471 -19.66 -32.84 -39.36
CA ILE B 471 -18.56 -33.77 -39.17
C ILE B 471 -17.64 -33.25 -38.04
N PHE B 472 -17.55 -31.92 -37.96
CA PHE B 472 -16.91 -31.23 -36.85
C PHE B 472 -17.62 -31.58 -35.54
N ALA B 473 -18.95 -31.45 -35.54
CA ALA B 473 -19.76 -31.77 -34.36
C ALA B 473 -19.46 -33.18 -33.86
N GLN B 474 -19.52 -34.15 -34.78
CA GLN B 474 -19.21 -35.54 -34.45
C GLN B 474 -17.80 -35.65 -33.86
N ARG B 475 -16.85 -34.92 -34.44
CA ARG B 475 -15.49 -34.87 -33.92
C ARG B 475 -15.53 -34.52 -32.44
N LEU B 476 -16.18 -33.40 -32.14
CA LEU B 476 -16.20 -32.86 -30.78
C LEU B 476 -16.86 -33.78 -29.77
N MET B 477 -17.98 -34.39 -30.18
CA MET B 477 -18.69 -35.34 -29.31
C MET B 477 -17.80 -36.54 -29.00
N LYS B 478 -17.10 -37.03 -30.03
CA LYS B 478 -16.12 -38.10 -29.84
C LYS B 478 -15.07 -37.68 -28.82
N TYR B 479 -14.58 -36.45 -28.95
CA TYR B 479 -13.59 -35.90 -28.03
C TYR B 479 -14.08 -35.95 -26.58
N TRP B 480 -15.22 -35.30 -26.36
CA TRP B 480 -15.75 -35.15 -25.01
C TRP B 480 -16.06 -36.51 -24.38
N THR B 481 -16.69 -37.40 -25.14
CA THR B 481 -17.07 -38.71 -24.62
C THR B 481 -15.87 -39.62 -24.35
N ASN B 482 -14.88 -39.56 -25.25
CA ASN B 482 -13.60 -40.25 -25.04
C ASN B 482 -12.97 -39.81 -23.73
N PHE B 483 -13.05 -38.51 -23.45
CA PHE B 483 -12.57 -38.01 -22.16
C PHE B 483 -13.40 -38.52 -20.98
N ALA B 484 -14.71 -38.56 -21.17
CA ALA B 484 -15.64 -39.05 -20.15
C ALA B 484 -15.25 -40.46 -19.71
N ARG B 485 -15.14 -41.39 -20.67
CA ARG B 485 -14.76 -42.77 -20.36
C ARG B 485 -13.29 -42.93 -19.89
N THR B 486 -12.35 -42.39 -20.65
CA THR B 486 -10.93 -42.60 -20.38
C THR B 486 -10.34 -41.73 -19.28
N GLY B 487 -10.71 -40.44 -19.28
CA GLY B 487 -9.88 -39.42 -18.67
C GLY B 487 -8.77 -39.05 -19.64
N ASP B 488 -9.17 -38.92 -20.91
CA ASP B 488 -8.26 -38.65 -22.02
C ASP B 488 -9.16 -38.49 -23.25
N PRO B 489 -8.95 -37.39 -24.01
CA PRO B 489 -9.76 -36.98 -25.17
C PRO B 489 -9.55 -37.81 -26.41
N ASN B 490 -8.48 -38.59 -26.47
CA ASN B 490 -8.10 -39.25 -27.72
C ASN B 490 -8.78 -40.58 -28.01
N ASP B 491 -8.51 -41.11 -29.20
CA ASP B 491 -8.94 -42.45 -29.56
C ASP B 491 -8.00 -43.42 -28.87
N PRO B 492 -8.56 -44.55 -28.39
CA PRO B 492 -7.77 -45.62 -27.78
C PRO B 492 -6.68 -46.11 -28.74
N ARG B 493 -7.08 -46.28 -30.01
CA ARG B 493 -6.24 -46.88 -31.04
C ARG B 493 -5.77 -45.87 -32.10
N ASP B 494 -6.74 -45.26 -32.78
CA ASP B 494 -6.53 -44.47 -33.98
C ASP B 494 -5.45 -43.38 -33.88
N SER B 495 -4.54 -43.38 -34.86
CA SER B 495 -3.54 -42.32 -34.99
C SER B 495 -3.34 -41.94 -36.46
N LYS B 496 -3.61 -40.70 -36.91
CA LYS B 496 -4.28 -39.56 -36.25
C LYS B 496 -3.66 -39.11 -34.88
N SER B 497 -4.39 -38.48 -33.94
CA SER B 497 -5.47 -37.49 -34.21
C SER B 497 -5.11 -36.29 -35.14
N PRO B 498 -3.87 -35.74 -35.07
CA PRO B 498 -2.66 -36.01 -34.26
C PRO B 498 -2.93 -35.92 -32.76
N GLN B 499 -2.16 -36.68 -31.98
CA GLN B 499 -2.39 -36.85 -30.54
C GLN B 499 -2.56 -35.53 -29.78
N TRP B 500 -3.60 -35.47 -28.96
CA TRP B 500 -3.89 -34.32 -28.12
C TRP B 500 -3.06 -34.52 -26.87
N PRO B 501 -2.01 -33.71 -26.73
CA PRO B 501 -1.01 -33.80 -25.66
C PRO B 501 -1.49 -33.21 -24.35
N PRO B 502 -1.11 -33.83 -23.23
CA PRO B 502 -1.48 -33.22 -21.95
C PRO B 502 -0.77 -31.88 -21.72
N TYR B 503 -1.54 -30.87 -21.33
CA TYR B 503 -0.99 -29.58 -20.93
C TYR B 503 -0.12 -29.83 -19.71
N THR B 504 1.15 -29.39 -19.77
CA THR B 504 2.05 -29.45 -18.63
C THR B 504 2.57 -28.05 -18.36
N THR B 505 3.14 -27.84 -17.18
CA THR B 505 3.63 -26.52 -16.81
C THR B 505 4.85 -26.12 -17.64
N ALA B 506 5.56 -27.12 -18.16
CA ALA B 506 6.75 -26.87 -18.95
C ALA B 506 6.40 -26.66 -20.43
N ALA B 507 5.89 -27.70 -21.07
CA ALA B 507 5.55 -27.64 -22.50
C ALA B 507 4.46 -26.63 -22.80
N GLN B 508 3.42 -26.62 -21.96
CA GLN B 508 2.23 -25.78 -22.12
C GLN B 508 1.50 -26.02 -23.43
N GLN B 509 1.39 -27.28 -23.82
CA GLN B 509 0.72 -27.60 -25.06
C GLN B 509 -0.79 -27.50 -24.89
N TYR B 510 -1.43 -26.76 -25.77
CA TYR B 510 -2.89 -26.75 -25.88
C TYR B 510 -3.27 -26.98 -27.35
N VAL B 511 -4.50 -27.39 -27.61
CA VAL B 511 -4.89 -27.72 -28.98
C VAL B 511 -5.90 -26.74 -29.57
N SER B 512 -5.87 -26.62 -30.89
CA SER B 512 -6.82 -25.77 -31.60
C SER B 512 -7.98 -26.62 -32.09
N LEU B 513 -9.22 -26.22 -31.77
CA LEU B 513 -10.40 -26.93 -32.28
C LEU B 513 -11.05 -26.18 -33.44
N ASN B 514 -10.83 -26.68 -34.64
CA ASN B 514 -11.14 -25.95 -35.85
C ASN B 514 -11.82 -26.89 -36.81
N LEU B 515 -12.25 -26.41 -37.96
CA LEU B 515 -12.76 -27.33 -38.97
C LEU B 515 -11.56 -28.04 -39.55
N LYS B 516 -10.53 -27.27 -39.91
CA LYS B 516 -9.25 -27.84 -40.32
C LYS B 516 -8.72 -28.62 -39.12
N PRO B 517 -7.98 -29.71 -39.38
CA PRO B 517 -7.68 -30.73 -38.36
C PRO B 517 -6.82 -30.23 -37.20
N LEU B 518 -6.77 -31.06 -36.17
CA LEU B 518 -6.16 -30.75 -34.88
C LEU B 518 -4.78 -30.13 -35.04
N GLU B 519 -4.58 -29.00 -34.37
CA GLU B 519 -3.28 -28.32 -34.28
C GLU B 519 -2.85 -28.20 -32.83
N VAL B 520 -1.55 -28.27 -32.58
CA VAL B 520 -1.05 -28.06 -31.23
C VAL B 520 -0.26 -26.76 -31.16
N ARG B 521 -0.71 -25.82 -30.33
CA ARG B 521 0.08 -24.65 -30.01
C ARG B 521 0.66 -24.79 -28.59
N ARG B 522 1.51 -23.84 -28.19
CA ARG B 522 2.08 -23.83 -26.85
C ARG B 522 1.90 -22.45 -26.30
N GLY B 523 1.90 -22.30 -24.98
CA GLY B 523 1.83 -20.98 -24.38
C GLY B 523 0.53 -20.22 -24.60
N LEU B 524 -0.58 -20.76 -24.10
CA LEU B 524 -1.85 -20.02 -24.10
C LEU B 524 -1.62 -18.71 -23.39
N ARG B 525 -1.75 -17.59 -24.09
CA ARG B 525 -1.31 -16.32 -23.47
C ARG B 525 0.17 -16.32 -23.00
N ALA B 526 0.42 -16.57 -21.71
CA ALA B 526 1.75 -16.39 -21.08
C ALA B 526 2.12 -14.92 -20.92
N GLN B 527 2.99 -14.38 -21.76
CA GLN B 527 2.99 -12.94 -21.85
C GLN B 527 1.52 -12.57 -22.04
N THR B 528 1.11 -11.50 -21.37
CA THR B 528 -0.29 -11.07 -21.20
C THR B 528 -1.01 -11.84 -20.09
N CYS B 529 -0.65 -13.07 -19.81
CA CYS B 529 -1.31 -13.72 -18.68
C CYS B 529 -0.44 -13.68 -17.44
N ALA B 530 0.82 -13.36 -17.65
CA ALA B 530 1.74 -13.24 -16.53
C ALA B 530 1.47 -11.86 -16.00
N PHE B 531 1.05 -10.98 -16.89
CA PHE B 531 0.63 -9.64 -16.53
C PHE B 531 -0.48 -9.80 -15.52
N TRP B 532 -1.59 -10.36 -16.00
CA TRP B 532 -2.81 -10.48 -15.22
C TRP B 532 -2.65 -11.32 -13.95
N ASN B 533 -2.02 -12.50 -14.07
CA ASN B 533 -1.90 -13.40 -12.93
C ASN B 533 -0.77 -13.10 -11.95
N ARG B 534 0.41 -12.78 -12.47
CA ARG B 534 1.53 -12.47 -11.60
C ARG B 534 1.54 -10.99 -11.17
N PHE B 535 1.61 -10.09 -12.14
CA PHE B 535 1.97 -8.71 -11.87
C PHE B 535 0.83 -7.80 -11.38
N LEU B 536 -0.21 -7.66 -12.18
CA LEU B 536 -1.33 -6.77 -11.81
C LEU B 536 -1.84 -6.86 -10.36
N PRO B 537 -1.94 -8.07 -9.79
CA PRO B 537 -2.21 -8.17 -8.34
C PRO B 537 -1.24 -7.42 -7.42
N LYS B 538 0.06 -7.52 -7.67
CA LYS B 538 1.07 -6.77 -6.91
C LYS B 538 0.76 -5.29 -7.02
N LEU B 539 0.28 -4.90 -8.19
CA LEU B 539 -0.02 -3.52 -8.52
C LEU B 539 -1.39 -3.06 -8.01
N LEU B 540 -2.28 -4.01 -7.71
CA LEU B 540 -3.59 -3.68 -7.16
C LEU B 540 -3.46 -3.40 -5.67
N SER B 541 -2.49 -4.04 -5.04
CA SER B 541 -1.95 -3.61 -3.74
C SER B 541 -0.97 -2.49 -4.01
N ALA B 542 -0.74 -1.63 -3.01
CA ALA B 542 0.13 -0.46 -3.14
C ALA B 542 -0.48 0.69 -3.97
N THR B 543 -1.64 0.45 -4.57
CA THR B 543 -2.33 1.48 -5.36
C THR B 543 -3.82 1.61 -5.00
N GLU C 4 -62.85 36.43 27.87
CA GLU C 4 -62.88 37.66 28.65
C GLU C 4 -61.52 38.09 29.16
N ASP C 5 -60.72 37.11 29.59
CA ASP C 5 -59.48 37.38 30.31
C ASP C 5 -58.58 38.30 29.51
N PRO C 6 -58.34 39.50 30.04
CA PRO C 6 -57.59 40.53 29.32
C PRO C 6 -56.11 40.20 29.13
N GLN C 7 -55.58 39.28 29.92
CA GLN C 7 -54.19 38.95 29.76
C GLN C 7 -53.94 38.02 28.58
N LEU C 8 -54.97 37.29 28.16
CA LEU C 8 -54.77 36.28 27.13
C LEU C 8 -55.00 36.71 25.69
N LEU C 9 -55.60 37.87 25.45
CA LEU C 9 -55.68 38.36 24.06
C LEU C 9 -54.49 39.26 23.71
N VAL C 10 -53.84 38.94 22.59
CA VAL C 10 -52.61 39.59 22.10
C VAL C 10 -52.71 39.74 20.60
N ARG C 11 -52.26 40.87 20.07
CA ARG C 11 -52.25 41.03 18.63
C ARG C 11 -50.84 40.94 18.08
N VAL C 12 -50.66 40.15 17.02
CA VAL C 12 -49.43 40.11 16.24
C VAL C 12 -49.64 40.62 14.79
N ARG C 13 -48.64 40.50 13.93
CA ARG C 13 -48.73 40.99 12.56
C ARG C 13 -49.82 40.30 11.74
N GLY C 14 -49.98 39.00 11.95
CA GLY C 14 -50.98 38.24 11.21
C GLY C 14 -52.40 38.46 11.67
N GLY C 15 -52.56 38.98 12.88
CA GLY C 15 -53.89 39.21 13.40
C GLY C 15 -53.97 39.05 14.90
N GLN C 16 -55.19 38.91 15.40
CA GLN C 16 -55.42 38.73 16.82
C GLN C 16 -55.38 37.26 17.24
N LEU C 17 -54.85 36.99 18.42
CA LEU C 17 -54.97 35.65 18.98
C LEU C 17 -55.19 35.64 20.50
N ARG C 18 -55.74 34.53 21.01
CA ARG C 18 -56.11 34.41 22.41
C ARG C 18 -55.61 33.10 22.94
N GLY C 19 -54.74 33.18 23.94
CA GLY C 19 -54.10 32.00 24.51
C GLY C 19 -54.81 31.50 25.75
N ILE C 20 -54.14 30.59 26.45
CA ILE C 20 -54.71 29.91 27.59
C ILE C 20 -53.80 30.10 28.84
N ARG C 21 -54.44 30.29 29.98
CA ARG C 21 -53.73 30.48 31.24
C ARG C 21 -53.52 29.11 31.86
N LEU C 22 -52.29 28.63 31.94
CA LEU C 22 -52.06 27.28 32.45
C LEU C 22 -51.43 27.43 33.81
N LYS C 23 -51.61 26.45 34.69
CA LYS C 23 -50.94 26.49 36.00
C LYS C 23 -49.64 25.70 36.04
N ALA C 24 -48.58 26.42 36.39
CA ALA C 24 -47.29 25.85 36.74
C ALA C 24 -47.37 25.58 38.24
N PRO C 25 -46.45 24.74 38.76
CA PRO C 25 -46.62 24.33 40.15
C PRO C 25 -46.60 25.53 41.07
N GLY C 26 -45.85 26.56 40.70
CA GLY C 26 -45.71 27.70 41.60
C GLY C 26 -46.48 28.96 41.28
N GLY C 27 -47.39 28.90 40.32
CA GLY C 27 -48.07 30.09 39.85
C GLY C 27 -48.61 29.82 38.47
N PRO C 28 -49.32 30.77 37.87
CA PRO C 28 -49.75 30.45 36.51
C PRO C 28 -48.76 30.98 35.48
N VAL C 29 -48.98 30.62 34.23
CA VAL C 29 -48.21 31.09 33.09
C VAL C 29 -49.24 31.37 32.02
N SER C 30 -48.85 32.21 31.06
CA SER C 30 -49.64 32.47 29.86
C SER C 30 -49.05 31.61 28.76
N ALA C 31 -49.92 31.00 27.95
CA ALA C 31 -49.44 30.18 26.86
C ALA C 31 -50.22 30.43 25.59
N PHE C 32 -49.49 30.62 24.49
CA PHE C 32 -50.13 30.76 23.20
C PHE C 32 -49.57 29.65 22.33
N LEU C 33 -50.41 28.69 22.00
CA LEU C 33 -49.94 27.49 21.32
C LEU C 33 -50.56 27.37 19.94
N GLY C 34 -49.73 27.02 18.97
CA GLY C 34 -50.22 26.72 17.64
C GLY C 34 -50.51 27.96 16.83
N ILE C 35 -49.69 28.99 17.04
CA ILE C 35 -49.75 30.19 16.23
C ILE C 35 -49.12 29.87 14.90
N PRO C 36 -49.88 30.03 13.80
CA PRO C 36 -49.34 29.69 12.47
C PRO C 36 -48.30 30.69 12.00
N PHE C 37 -47.11 30.18 11.68
CA PHE C 37 -46.04 31.01 11.16
C PHE C 37 -45.76 30.89 9.66
N ALA C 38 -46.49 30.03 8.98
CA ALA C 38 -46.31 29.89 7.54
C ALA C 38 -47.56 29.37 6.87
N GLU C 39 -47.74 29.71 5.60
CA GLU C 39 -48.78 29.07 4.83
C GLU C 39 -48.40 27.61 4.84
N PRO C 40 -49.40 26.72 5.01
CA PRO C 40 -49.16 25.28 5.10
C PRO C 40 -48.46 24.80 3.85
N PRO C 41 -47.32 24.10 4.03
CA PRO C 41 -46.49 23.63 2.91
C PRO C 41 -47.09 22.40 2.28
N VAL C 42 -48.38 22.43 1.97
CA VAL C 42 -49.01 21.26 1.42
C VAL C 42 -49.18 21.40 -0.10
N GLY C 43 -49.67 20.34 -0.73
CA GLY C 43 -49.87 20.33 -2.16
C GLY C 43 -48.64 20.66 -2.99
N SER C 44 -48.79 21.70 -3.80
CA SER C 44 -47.75 22.19 -4.69
C SER C 44 -46.56 22.77 -3.94
N ARG C 45 -46.74 23.03 -2.65
CA ARG C 45 -45.69 23.64 -1.85
C ARG C 45 -44.77 22.59 -1.23
N ARG C 46 -45.11 21.32 -1.39
CA ARG C 46 -44.26 20.26 -0.86
C ARG C 46 -42.77 20.35 -1.29
N PHE C 47 -41.88 20.22 -0.31
CA PHE C 47 -40.43 20.39 -0.45
C PHE C 47 -40.00 21.82 -0.82
N MET C 48 -40.83 22.81 -0.53
CA MET C 48 -40.46 24.16 -0.91
C MET C 48 -40.27 25.04 0.31
N PRO C 49 -39.38 26.06 0.18
CA PRO C 49 -39.15 27.05 1.21
C PRO C 49 -40.49 27.57 1.70
N PRO C 50 -40.61 27.85 3.00
CA PRO C 50 -41.93 28.22 3.52
C PRO C 50 -42.31 29.62 3.08
N GLU C 51 -43.58 29.82 2.75
CA GLU C 51 -44.10 31.16 2.52
C GLU C 51 -44.76 31.59 3.81
N PRO C 52 -44.42 32.80 4.28
CA PRO C 52 -44.90 33.32 5.57
C PRO C 52 -46.43 33.37 5.62
N LYS C 53 -46.99 33.20 6.83
CA LYS C 53 -48.44 33.09 6.97
C LYS C 53 -49.09 34.41 6.64
N ARG C 54 -49.99 34.41 5.66
CA ARG C 54 -50.73 35.60 5.36
C ARG C 54 -51.79 35.83 6.44
N PRO C 55 -52.01 37.09 6.82
CA PRO C 55 -52.93 37.51 7.86
C PRO C 55 -54.30 36.86 7.79
N TRP C 56 -54.89 36.68 8.95
CA TRP C 56 -56.15 35.97 9.09
C TRP C 56 -57.16 36.92 9.68
N SER C 57 -58.43 36.59 9.53
CA SER C 57 -59.49 37.41 10.09
C SER C 57 -60.01 36.76 11.36
N GLY C 58 -60.41 37.59 12.31
CA GLY C 58 -60.97 37.10 13.55
C GLY C 58 -59.90 36.91 14.60
N VAL C 59 -60.30 36.51 15.80
CA VAL C 59 -59.32 36.10 16.78
C VAL C 59 -59.02 34.63 16.60
N LEU C 60 -57.73 34.31 16.51
CA LEU C 60 -57.25 32.97 16.27
C LEU C 60 -57.07 32.25 17.59
N ASP C 61 -57.33 30.94 17.62
CA ASP C 61 -57.31 30.26 18.90
C ASP C 61 -55.95 29.64 19.20
N ALA C 62 -55.26 30.27 20.14
CA ALA C 62 -53.95 29.83 20.58
C ALA C 62 -53.98 28.99 21.85
N THR C 63 -55.17 28.58 22.30
CA THR C 63 -55.30 27.76 23.51
C THR C 63 -54.77 26.33 23.42
N THR C 64 -54.43 25.85 22.23
CA THR C 64 -53.95 24.47 22.14
C THR C 64 -52.99 24.15 20.98
N PHE C 65 -52.16 23.13 21.22
CA PHE C 65 -51.10 22.65 20.32
C PHE C 65 -51.59 22.19 18.94
N GLN C 66 -50.83 22.54 17.91
CA GLN C 66 -51.16 22.11 16.54
C GLN C 66 -50.52 20.79 16.11
N ASN C 67 -50.77 20.42 14.86
CA ASN C 67 -50.34 19.12 14.37
C ASN C 67 -48.85 18.94 14.34
N VAL C 68 -48.44 17.73 14.70
CA VAL C 68 -47.04 17.33 14.56
C VAL C 68 -46.73 17.16 13.07
N CYS C 69 -45.56 17.62 12.65
CA CYS C 69 -45.11 17.42 11.28
C CYS C 69 -45.03 15.95 10.91
N TYR C 70 -45.33 15.63 9.66
CA TYR C 70 -45.52 14.24 9.27
C TYR C 70 -44.24 13.42 9.29
N GLN C 71 -44.29 12.26 9.94
CA GLN C 71 -43.04 11.56 10.20
C GLN C 71 -43.11 10.08 10.51
N TYR C 72 -41.93 9.49 10.66
CA TYR C 72 -41.81 8.12 11.11
C TYR C 72 -42.35 8.07 12.52
N VAL C 73 -43.05 6.98 12.85
CA VAL C 73 -43.45 6.75 14.23
C VAL C 73 -42.68 5.55 14.74
N ASP C 74 -42.10 5.68 15.94
CA ASP C 74 -41.14 4.68 16.38
C ASP C 74 -41.78 3.39 16.86
N THR C 75 -41.49 2.30 16.16
CA THR C 75 -42.13 1.02 16.42
C THR C 75 -41.32 0.06 17.27
N LEU C 76 -40.11 0.47 17.69
CA LEU C 76 -39.15 -0.44 18.34
C LEU C 76 -39.62 -1.14 19.62
N TYR C 77 -40.07 -0.36 20.59
CA TYR C 77 -40.51 -0.89 21.88
C TYR C 77 -41.88 -0.34 22.22
N PRO C 78 -42.93 -0.90 21.63
CA PRO C 78 -44.30 -0.42 21.85
C PRO C 78 -44.67 -0.25 23.31
N GLY C 79 -45.29 0.87 23.64
CA GLY C 79 -45.75 1.16 25.00
C GLY C 79 -44.63 1.25 26.02
N PHE C 80 -43.43 1.61 25.58
CA PHE C 80 -42.32 1.74 26.50
C PHE C 80 -41.96 3.22 26.65
N GLU C 81 -42.21 3.77 27.84
CA GLU C 81 -42.07 5.21 28.08
C GLU C 81 -40.72 5.78 27.61
N GLY C 82 -39.68 4.94 27.61
CA GLY C 82 -38.38 5.37 27.16
C GLY C 82 -38.36 5.83 25.72
N THR C 83 -38.77 4.96 24.80
CA THR C 83 -38.84 5.33 23.38
C THR C 83 -40.11 6.09 23.07
N GLU C 84 -41.15 5.83 23.85
CA GLU C 84 -42.48 6.35 23.57
C GLU C 84 -42.57 7.83 23.94
N MET C 85 -41.65 8.28 24.78
CA MET C 85 -41.63 9.67 25.22
C MET C 85 -41.38 10.60 24.03
N TRP C 86 -40.66 10.11 23.04
CA TRP C 86 -40.26 10.94 21.91
C TRP C 86 -41.25 10.90 20.72
N ASN C 87 -42.20 9.97 20.77
CA ASN C 87 -43.14 9.82 19.66
C ASN C 87 -44.13 10.98 19.61
N PRO C 88 -44.69 11.26 18.41
CA PRO C 88 -45.67 12.34 18.20
C PRO C 88 -46.89 12.20 19.08
N ASN C 89 -47.23 13.27 19.81
CA ASN C 89 -48.38 13.33 20.70
C ASN C 89 -49.61 14.05 20.16
N ARG C 90 -49.56 14.49 18.91
CA ARG C 90 -50.74 15.04 18.28
C ARG C 90 -50.93 14.36 16.93
N GLU C 91 -51.92 14.80 16.16
CA GLU C 91 -52.19 14.17 14.89
C GLU C 91 -51.17 14.63 13.82
N LEU C 92 -50.80 13.75 12.91
CA LEU C 92 -49.78 14.11 11.91
C LEU C 92 -50.38 14.77 10.71
N SER C 93 -49.79 15.88 10.28
CA SER C 93 -50.20 16.47 9.02
C SER C 93 -49.04 17.14 8.33
N GLU C 94 -49.16 17.30 7.00
CA GLU C 94 -48.17 18.07 6.29
C GLU C 94 -48.41 19.51 6.65
N ASP C 95 -49.58 19.81 7.24
CA ASP C 95 -49.84 21.19 7.61
C ASP C 95 -49.43 21.26 9.06
N CYS C 96 -48.13 21.53 9.26
CA CYS C 96 -47.51 21.59 10.60
C CYS C 96 -46.89 22.85 11.16
N LEU C 97 -46.78 23.92 10.37
CA LEU C 97 -45.86 24.94 10.81
C LEU C 97 -46.61 25.91 11.69
N TYR C 98 -46.39 25.78 13.00
CA TYR C 98 -47.03 26.58 14.05
C TYR C 98 -46.02 26.64 15.15
N LEU C 99 -46.02 27.73 15.91
CA LEU C 99 -45.10 27.81 17.04
C LEU C 99 -45.84 28.02 18.37
N ASN C 100 -45.09 28.07 19.46
CA ASN C 100 -45.65 28.11 20.79
C ASN C 100 -44.93 29.13 21.67
N VAL C 101 -45.66 29.90 22.46
CA VAL C 101 -45.04 30.89 23.33
C VAL C 101 -45.53 30.78 24.79
N TRP C 102 -44.62 30.49 25.71
CA TRP C 102 -44.95 30.60 27.12
C TRP C 102 -44.37 31.92 27.61
N THR C 103 -45.13 32.62 28.45
CA THR C 103 -44.68 33.86 29.08
C THR C 103 -45.25 33.82 30.49
N PRO C 104 -44.67 34.61 31.41
CA PRO C 104 -45.23 34.59 32.77
C PRO C 104 -46.66 35.13 32.82
N TYR C 105 -47.39 34.82 33.89
CA TYR C 105 -48.71 35.39 34.12
C TYR C 105 -48.65 36.24 35.36
N PRO C 106 -48.97 37.53 35.24
CA PRO C 106 -49.33 38.18 33.97
C PRO C 106 -48.07 38.43 33.15
N ARG C 107 -48.26 38.68 31.86
CA ARG C 107 -47.17 39.05 30.97
C ARG C 107 -46.38 40.20 31.61
N PRO C 108 -45.05 40.21 31.45
CA PRO C 108 -44.23 41.24 32.12
C PRO C 108 -44.37 42.62 31.45
N ALA C 109 -43.98 43.66 32.16
CA ALA C 109 -43.70 44.94 31.50
C ALA C 109 -42.21 45.15 31.67
N SER C 110 -41.62 45.82 30.69
CA SER C 110 -40.18 45.77 30.37
C SER C 110 -39.82 44.39 29.77
N PRO C 111 -38.94 44.41 28.76
CA PRO C 111 -38.88 43.21 27.93
C PRO C 111 -38.07 42.11 28.55
N THR C 112 -38.60 40.89 28.44
CA THR C 112 -37.98 39.69 28.96
C THR C 112 -37.19 39.06 27.82
N PRO C 113 -35.97 38.53 28.12
CA PRO C 113 -35.16 37.88 27.09
C PRO C 113 -35.79 36.54 26.70
N VAL C 114 -35.69 36.24 25.41
CA VAL C 114 -36.40 35.13 24.82
C VAL C 114 -35.49 33.92 24.62
N LEU C 115 -36.04 32.75 24.91
CA LEU C 115 -35.40 31.47 24.67
C LEU C 115 -36.17 30.70 23.58
N ILE C 116 -35.55 30.49 22.42
CA ILE C 116 -36.15 29.64 21.39
C ILE C 116 -35.61 28.20 21.41
N TRP C 117 -36.52 27.24 21.51
CA TRP C 117 -36.18 25.81 21.50
C TRP C 117 -36.38 25.13 20.14
N ILE C 118 -35.32 24.50 19.62
CA ILE C 118 -35.42 23.71 18.40
C ILE C 118 -35.23 22.24 18.74
N TYR C 119 -36.29 21.45 18.59
CA TYR C 119 -36.22 20.02 18.94
C TYR C 119 -35.32 19.19 18.05
N GLY C 120 -34.95 18.02 18.57
CA GLY C 120 -34.21 17.01 17.84
C GLY C 120 -35.12 15.94 17.26
N GLY C 121 -34.63 14.71 17.18
CA GLY C 121 -35.33 13.69 16.44
C GLY C 121 -34.69 13.26 15.13
N GLY C 122 -33.41 13.59 14.97
CA GLY C 122 -32.61 13.06 13.87
C GLY C 122 -32.94 13.63 12.50
N PHE C 123 -33.64 14.74 12.47
CA PHE C 123 -34.17 15.33 11.24
C PHE C 123 -35.25 14.47 10.58
N TYR C 124 -35.49 13.29 11.14
CA TYR C 124 -36.58 12.43 10.68
C TYR C 124 -37.81 12.45 11.56
N SER C 125 -37.84 13.25 12.61
CA SER C 125 -38.97 13.21 13.55
C SER C 125 -38.99 14.32 14.59
N GLY C 126 -39.96 14.27 15.51
CA GLY C 126 -39.98 15.21 16.61
C GLY C 126 -41.09 16.24 16.52
N ALA C 127 -41.38 16.91 17.62
CA ALA C 127 -42.39 17.96 17.61
C ALA C 127 -42.17 18.92 18.77
N ALA C 128 -42.66 20.15 18.66
CA ALA C 128 -42.48 21.10 19.75
C ALA C 128 -43.47 20.78 20.84
N SER C 129 -44.47 19.97 20.51
CA SER C 129 -45.57 19.69 21.43
C SER C 129 -45.33 18.52 22.38
N LEU C 130 -44.14 17.93 22.39
CA LEU C 130 -43.84 16.85 23.33
C LEU C 130 -43.82 17.38 24.78
N ASP C 131 -43.96 16.47 25.74
CA ASP C 131 -44.18 16.87 27.12
C ASP C 131 -42.89 17.27 27.84
N VAL C 132 -41.76 16.92 27.26
CA VAL C 132 -40.49 17.20 27.91
C VAL C 132 -39.99 18.57 27.45
N TYR C 133 -40.65 19.13 26.45
CA TYR C 133 -40.36 20.48 25.96
C TYR C 133 -41.30 21.57 26.52
N ASP C 134 -42.13 21.23 27.50
CA ASP C 134 -43.08 22.18 28.11
C ASP C 134 -42.44 23.44 28.68
N GLY C 135 -42.87 24.60 28.19
CA GLY C 135 -42.25 25.86 28.58
C GLY C 135 -42.66 26.37 29.96
N ARG C 136 -43.75 25.84 30.50
CA ARG C 136 -44.39 26.44 31.67
C ARG C 136 -43.47 26.63 32.87
N PHE C 137 -42.53 25.71 33.11
CA PHE C 137 -41.67 25.88 34.28
C PHE C 137 -40.64 26.99 34.10
N LEU C 138 -40.06 27.06 32.91
CA LEU C 138 -39.08 28.11 32.64
C LEU C 138 -39.81 29.44 32.63
N ALA C 139 -41.03 29.42 32.13
CA ALA C 139 -41.81 30.63 32.08
C ALA C 139 -42.13 31.10 33.48
N GLN C 140 -42.62 30.20 34.33
CA GLN C 140 -43.08 30.63 35.64
C GLN C 140 -41.95 30.94 36.58
N VAL C 141 -40.99 30.03 36.65
CA VAL C 141 -39.96 30.13 37.66
C VAL C 141 -38.89 31.13 37.31
N GLU C 142 -38.36 31.04 36.10
CA GLU C 142 -37.26 31.92 35.72
C GLU C 142 -37.78 33.13 34.97
N GLY C 143 -39.10 33.17 34.87
CA GLY C 143 -39.80 34.33 34.38
C GLY C 143 -39.45 34.71 32.97
N ALA C 144 -39.26 33.69 32.12
CA ALA C 144 -38.71 33.90 30.78
C ALA C 144 -39.80 33.68 29.73
N VAL C 145 -39.62 34.34 28.59
CA VAL C 145 -40.48 34.10 27.43
C VAL C 145 -39.82 33.04 26.59
N LEU C 146 -40.55 31.98 26.28
CA LEU C 146 -39.97 30.82 25.65
C LEU C 146 -40.80 30.39 24.45
N VAL C 147 -40.15 30.30 23.28
CA VAL C 147 -40.80 29.97 22.01
C VAL C 147 -40.32 28.64 21.49
N SER C 148 -41.21 27.88 20.85
CA SER C 148 -40.80 26.66 20.14
C SER C 148 -41.58 26.45 18.83
N MET C 149 -40.89 26.17 17.74
CA MET C 149 -41.59 25.97 16.46
C MET C 149 -41.54 24.54 15.97
N ASN C 150 -42.57 24.15 15.23
CA ASN C 150 -42.52 22.91 14.49
C ASN C 150 -41.73 23.16 13.21
N TYR C 151 -40.87 22.24 12.80
CA TYR C 151 -40.22 22.43 11.52
C TYR C 151 -40.37 21.15 10.78
N ARG C 152 -40.41 21.22 9.44
CA ARG C 152 -40.65 20.05 8.63
C ARG C 152 -39.49 19.08 8.76
N VAL C 153 -39.78 17.81 8.97
CA VAL C 153 -38.72 16.81 9.06
C VAL C 153 -38.91 15.72 8.02
N GLY C 154 -37.96 14.80 7.94
CA GLY C 154 -38.00 13.72 6.96
C GLY C 154 -37.88 14.27 5.55
N THR C 155 -38.35 13.52 4.56
CA THR C 155 -38.37 13.97 3.17
C THR C 155 -38.95 15.37 3.05
N PHE C 156 -40.03 15.61 3.81
CA PHE C 156 -40.77 16.86 3.74
C PHE C 156 -39.95 18.11 3.97
N GLY C 157 -39.04 18.07 4.96
CA GLY C 157 -38.12 19.18 5.11
C GLY C 157 -36.77 19.07 4.43
N PHE C 158 -36.26 17.85 4.33
CA PHE C 158 -34.89 17.69 3.86
C PHE C 158 -34.60 17.04 2.51
N LEU C 159 -35.62 16.58 1.79
CA LEU C 159 -35.35 15.92 0.51
C LEU C 159 -34.84 16.97 -0.41
N ALA C 160 -33.80 16.66 -1.16
CA ALA C 160 -33.16 17.70 -1.91
C ALA C 160 -32.73 17.17 -3.24
N LEU C 161 -33.03 17.94 -4.28
CA LEU C 161 -32.40 17.77 -5.57
C LEU C 161 -31.66 19.07 -5.85
N PRO C 162 -30.44 19.20 -5.31
CA PRO C 162 -29.71 20.46 -5.21
C PRO C 162 -29.75 21.26 -6.51
N GLY C 163 -30.03 22.56 -6.38
CA GLY C 163 -30.00 23.46 -7.51
C GLY C 163 -31.27 23.43 -8.33
N SER C 164 -32.15 22.50 -8.01
CA SER C 164 -33.49 22.51 -8.59
C SER C 164 -34.28 23.62 -7.93
N ARG C 165 -35.30 24.09 -8.63
CA ARG C 165 -36.14 25.15 -8.12
C ARG C 165 -37.18 24.60 -7.14
N GLU C 166 -37.73 23.43 -7.46
CA GLU C 166 -38.89 22.92 -6.73
C GLU C 166 -38.60 21.89 -5.62
N ALA C 167 -37.33 21.53 -5.44
CA ALA C 167 -36.90 20.85 -4.21
C ALA C 167 -35.47 21.25 -3.86
N PRO C 168 -35.30 22.51 -3.47
CA PRO C 168 -34.02 23.19 -3.29
C PRO C 168 -33.16 22.51 -2.25
N GLY C 169 -33.82 21.94 -1.24
CA GLY C 169 -33.13 21.36 -0.10
C GLY C 169 -33.05 22.37 1.02
N ASN C 170 -32.92 21.85 2.24
CA ASN C 170 -32.86 22.63 3.49
C ASN C 170 -34.11 23.41 3.90
N VAL C 171 -35.27 23.00 3.41
CA VAL C 171 -36.47 23.77 3.73
C VAL C 171 -36.85 23.60 5.20
N GLY C 172 -36.41 22.51 5.83
CA GLY C 172 -36.64 22.37 7.25
C GLY C 172 -36.02 23.54 8.03
N LEU C 173 -34.76 23.82 7.70
CA LEU C 173 -34.02 24.92 8.30
C LEU C 173 -34.63 26.26 7.98
N LEU C 174 -35.14 26.41 6.76
CA LEU C 174 -35.82 27.63 6.37
C LEU C 174 -37.06 27.85 7.21
N ASP C 175 -37.80 26.75 7.50
CA ASP C 175 -38.95 26.78 8.41
C ASP C 175 -38.52 27.34 9.75
N GLN C 176 -37.48 26.74 10.31
CA GLN C 176 -36.92 27.20 11.58
C GLN C 176 -36.68 28.68 11.51
N ARG C 177 -35.96 29.08 10.47
CA ARG C 177 -35.58 30.47 10.31
C ARG C 177 -36.78 31.37 10.29
N LEU C 178 -37.81 30.98 9.55
CA LEU C 178 -38.99 31.81 9.37
C LEU C 178 -39.63 31.99 10.73
N ALA C 179 -39.63 30.95 11.54
CA ALA C 179 -40.12 31.10 12.90
C ALA C 179 -39.29 32.13 13.69
N LEU C 180 -37.97 32.09 13.52
CA LEU C 180 -37.08 33.10 14.13
C LEU C 180 -37.36 34.55 13.70
N GLN C 181 -37.60 34.76 12.40
CA GLN C 181 -38.02 36.05 11.90
C GLN C 181 -39.35 36.45 12.54
N TRP C 182 -40.28 35.51 12.63
CA TRP C 182 -41.56 35.77 13.29
C TRP C 182 -41.32 36.31 14.68
N VAL C 183 -40.44 35.64 15.42
CA VAL C 183 -40.11 36.06 16.76
C VAL C 183 -39.59 37.47 16.72
N GLN C 184 -38.77 37.79 15.72
CA GLN C 184 -38.22 39.15 15.65
C GLN C 184 -39.28 40.22 15.57
N GLU C 185 -40.17 40.11 14.60
CA GLU C 185 -41.23 41.10 14.52
C GLU C 185 -42.19 41.09 15.72
N ASN C 186 -42.65 39.90 16.09
CA ASN C 186 -43.77 39.82 17.02
C ASN C 186 -43.52 39.50 18.50
N ILE C 187 -42.31 39.16 18.92
CA ILE C 187 -42.19 38.64 20.28
C ILE C 187 -42.31 39.80 21.25
N ALA C 188 -42.08 41.00 20.73
CA ALA C 188 -42.19 42.21 21.53
C ALA C 188 -43.58 42.35 22.12
N ALA C 189 -44.60 41.84 21.42
CA ALA C 189 -45.98 41.95 21.87
C ALA C 189 -46.29 41.00 23.02
N PHE C 190 -45.46 39.98 23.22
CA PHE C 190 -45.69 39.05 24.33
C PHE C 190 -44.85 39.42 25.54
N GLY C 191 -44.10 40.50 25.41
CA GLY C 191 -43.24 40.92 26.50
C GLY C 191 -41.83 40.41 26.27
N GLY C 192 -41.60 39.95 25.04
CA GLY C 192 -40.29 39.48 24.63
C GLY C 192 -39.38 40.62 24.20
N ASP C 193 -38.09 40.31 24.06
CA ASP C 193 -37.06 41.29 23.80
C ASP C 193 -36.33 40.88 22.56
N PRO C 194 -36.71 41.39 21.39
CA PRO C 194 -36.11 40.88 20.15
C PRO C 194 -34.60 41.06 20.14
N MET C 195 -34.08 41.85 21.07
CA MET C 195 -32.66 42.16 21.11
C MET C 195 -31.85 41.25 22.06
N SER C 196 -32.53 40.38 22.79
CA SER C 196 -31.82 39.29 23.38
C SER C 196 -32.59 37.98 23.13
N VAL C 197 -32.08 37.15 22.24
CA VAL C 197 -32.77 35.92 21.84
C VAL C 197 -31.74 34.83 21.83
N THR C 198 -31.94 33.80 22.65
CA THR C 198 -31.02 32.66 22.69
C THR C 198 -31.64 31.43 22.03
N LEU C 199 -30.96 30.84 21.04
CA LEU C 199 -31.42 29.56 20.49
C LEU C 199 -30.85 28.48 21.37
N PHE C 200 -31.66 27.49 21.69
CA PHE C 200 -31.08 26.31 22.33
C PHE C 200 -31.77 25.06 21.78
N GLY C 201 -30.99 24.00 21.61
CA GLY C 201 -31.56 22.77 21.10
C GLY C 201 -30.73 21.57 21.46
N GLU C 202 -31.31 20.39 21.30
CA GLU C 202 -30.59 19.18 21.59
C GLU C 202 -30.59 18.28 20.35
N SER C 203 -29.56 17.42 20.23
CA SER C 203 -29.36 16.49 19.09
C SER C 203 -29.41 17.16 17.72
N ALA C 204 -30.34 16.75 16.88
CA ALA C 204 -30.49 17.41 15.58
C ALA C 204 -30.95 18.86 15.77
N GLY C 205 -31.44 19.19 16.95
CA GLY C 205 -31.76 20.55 17.30
C GLY C 205 -30.51 21.36 17.60
N ALA C 206 -29.51 20.72 18.21
CA ALA C 206 -28.25 21.41 18.46
C ALA C 206 -27.53 21.59 17.14
N ALA C 207 -27.66 20.60 16.27
CA ALA C 207 -27.15 20.69 14.91
C ALA C 207 -27.80 21.88 14.25
N SER C 208 -29.10 21.99 14.42
CA SER C 208 -29.82 23.11 13.83
C SER C 208 -29.30 24.47 14.34
N VAL C 209 -29.18 24.59 15.65
CA VAL C 209 -28.68 25.83 16.23
C VAL C 209 -27.31 26.18 15.61
N GLY C 210 -26.41 25.21 15.56
CA GLY C 210 -25.14 25.41 14.90
C GLY C 210 -25.27 25.80 13.42
N MET C 211 -26.27 25.25 12.77
CA MET C 211 -26.51 25.59 11.38
C MET C 211 -26.89 27.06 11.23
N HIS C 212 -27.65 27.59 12.19
CA HIS C 212 -27.97 29.01 12.11
C HIS C 212 -26.77 29.87 12.46
N ILE C 213 -25.91 29.39 13.36
CA ILE C 213 -24.66 30.09 13.67
C ILE C 213 -23.82 30.17 12.41
N LEU C 214 -23.83 29.10 11.62
CA LEU C 214 -23.04 29.08 10.40
C LEU C 214 -23.67 29.74 9.18
N SER C 215 -24.99 29.92 9.17
CA SER C 215 -25.68 30.54 8.01
C SER C 215 -25.93 32.02 8.27
N LEU C 216 -25.40 32.88 7.42
CA LEU C 216 -25.41 34.31 7.68
C LEU C 216 -26.76 35.02 7.84
N PRO C 217 -27.77 34.69 7.02
CA PRO C 217 -29.06 35.35 7.23
C PRO C 217 -29.66 35.04 8.59
N SER C 218 -29.36 33.88 9.15
CA SER C 218 -29.88 33.51 10.45
C SER C 218 -29.15 34.26 11.58
N ARG C 219 -27.96 34.78 11.30
CA ARG C 219 -27.13 35.39 12.34
C ARG C 219 -27.75 36.67 12.93
N SER C 220 -28.50 37.39 12.11
CA SER C 220 -29.15 38.59 12.60
C SER C 220 -30.48 38.33 13.31
N LEU C 221 -30.85 37.06 13.48
CA LEU C 221 -32.07 36.73 14.21
C LEU C 221 -31.89 36.28 15.66
N PHE C 222 -30.65 36.10 16.11
CA PHE C 222 -30.41 35.62 17.48
C PHE C 222 -29.06 36.12 17.96
N HIS C 223 -28.93 36.29 19.27
CA HIS C 223 -27.65 36.70 19.83
C HIS C 223 -26.83 35.66 20.60
N ARG C 224 -27.39 34.48 20.85
CA ARG C 224 -26.73 33.57 21.75
C ARG C 224 -27.10 32.13 21.48
N ALA C 225 -26.22 31.20 21.83
CA ALA C 225 -26.51 29.84 21.43
C ALA C 225 -26.18 28.77 22.45
N VAL C 226 -27.12 27.83 22.64
CA VAL C 226 -26.85 26.60 23.36
C VAL C 226 -27.04 25.33 22.52
N LEU C 227 -25.95 24.57 22.44
CA LEU C 227 -25.93 23.29 21.74
C LEU C 227 -25.75 22.11 22.72
N GLN C 228 -26.83 21.36 22.90
CA GLN C 228 -26.79 20.20 23.78
C GLN C 228 -26.73 18.89 22.98
N SER C 229 -25.65 18.13 23.19
CA SER C 229 -25.45 16.82 22.57
C SER C 229 -25.70 16.81 21.08
N GLY C 230 -25.19 17.81 20.37
CA GLY C 230 -25.32 17.88 18.93
C GLY C 230 -24.50 19.03 18.38
N THR C 231 -24.36 19.11 17.06
CA THR C 231 -23.34 19.96 16.41
C THR C 231 -23.55 19.89 14.90
N PRO C 232 -23.36 21.03 14.19
CA PRO C 232 -23.49 21.09 12.73
C PRO C 232 -22.33 20.38 12.05
N ASN C 233 -21.19 20.24 12.73
CA ASN C 233 -20.11 19.47 12.14
C ASN C 233 -20.29 18.02 12.54
N GLY C 234 -19.42 17.15 12.02
CA GLY C 234 -19.47 15.74 12.38
C GLY C 234 -20.22 14.86 11.38
N PRO C 235 -20.23 13.55 11.64
CA PRO C 235 -20.64 12.49 10.71
C PRO C 235 -22.09 12.52 10.22
N TRP C 236 -23.06 12.72 11.10
CA TRP C 236 -24.47 12.53 10.76
C TRP C 236 -25.31 13.75 10.36
N ALA C 237 -24.81 14.97 10.58
CA ALA C 237 -25.69 16.11 10.46
C ALA C 237 -25.94 16.70 9.05
N THR C 238 -25.05 16.43 8.09
CA THR C 238 -25.22 16.97 6.72
C THR C 238 -24.93 15.96 5.61
N VAL C 239 -25.26 16.31 4.38
CA VAL C 239 -24.89 15.44 3.27
C VAL C 239 -24.37 16.21 2.06
N SER C 240 -23.42 15.57 1.37
CA SER C 240 -22.89 16.03 0.10
C SER C 240 -24.07 16.31 -0.79
N ALA C 241 -24.03 17.40 -1.53
CA ALA C 241 -25.19 17.73 -2.38
C ALA C 241 -25.42 16.64 -3.39
N GLY C 242 -24.34 16.08 -3.89
CA GLY C 242 -24.45 14.96 -4.81
C GLY C 242 -25.23 13.81 -4.20
N GLU C 243 -24.95 13.51 -2.94
CA GLU C 243 -25.60 12.42 -2.21
C GLU C 243 -27.06 12.75 -1.89
N ALA C 244 -27.31 13.98 -1.48
CA ALA C 244 -28.68 14.42 -1.28
C ALA C 244 -29.45 14.09 -2.56
N ARG C 245 -28.81 14.37 -3.70
CA ARG C 245 -29.41 14.08 -4.99
C ARG C 245 -29.61 12.59 -5.17
N ARG C 246 -28.61 11.82 -4.74
CA ARG C 246 -28.59 10.38 -4.92
C ARG C 246 -29.80 9.78 -4.26
N ARG C 247 -29.92 10.07 -2.98
CA ARG C 247 -30.89 9.46 -2.12
C ARG C 247 -32.25 9.92 -2.55
N ALA C 248 -32.38 11.20 -2.84
CA ALA C 248 -33.67 11.71 -3.31
C ALA C 248 -34.16 11.01 -4.61
N THR C 249 -33.22 10.76 -5.51
CA THR C 249 -33.58 10.08 -6.75
C THR C 249 -33.92 8.63 -6.53
N LEU C 250 -33.13 7.95 -5.71
CA LEU C 250 -33.40 6.54 -5.40
C LEU C 250 -34.77 6.43 -4.76
N LEU C 251 -35.13 7.41 -3.93
CA LEU C 251 -36.43 7.35 -3.29
C LEU C 251 -37.54 7.53 -4.32
N ALA C 252 -37.39 8.53 -5.19
CA ALA C 252 -38.37 8.70 -6.25
C ALA C 252 -38.53 7.41 -7.06
N ARG C 253 -37.41 6.71 -7.31
CA ARG C 253 -37.45 5.39 -7.94
C ARG C 253 -38.33 4.43 -7.14
N LEU C 254 -37.94 4.14 -5.91
CA LEU C 254 -38.67 3.21 -5.06
C LEU C 254 -40.18 3.48 -4.92
N VAL C 255 -40.59 4.74 -5.02
CA VAL C 255 -42.02 5.04 -4.93
C VAL C 255 -42.71 5.07 -6.28
N GLY C 256 -42.03 4.61 -7.32
CA GLY C 256 -42.62 4.52 -8.63
C GLY C 256 -42.68 5.85 -9.37
N CYS C 257 -41.55 6.53 -9.42
CA CYS C 257 -41.46 7.81 -10.10
C CYS C 257 -40.33 7.90 -11.15
N PRO C 258 -40.30 6.98 -12.11
CA PRO C 258 -39.56 7.61 -13.19
C PRO C 258 -40.44 8.74 -13.79
N PRO C 259 -41.76 8.51 -14.04
CA PRO C 259 -42.43 7.27 -14.48
C PRO C 259 -42.04 6.96 -15.95
N GLY C 260 -41.54 5.76 -16.19
CA GLY C 260 -40.83 5.46 -17.42
C GLY C 260 -39.72 4.46 -17.07
N GLY C 261 -38.67 4.44 -17.87
CA GLY C 261 -37.41 3.87 -17.41
C GLY C 261 -36.60 4.82 -16.51
N ALA C 262 -36.45 6.07 -16.95
CA ALA C 262 -35.51 7.02 -16.35
C ALA C 262 -36.16 8.16 -15.57
N GLY C 263 -36.82 9.08 -16.27
CA GLY C 263 -37.24 10.34 -15.66
C GLY C 263 -36.15 11.38 -15.48
N GLY C 264 -35.49 11.72 -16.59
CA GLY C 264 -34.33 12.59 -16.64
C GLY C 264 -34.56 14.10 -16.57
N ASN C 265 -35.70 14.50 -16.02
CA ASN C 265 -36.04 15.91 -15.80
C ASN C 265 -36.30 16.16 -14.31
N ASP C 266 -35.59 17.10 -13.70
CA ASP C 266 -35.71 17.39 -12.26
C ASP C 266 -37.11 17.82 -11.84
N THR C 267 -37.72 18.65 -12.71
CA THR C 267 -39.05 19.13 -12.46
C THR C 267 -40.00 17.95 -12.42
N GLU C 268 -39.87 17.04 -13.36
CA GLU C 268 -40.81 15.93 -13.45
C GLU C 268 -40.69 14.99 -12.26
N LEU C 269 -39.45 14.69 -11.90
CA LEU C 269 -39.17 13.91 -10.71
C LEU C 269 -39.90 14.52 -9.53
N ILE C 270 -39.70 15.81 -9.31
CA ILE C 270 -40.29 16.44 -8.14
C ILE C 270 -41.81 16.40 -8.23
N ALA C 271 -42.34 16.75 -9.39
CA ALA C 271 -43.76 17.02 -9.52
C ALA C 271 -44.50 15.72 -9.32
N CYS C 272 -43.86 14.65 -9.74
CA CYS C 272 -44.41 13.32 -9.51
C CYS C 272 -44.31 12.98 -8.02
N LEU C 273 -43.14 13.19 -7.40
CA LEU C 273 -42.97 12.96 -5.96
C LEU C 273 -44.03 13.67 -5.14
N ARG C 274 -44.52 14.79 -5.65
CA ARG C 274 -45.50 15.60 -4.93
C ARG C 274 -46.88 14.98 -4.92
N THR C 275 -47.08 14.01 -5.81
CA THR C 275 -48.37 13.35 -5.94
C THR C 275 -48.45 12.11 -5.05
N ARG C 276 -47.33 11.68 -4.52
CA ARG C 276 -47.36 10.57 -3.59
C ARG C 276 -48.10 10.93 -2.30
N PRO C 277 -48.69 9.92 -1.63
CA PRO C 277 -49.27 10.09 -0.30
C PRO C 277 -48.17 10.26 0.75
N ALA C 278 -48.36 11.14 1.74
CA ALA C 278 -47.36 11.42 2.77
C ALA C 278 -46.77 10.17 3.41
N GLN C 279 -47.66 9.23 3.74
CA GLN C 279 -47.21 8.04 4.38
C GLN C 279 -46.32 7.19 3.47
N ASP C 280 -46.55 7.26 2.16
CA ASP C 280 -45.80 6.46 1.19
C ASP C 280 -44.33 6.82 1.23
N LEU C 281 -44.12 8.13 1.27
CA LEU C 281 -42.82 8.74 1.47
C LEU C 281 -42.19 8.26 2.75
N VAL C 282 -42.91 8.39 3.87
CA VAL C 282 -42.30 7.91 5.12
C VAL C 282 -41.87 6.44 5.06
N ASP C 283 -42.80 5.57 4.65
CA ASP C 283 -42.56 4.14 4.47
C ASP C 283 -41.33 3.84 3.61
N HIS C 284 -41.01 4.71 2.66
CA HIS C 284 -39.79 4.45 1.90
C HIS C 284 -38.52 5.21 2.30
N GLU C 285 -38.60 6.11 3.28
CA GLU C 285 -37.43 6.98 3.48
C GLU C 285 -36.20 6.31 4.04
N TRP C 286 -36.33 5.21 4.77
CA TRP C 286 -35.15 4.54 5.30
C TRP C 286 -34.43 3.68 4.29
N HIS C 287 -35.07 3.38 3.16
CA HIS C 287 -34.54 2.43 2.20
C HIS C 287 -33.35 3.02 1.44
N VAL C 288 -33.24 4.34 1.44
CA VAL C 288 -32.25 5.00 0.61
C VAL C 288 -30.86 5.12 1.26
N LEU C 289 -30.71 4.61 2.48
CA LEU C 289 -29.41 4.65 3.14
C LEU C 289 -28.41 3.78 2.38
N PRO C 290 -27.16 4.27 2.27
CA PRO C 290 -26.02 3.57 1.63
C PRO C 290 -25.48 2.36 2.39
N GLN C 291 -25.29 2.44 3.71
CA GLN C 291 -24.74 1.30 4.44
C GLN C 291 -25.58 0.89 5.63
N GLU C 292 -25.36 -0.34 6.09
CA GLU C 292 -25.98 -0.78 7.33
C GLU C 292 -25.32 0.03 8.45
N SER C 293 -26.15 0.78 9.17
CA SER C 293 -25.63 1.82 10.07
C SER C 293 -26.61 2.16 11.16
N ILE C 294 -26.08 2.73 12.24
CA ILE C 294 -26.90 3.42 13.22
C ILE C 294 -26.37 4.85 13.33
N PHE C 295 -27.18 5.72 13.93
CA PHE C 295 -26.88 7.15 14.04
C PHE C 295 -26.61 7.75 12.67
N ARG C 296 -27.35 7.30 11.68
CA ARG C 296 -27.35 7.94 10.37
C ARG C 296 -28.78 8.02 9.89
N PHE C 297 -29.16 9.19 9.42
CA PHE C 297 -30.54 9.42 9.03
C PHE C 297 -30.54 9.84 7.56
N SER C 298 -31.64 9.57 6.86
CA SER C 298 -31.65 9.67 5.39
C SER C 298 -31.68 11.06 4.79
N PHE C 299 -32.47 11.95 5.38
CA PHE C 299 -32.62 13.28 4.84
C PHE C 299 -32.29 14.32 5.88
N VAL C 300 -31.19 15.01 5.65
CA VAL C 300 -30.65 15.94 6.62
C VAL C 300 -30.28 17.22 5.87
N PRO C 301 -29.76 18.24 6.58
CA PRO C 301 -29.27 19.38 5.82
C PRO C 301 -28.27 19.00 4.72
N VAL C 302 -28.48 19.54 3.52
CA VAL C 302 -27.60 19.31 2.36
C VAL C 302 -26.62 20.46 2.30
N VAL C 303 -25.36 20.22 1.91
CA VAL C 303 -24.48 21.37 1.74
C VAL C 303 -24.56 21.81 0.29
N ASP C 304 -25.36 22.85 0.11
CA ASP C 304 -25.93 23.30 -1.16
C ASP C 304 -25.23 24.52 -1.75
N GLY C 305 -24.28 25.06 -1.00
CA GLY C 305 -23.68 26.32 -1.40
C GLY C 305 -24.60 27.51 -1.19
N ASP C 306 -25.80 27.27 -0.66
CA ASP C 306 -26.68 28.38 -0.29
C ASP C 306 -26.84 28.59 1.22
N PHE C 307 -27.61 27.75 1.90
CA PHE C 307 -27.81 27.88 3.34
C PHE C 307 -26.47 27.63 4.02
N LEU C 308 -25.78 26.59 3.57
CA LEU C 308 -24.40 26.38 3.94
C LEU C 308 -23.53 26.66 2.72
N SER C 309 -22.76 27.74 2.78
CA SER C 309 -21.90 28.16 1.69
C SER C 309 -20.75 27.19 1.47
N ASP C 310 -20.37 26.50 2.54
CA ASP C 310 -19.37 25.46 2.46
C ASP C 310 -19.80 24.40 3.48
N THR C 311 -19.01 23.35 3.66
CA THR C 311 -19.30 22.37 4.69
C THR C 311 -19.12 23.02 6.08
N PRO C 312 -19.92 22.59 7.08
CA PRO C 312 -19.84 23.07 8.45
C PRO C 312 -18.42 23.00 8.95
N GLU C 313 -17.73 21.94 8.54
CA GLU C 313 -16.32 21.77 8.84
C GLU C 313 -15.56 23.08 8.52
N ALA C 314 -15.58 23.46 7.25
CA ALA C 314 -14.94 24.69 6.79
C ALA C 314 -15.43 25.92 7.54
N LEU C 315 -16.76 26.04 7.65
CA LEU C 315 -17.33 27.27 8.14
C LEU C 315 -16.89 27.52 9.57
N ILE C 316 -16.86 26.48 10.40
CA ILE C 316 -16.39 26.68 11.79
C ILE C 316 -14.87 26.73 11.85
N ASN C 317 -14.23 26.27 10.78
CA ASN C 317 -12.77 26.27 10.75
C ASN C 317 -12.21 27.65 10.46
N THR C 318 -12.98 28.48 9.76
CA THR C 318 -12.46 29.77 9.30
C THR C 318 -13.14 30.99 9.93
N GLY C 319 -14.45 31.13 9.73
CA GLY C 319 -15.16 32.38 9.92
C GLY C 319 -15.09 33.04 11.29
N ASP C 320 -15.61 34.27 11.39
CA ASP C 320 -15.44 35.05 12.63
C ASP C 320 -16.54 34.89 13.66
N PHE C 321 -16.11 34.42 14.82
CA PHE C 321 -16.96 34.18 15.97
C PHE C 321 -16.90 35.21 17.11
N GLN C 322 -16.29 36.37 16.85
CA GLN C 322 -15.97 37.39 17.86
C GLN C 322 -17.05 37.71 18.91
N ASP C 323 -18.27 37.94 18.46
CA ASP C 323 -19.31 38.49 19.32
C ASP C 323 -20.22 37.43 19.95
N LEU C 324 -19.89 36.16 19.74
CA LEU C 324 -20.80 35.06 20.05
C LEU C 324 -20.56 34.41 21.39
N GLN C 325 -21.61 34.26 22.19
CA GLN C 325 -21.51 33.38 23.35
C GLN C 325 -22.25 32.08 23.10
N VAL C 326 -21.57 30.99 23.44
CA VAL C 326 -22.10 29.69 23.17
C VAL C 326 -21.83 28.81 24.35
N LEU C 327 -22.89 28.18 24.83
CA LEU C 327 -22.82 27.14 25.85
C LEU C 327 -23.13 25.79 25.18
N VAL C 328 -22.15 24.87 25.24
CA VAL C 328 -22.28 23.52 24.65
C VAL C 328 -22.05 22.43 25.68
N GLY C 329 -22.54 21.24 25.39
CA GLY C 329 -22.21 20.17 26.31
C GLY C 329 -22.71 18.81 25.91
N VAL C 330 -22.30 17.78 26.65
CA VAL C 330 -22.71 16.41 26.31
C VAL C 330 -23.21 15.67 27.54
N VAL C 331 -23.78 14.49 27.38
CA VAL C 331 -24.22 13.72 28.54
C VAL C 331 -23.35 12.49 28.71
N LYS C 332 -23.34 11.96 29.94
CA LYS C 332 -22.35 10.97 30.35
C LYS C 332 -22.22 9.84 29.33
N ASP C 333 -23.30 9.14 29.02
CA ASP C 333 -23.23 8.14 27.96
C ASP C 333 -24.11 8.45 26.76
N GLU C 334 -23.49 8.94 25.68
CA GLU C 334 -24.20 9.37 24.48
C GLU C 334 -24.56 8.24 23.53
N GLY C 335 -23.79 7.17 23.58
CA GLY C 335 -23.96 6.13 22.60
C GLY C 335 -25.07 5.14 22.92
N SER C 336 -25.33 4.91 24.21
CA SER C 336 -26.15 3.78 24.63
C SER C 336 -27.51 3.73 23.97
N TYR C 337 -28.21 4.86 23.93
CA TYR C 337 -29.53 4.90 23.28
C TYR C 337 -29.50 4.25 21.88
N PHE C 338 -28.49 4.57 21.08
CA PHE C 338 -28.47 4.19 19.68
C PHE C 338 -28.08 2.75 19.45
N LEU C 339 -27.50 2.11 20.47
CA LEU C 339 -27.04 0.73 20.32
C LEU C 339 -28.19 -0.25 20.10
N VAL C 340 -29.26 -0.11 20.86
CA VAL C 340 -30.38 -1.04 20.81
C VAL C 340 -31.13 -0.87 19.51
N TYR C 341 -30.70 0.09 18.72
CA TYR C 341 -31.29 0.35 17.41
C TYR C 341 -30.71 -0.47 16.25
N GLY C 342 -30.03 -1.57 16.57
CA GLY C 342 -29.57 -2.45 15.53
C GLY C 342 -28.10 -2.72 15.33
N VAL C 343 -27.29 -2.36 16.30
CA VAL C 343 -26.10 -3.14 16.57
C VAL C 343 -26.60 -4.40 17.26
N PRO C 344 -26.14 -5.58 16.81
CA PRO C 344 -26.53 -6.84 17.43
C PRO C 344 -25.96 -6.98 18.81
N GLY C 345 -26.68 -7.69 19.67
CA GLY C 345 -26.24 -7.96 21.02
C GLY C 345 -26.84 -7.05 22.07
N PHE C 346 -27.40 -5.92 21.63
CA PHE C 346 -27.87 -4.89 22.55
C PHE C 346 -29.39 -4.81 22.63
N SER C 347 -29.90 -4.79 23.86
CA SER C 347 -31.34 -4.74 24.11
C SER C 347 -31.63 -4.01 25.42
N LYS C 348 -32.79 -3.38 25.50
CA LYS C 348 -33.18 -2.61 26.66
C LYS C 348 -33.42 -3.54 27.84
N ASP C 349 -33.55 -4.83 27.56
CA ASP C 349 -34.00 -5.78 28.56
C ASP C 349 -32.90 -6.41 29.40
N ASN C 350 -32.01 -7.14 28.74
CA ASN C 350 -30.89 -7.75 29.46
C ASN C 350 -29.68 -6.81 29.69
N GLU C 351 -28.66 -7.35 30.35
CA GLU C 351 -27.49 -6.56 30.69
C GLU C 351 -26.65 -6.25 29.46
N SER C 352 -27.04 -6.84 28.33
CA SER C 352 -26.38 -6.64 27.04
C SER C 352 -24.87 -6.77 27.07
N LEU C 353 -24.36 -7.84 27.68
CA LEU C 353 -22.92 -8.13 27.60
C LEU C 353 -22.64 -8.79 26.25
N ILE C 354 -21.60 -8.33 25.56
CA ILE C 354 -21.40 -8.78 24.18
C ILE C 354 -20.11 -9.60 24.01
N SER C 355 -20.07 -10.41 22.97
CA SER C 355 -18.86 -11.17 22.67
C SER C 355 -17.85 -10.23 22.04
N ARG C 356 -16.65 -10.72 21.77
CA ARG C 356 -15.69 -9.84 21.17
C ARG C 356 -16.02 -9.65 19.71
N ALA C 357 -16.45 -10.73 19.06
CA ALA C 357 -16.80 -10.67 17.64
C ALA C 357 -17.98 -9.72 17.44
N GLN C 358 -18.89 -9.72 18.41
CA GLN C 358 -20.02 -8.79 18.40
C GLN C 358 -19.53 -7.35 18.45
N PHE C 359 -18.60 -7.10 19.37
CA PHE C 359 -18.01 -5.78 19.48
C PHE C 359 -17.38 -5.37 18.16
N LEU C 360 -16.71 -6.32 17.53
CA LEU C 360 -16.04 -6.10 16.27
C LEU C 360 -17.00 -5.72 15.14
N ALA C 361 -18.15 -6.39 15.07
CA ALA C 361 -19.15 -6.10 14.05
C ALA C 361 -19.85 -4.78 14.33
N GLY C 362 -20.19 -4.58 15.61
CA GLY C 362 -20.76 -3.33 16.08
C GLY C 362 -19.92 -2.10 15.75
N VAL C 363 -18.58 -2.21 15.87
CA VAL C 363 -17.68 -1.11 15.51
C VAL C 363 -17.88 -0.72 14.06
N ARG C 364 -18.10 -1.72 13.23
CA ARG C 364 -18.28 -1.49 11.81
C ARG C 364 -19.67 -0.95 11.49
N ILE C 365 -20.66 -1.22 12.34
CA ILE C 365 -21.97 -0.60 12.15
C ILE C 365 -22.01 0.85 12.63
N GLY C 366 -21.45 1.09 13.81
CA GLY C 366 -21.40 2.42 14.37
C GLY C 366 -20.54 3.35 13.55
N VAL C 367 -19.52 2.81 12.89
CA VAL C 367 -18.68 3.63 12.02
C VAL C 367 -18.72 3.17 10.54
N PRO C 368 -19.84 3.44 9.85
CA PRO C 368 -20.23 2.89 8.55
C PRO C 368 -19.32 3.36 7.44
N GLN C 369 -18.80 4.57 7.56
CA GLN C 369 -17.91 5.08 6.54
C GLN C 369 -16.47 4.65 6.82
N ALA C 370 -16.25 3.91 7.90
CA ALA C 370 -14.90 3.50 8.25
C ALA C 370 -14.42 2.35 7.40
N SER C 371 -13.25 2.53 6.76
CA SER C 371 -12.64 1.48 5.97
C SER C 371 -12.10 0.42 6.90
N ASP C 372 -11.55 -0.65 6.33
CA ASP C 372 -11.09 -1.77 7.14
C ASP C 372 -10.01 -1.36 8.12
N LEU C 373 -9.01 -0.63 7.65
CA LEU C 373 -7.94 -0.18 8.54
C LEU C 373 -8.45 0.83 9.57
N ALA C 374 -9.46 1.62 9.21
CA ALA C 374 -9.97 2.65 10.11
C ALA C 374 -10.64 2.00 11.30
N ALA C 375 -11.47 1.00 11.00
CA ALA C 375 -12.06 0.17 12.03
C ALA C 375 -10.98 -0.47 12.85
N GLU C 376 -9.96 -1.01 12.17
CA GLU C 376 -8.83 -1.62 12.86
C GLU C 376 -8.29 -0.68 13.93
N ALA C 377 -8.17 0.58 13.57
CA ALA C 377 -7.67 1.60 14.47
C ALA C 377 -8.64 1.83 15.62
N VAL C 378 -9.93 1.90 15.29
CA VAL C 378 -10.97 2.18 16.30
C VAL C 378 -10.95 1.09 17.35
N VAL C 379 -10.83 -0.14 16.88
CA VAL C 379 -10.84 -1.31 17.73
C VAL C 379 -9.62 -1.30 18.62
N LEU C 380 -8.45 -1.07 18.02
CA LEU C 380 -7.22 -1.00 18.81
C LEU C 380 -7.39 0.04 19.90
N HIS C 381 -7.95 1.17 19.54
CA HIS C 381 -8.03 2.26 20.48
C HIS C 381 -8.99 1.99 21.63
N TYR C 382 -10.12 1.33 21.38
CA TYR C 382 -11.10 1.12 22.44
C TYR C 382 -11.01 -0.18 23.25
N THR C 383 -10.20 -1.14 22.80
CA THR C 383 -10.04 -2.40 23.53
C THR C 383 -9.18 -2.19 24.77
N ASP C 384 -9.49 -2.91 25.84
CA ASP C 384 -8.53 -3.05 26.93
C ASP C 384 -7.76 -4.34 26.69
N TRP C 385 -6.47 -4.23 26.42
CA TRP C 385 -5.70 -5.38 25.97
C TRP C 385 -5.23 -6.26 27.11
N LEU C 386 -5.46 -5.81 28.33
CA LEU C 386 -5.24 -6.69 29.45
C LEU C 386 -6.30 -7.80 29.39
N HIS C 387 -7.54 -7.40 29.11
CA HIS C 387 -8.66 -8.34 28.98
C HIS C 387 -9.50 -8.00 27.76
N PRO C 388 -9.03 -8.38 26.57
CA PRO C 388 -9.66 -8.00 25.30
C PRO C 388 -11.06 -8.59 25.13
N GLU C 389 -11.33 -9.63 25.92
CA GLU C 389 -12.53 -10.43 25.77
C GLU C 389 -13.67 -10.05 26.71
N ASP C 390 -13.43 -9.10 27.61
CA ASP C 390 -14.35 -8.88 28.74
C ASP C 390 -15.65 -8.16 28.35
N PRO C 391 -16.77 -8.89 28.43
CA PRO C 391 -18.09 -8.54 27.91
C PRO C 391 -18.61 -7.23 28.45
N THR C 392 -18.49 -7.01 29.75
CA THR C 392 -18.96 -5.75 30.32
C THR C 392 -18.14 -4.60 29.73
N HIS C 393 -16.85 -4.84 29.56
CA HIS C 393 -15.99 -3.80 29.04
C HIS C 393 -16.26 -3.55 27.58
N LEU C 394 -16.43 -4.60 26.82
CA LEU C 394 -16.77 -4.45 25.42
C LEU C 394 -18.11 -3.73 25.22
N ARG C 395 -19.09 -4.02 26.06
CA ARG C 395 -20.37 -3.32 26.00
C ARG C 395 -20.18 -1.82 26.23
N ASP C 396 -19.57 -1.47 27.38
CA ASP C 396 -19.26 -0.07 27.68
C ASP C 396 -18.44 0.64 26.57
N ALA C 397 -17.62 -0.16 25.88
CA ALA C 397 -16.76 0.34 24.82
C ALA C 397 -17.53 0.59 23.54
N MET C 398 -18.52 -0.23 23.26
CA MET C 398 -19.31 -0.06 22.05
C MET C 398 -20.11 1.22 22.23
N SER C 399 -20.68 1.32 23.43
CA SER C 399 -21.35 2.56 23.80
C SER C 399 -20.39 3.73 23.51
N ALA C 400 -19.17 3.60 24.01
CA ALA C 400 -18.16 4.66 23.90
C ALA C 400 -17.85 5.07 22.46
N VAL C 401 -17.62 4.08 21.60
CA VAL C 401 -17.34 4.33 20.18
C VAL C 401 -18.46 5.14 19.54
N VAL C 402 -19.69 4.66 19.66
CA VAL C 402 -20.77 5.40 19.03
C VAL C 402 -20.90 6.83 19.59
N GLY C 403 -20.87 6.91 20.92
CA GLY C 403 -20.98 8.19 21.62
C GLY C 403 -19.96 9.24 21.21
N ASP C 404 -18.68 8.90 21.29
CA ASP C 404 -17.63 9.86 20.93
C ASP C 404 -17.63 10.17 19.44
N HIS C 405 -17.76 9.14 18.62
CA HIS C 405 -17.71 9.37 17.19
C HIS C 405 -18.77 10.37 16.70
N ASN C 406 -20.04 10.12 17.04
CA ASN C 406 -21.11 11.02 16.59
C ASN C 406 -21.30 12.30 17.40
N VAL C 407 -21.02 12.25 18.70
CA VAL C 407 -21.35 13.40 19.54
C VAL C 407 -20.19 14.05 20.27
N VAL C 408 -19.56 13.34 21.20
CA VAL C 408 -18.59 13.99 22.07
C VAL C 408 -17.49 14.66 21.28
N CYS C 409 -16.84 13.92 20.40
CA CYS C 409 -15.75 14.52 19.66
C CYS C 409 -16.14 15.66 18.71
N PRO C 410 -17.28 15.53 17.99
CA PRO C 410 -17.73 16.69 17.22
C PRO C 410 -18.02 17.90 18.11
N VAL C 411 -18.53 17.66 19.31
CA VAL C 411 -18.80 18.75 20.27
C VAL C 411 -17.50 19.39 20.74
N ALA C 412 -16.51 18.56 21.03
CA ALA C 412 -15.19 19.02 21.46
C ALA C 412 -14.61 19.87 20.38
N GLN C 413 -14.74 19.41 19.15
CA GLN C 413 -14.12 20.12 18.05
C GLN C 413 -14.77 21.47 17.85
N LEU C 414 -16.09 21.48 17.92
CA LEU C 414 -16.82 22.74 17.88
C LEU C 414 -16.39 23.69 19.00
N ALA C 415 -16.44 23.23 20.25
CA ALA C 415 -16.07 24.07 21.39
C ALA C 415 -14.74 24.70 21.12
N GLY C 416 -13.74 23.87 20.81
CA GLY C 416 -12.40 24.36 20.54
C GLY C 416 -12.25 25.37 19.42
N ARG C 417 -12.70 25.02 18.21
CA ARG C 417 -12.58 25.94 17.08
C ARG C 417 -13.40 27.21 17.29
N LEU C 418 -14.40 27.16 18.15
CA LEU C 418 -15.13 28.39 18.47
C LEU C 418 -14.32 29.24 19.46
N ALA C 419 -13.78 28.63 20.49
CA ALA C 419 -12.95 29.37 21.45
C ALA C 419 -11.76 30.00 20.77
N ALA C 420 -11.28 29.35 19.71
CA ALA C 420 -10.08 29.83 19.01
C ALA C 420 -10.38 30.97 18.05
N GLN C 421 -11.58 31.01 17.51
CA GLN C 421 -12.02 32.14 16.69
C GLN C 421 -12.64 33.19 17.58
N GLY C 422 -12.50 32.99 18.89
CA GLY C 422 -12.79 34.00 19.89
C GLY C 422 -14.24 34.22 20.26
N ALA C 423 -14.95 33.14 20.52
CA ALA C 423 -16.27 33.22 21.12
C ALA C 423 -16.19 32.77 22.60
N ARG C 424 -17.03 33.36 23.44
CA ARG C 424 -17.02 32.94 24.83
C ARG C 424 -17.72 31.61 24.82
N VAL C 425 -17.04 30.55 25.24
CA VAL C 425 -17.70 29.25 25.27
C VAL C 425 -17.75 28.70 26.66
N TYR C 426 -18.92 28.25 27.11
CA TYR C 426 -18.99 27.47 28.34
C TYR C 426 -19.33 26.03 27.96
N ALA C 427 -18.72 25.07 28.64
CA ALA C 427 -18.90 23.65 28.31
C ALA C 427 -19.26 22.79 29.51
N TYR C 428 -20.16 21.83 29.30
CA TYR C 428 -20.69 21.05 30.41
C TYR C 428 -20.72 19.56 30.08
N ILE C 429 -20.76 18.74 31.12
CA ILE C 429 -20.99 17.32 30.96
C ILE C 429 -22.07 16.90 31.97
N PHE C 430 -23.15 16.35 31.46
CA PHE C 430 -24.32 16.08 32.27
C PHE C 430 -24.23 14.64 32.75
N GLU C 431 -24.00 14.50 34.05
CA GLU C 431 -23.81 13.19 34.65
C GLU C 431 -24.98 12.59 35.43
N HIS C 432 -26.11 13.28 35.52
CA HIS C 432 -27.18 12.77 36.40
C HIS C 432 -28.16 11.83 35.71
N ARG C 433 -28.25 10.60 36.19
CA ARG C 433 -29.27 9.69 35.69
C ARG C 433 -30.59 9.92 36.44
N ALA C 434 -31.65 10.15 35.69
CA ALA C 434 -32.94 10.45 36.30
C ALA C 434 -33.43 9.24 37.10
N SER C 435 -34.09 9.51 38.23
CA SER C 435 -34.64 8.43 39.04
C SER C 435 -35.85 7.77 38.35
N THR C 436 -36.51 8.53 37.49
CA THR C 436 -37.69 8.06 36.79
C THR C 436 -37.34 7.38 35.47
N LEU C 437 -36.05 7.15 35.24
CA LEU C 437 -35.63 6.56 33.97
C LEU C 437 -36.17 5.16 33.75
N THR C 438 -36.74 4.97 32.56
CA THR C 438 -37.32 3.71 32.14
C THR C 438 -36.27 2.72 31.60
N TRP C 439 -35.19 3.27 31.03
CA TRP C 439 -34.13 2.47 30.39
C TRP C 439 -33.29 1.69 31.41
N PRO C 440 -32.59 0.62 30.96
CA PRO C 440 -31.83 -0.19 31.92
C PRO C 440 -30.66 0.55 32.55
N LEU C 441 -29.98 -0.11 33.47
CA LEU C 441 -28.95 0.59 34.23
C LEU C 441 -27.67 0.75 33.42
N TRP C 442 -27.44 -0.17 32.48
CA TRP C 442 -26.18 -0.17 31.74
C TRP C 442 -26.05 1.00 30.80
N MET C 443 -27.18 1.62 30.46
CA MET C 443 -27.19 2.74 29.55
C MET C 443 -26.86 4.07 30.24
N GLY C 444 -26.73 4.05 31.57
CA GLY C 444 -26.20 5.19 32.30
C GLY C 444 -27.05 6.44 32.24
N VAL C 445 -26.45 7.51 31.72
CA VAL C 445 -27.16 8.77 31.52
C VAL C 445 -27.24 8.94 30.03
N PRO C 446 -28.24 8.30 29.42
CA PRO C 446 -28.36 8.21 27.97
C PRO C 446 -28.60 9.57 27.36
N HIS C 447 -28.40 9.61 26.04
CA HIS C 447 -28.66 10.77 25.19
C HIS C 447 -30.09 11.28 25.40
N GLY C 448 -30.26 12.59 25.50
CA GLY C 448 -31.59 13.16 25.58
C GLY C 448 -32.16 13.33 26.97
N TYR C 449 -31.47 12.82 27.99
CA TYR C 449 -31.99 12.81 29.36
C TYR C 449 -31.53 13.96 30.23
N GLU C 450 -30.80 14.90 29.64
CA GLU C 450 -30.61 16.16 30.32
C GLU C 450 -31.87 17.05 30.15
N ILE C 451 -32.57 16.84 29.02
CA ILE C 451 -33.64 17.75 28.58
C ILE C 451 -34.71 18.03 29.64
N GLU C 452 -35.19 16.96 30.30
CA GLU C 452 -36.26 17.12 31.27
C GLU C 452 -35.83 17.98 32.43
N PHE C 453 -34.53 17.97 32.74
CA PHE C 453 -34.03 18.78 33.87
C PHE C 453 -33.85 20.26 33.51
N ILE C 454 -33.38 20.51 32.30
CA ILE C 454 -33.23 21.88 31.83
C ILE C 454 -34.60 22.54 31.77
N PHE C 455 -35.60 21.78 31.35
CA PHE C 455 -36.95 22.33 31.21
C PHE C 455 -37.72 22.39 32.52
N GLY C 456 -37.13 21.86 33.59
CA GLY C 456 -37.66 21.99 34.93
C GLY C 456 -38.83 21.11 35.29
N LEU C 457 -38.89 19.92 34.71
CA LEU C 457 -39.96 18.97 35.01
C LEU C 457 -39.99 18.44 36.42
N PRO C 458 -38.82 18.19 37.05
CA PRO C 458 -38.81 17.81 38.47
C PRO C 458 -39.59 18.73 39.41
N LEU C 459 -39.80 19.98 39.00
CA LEU C 459 -40.58 20.93 39.78
C LEU C 459 -42.06 20.52 39.90
N ASP C 460 -42.54 19.75 38.94
CA ASP C 460 -43.86 19.16 39.06
C ASP C 460 -43.80 18.05 40.11
N PRO C 461 -44.63 18.17 41.17
CA PRO C 461 -44.68 17.15 42.23
C PRO C 461 -45.25 15.82 41.74
N SER C 462 -46.24 15.90 40.85
CA SER C 462 -46.92 14.70 40.38
C SER C 462 -46.02 13.87 39.48
N LEU C 463 -44.81 14.35 39.23
CA LEU C 463 -43.93 13.60 38.39
C LEU C 463 -42.99 12.62 39.12
N ASN C 464 -43.13 12.51 40.44
CA ASN C 464 -42.42 11.49 41.24
C ASN C 464 -40.89 11.52 41.18
N TYR C 465 -40.32 12.70 40.93
CA TYR C 465 -38.86 12.93 40.99
C TYR C 465 -38.40 13.13 42.44
N THR C 466 -37.18 12.74 42.75
CA THR C 466 -36.60 12.98 44.07
C THR C 466 -36.42 14.48 44.30
N THR C 467 -36.48 14.90 45.55
CA THR C 467 -36.46 16.31 45.87
C THR C 467 -35.12 17.00 45.55
N GLU C 468 -34.02 16.26 45.63
CA GLU C 468 -32.72 16.82 45.22
C GLU C 468 -32.65 16.92 43.70
N GLU C 469 -33.40 16.05 43.02
CA GLU C 469 -33.56 16.18 41.58
C GLU C 469 -34.34 17.45 41.28
N ARG C 470 -35.24 17.81 42.20
CA ARG C 470 -36.02 19.03 42.06
C ARG C 470 -35.11 20.24 42.21
N ILE C 471 -34.37 20.33 43.30
CA ILE C 471 -33.48 21.48 43.44
C ILE C 471 -32.40 21.50 42.34
N PHE C 472 -32.06 20.32 41.84
CA PHE C 472 -31.12 20.21 40.71
C PHE C 472 -31.70 20.89 39.46
N ALA C 473 -32.94 20.51 39.15
CA ALA C 473 -33.68 21.12 38.05
C ALA C 473 -33.64 22.64 38.18
N GLN C 474 -33.96 23.12 39.38
CA GLN C 474 -33.89 24.55 39.64
C GLN C 474 -32.52 25.16 39.28
N ARG C 475 -31.45 24.55 39.80
CA ARG C 475 -30.11 25.09 39.57
C ARG C 475 -29.75 25.12 38.08
N LEU C 476 -30.17 24.08 37.37
CA LEU C 476 -29.94 23.99 35.92
C LEU C 476 -30.66 25.11 35.16
N MET C 477 -31.96 25.28 35.42
CA MET C 477 -32.69 26.36 34.74
C MET C 477 -32.04 27.69 35.05
N LYS C 478 -31.52 27.83 36.28
CA LYS C 478 -30.79 29.02 36.68
C LYS C 478 -29.58 29.26 35.77
N TYR C 479 -28.72 28.24 35.63
CA TYR C 479 -27.59 28.31 34.70
C TYR C 479 -28.03 28.74 33.30
N TRP C 480 -29.01 28.01 32.75
CA TRP C 480 -29.43 28.24 31.37
C TRP C 480 -30.00 29.64 31.11
N THR C 481 -30.89 30.09 31.99
CA THR C 481 -31.55 31.38 31.78
C THR C 481 -30.58 32.49 32.11
N ASN C 482 -29.63 32.21 33.00
CA ASN C 482 -28.54 33.14 33.23
C ASN C 482 -27.68 33.31 32.00
N PHE C 483 -27.47 32.22 31.27
CA PHE C 483 -26.77 32.31 30.00
C PHE C 483 -27.58 33.11 29.00
N ALA C 484 -28.87 32.81 28.91
CA ALA C 484 -29.76 33.53 28.01
C ALA C 484 -29.77 35.04 28.30
N ARG C 485 -29.63 35.39 29.58
CA ARG C 485 -29.72 36.77 30.04
C ARG C 485 -28.40 37.52 29.87
N THR C 486 -27.37 37.09 30.58
CA THR C 486 -26.08 37.78 30.57
C THR C 486 -25.05 37.22 29.60
N GLY C 487 -25.28 36.02 29.08
CA GLY C 487 -24.27 35.35 28.26
C GLY C 487 -23.27 34.57 29.09
N ASP C 488 -23.48 34.54 30.40
CA ASP C 488 -22.57 33.97 31.40
C ASP C 488 -23.33 33.13 32.44
N PRO C 489 -23.33 31.79 32.31
CA PRO C 489 -24.18 30.87 33.08
C PRO C 489 -24.13 31.07 34.61
N ASN C 490 -23.10 31.77 35.09
CA ASN C 490 -22.90 31.99 36.52
C ASN C 490 -23.93 32.88 37.23
N ASP C 491 -24.29 32.49 38.46
CA ASP C 491 -24.99 33.38 39.38
C ASP C 491 -23.94 34.44 39.66
N PRO C 492 -24.32 35.73 39.53
CA PRO C 492 -23.27 36.67 39.16
C PRO C 492 -22.04 36.81 40.08
N ARG C 493 -22.15 37.17 41.35
CA ARG C 493 -20.94 37.07 42.19
C ARG C 493 -20.81 36.05 43.33
N ASP C 494 -21.84 35.27 43.61
CA ASP C 494 -21.77 34.38 44.78
C ASP C 494 -20.61 33.40 44.60
N SER C 495 -19.69 33.41 45.57
CA SER C 495 -18.43 32.68 45.43
C SER C 495 -18.28 31.32 46.12
N LYS C 496 -19.26 30.89 46.93
CA LYS C 496 -19.14 29.58 47.56
C LYS C 496 -19.41 28.60 46.42
N SER C 497 -20.68 28.45 46.05
CA SER C 497 -21.13 28.71 44.68
C SER C 497 -20.02 28.63 43.62
N PRO C 498 -19.43 27.44 43.41
CA PRO C 498 -18.22 27.36 42.58
C PRO C 498 -18.42 27.98 41.20
N GLN C 499 -17.38 28.63 40.69
CA GLN C 499 -17.52 29.35 39.44
C GLN C 499 -17.23 28.42 38.28
N TRP C 500 -18.13 28.46 37.31
CA TRP C 500 -18.03 27.77 36.02
C TRP C 500 -17.29 28.68 35.05
N PRO C 501 -16.04 28.34 34.72
CA PRO C 501 -15.13 29.06 33.85
C PRO C 501 -15.42 28.84 32.38
N PRO C 502 -15.06 29.81 31.53
CA PRO C 502 -15.23 29.57 30.09
C PRO C 502 -14.23 28.54 29.59
N TYR C 503 -14.63 27.75 28.60
CA TYR C 503 -13.78 26.78 27.95
C TYR C 503 -12.87 27.53 26.99
N THR C 504 -11.56 27.34 27.16
CA THR C 504 -10.56 27.98 26.32
C THR C 504 -9.73 26.90 25.65
N THR C 505 -9.05 27.24 24.55
CA THR C 505 -8.27 26.24 23.82
C THR C 505 -7.10 25.76 24.63
N ALA C 506 -6.41 26.70 25.26
CA ALA C 506 -5.29 26.39 26.13
C ALA C 506 -5.65 25.48 27.30
N ALA C 507 -6.42 26.03 28.25
CA ALA C 507 -6.69 25.36 29.53
C ALA C 507 -7.82 24.31 29.51
N GLN C 508 -8.78 24.46 28.59
CA GLN C 508 -9.86 23.49 28.31
C GLN C 508 -10.80 23.06 29.45
N GLN C 509 -11.42 24.00 30.14
CA GLN C 509 -12.24 23.64 31.31
C GLN C 509 -13.72 23.43 30.99
N TYR C 510 -14.28 22.31 31.43
CA TYR C 510 -15.74 22.14 31.44
C TYR C 510 -16.17 21.83 32.87
N VAL C 511 -17.47 21.71 33.12
CA VAL C 511 -17.96 21.42 34.46
C VAL C 511 -18.83 20.19 34.45
N SER C 512 -18.90 19.49 35.56
CA SER C 512 -19.85 18.40 35.69
C SER C 512 -21.19 18.94 36.20
N LEU C 513 -22.28 18.65 35.50
CA LEU C 513 -23.60 18.97 36.00
C LEU C 513 -24.16 17.68 36.54
N ASN C 514 -24.18 17.60 37.86
CA ASN C 514 -24.63 16.41 38.59
C ASN C 514 -25.28 16.88 39.88
N LEU C 515 -25.53 15.97 40.81
CA LEU C 515 -26.14 16.39 42.07
C LEU C 515 -25.19 17.22 42.95
N LYS C 516 -23.95 16.75 43.11
CA LYS C 516 -22.95 17.50 43.89
C LYS C 516 -22.65 18.82 43.18
N PRO C 517 -21.98 19.76 43.87
CA PRO C 517 -21.83 21.06 43.22
C PRO C 517 -20.83 21.02 42.07
N LEU C 518 -20.66 22.13 41.39
CA LEU C 518 -19.84 22.17 40.18
C LEU C 518 -18.43 21.76 40.50
N GLU C 519 -17.91 20.88 39.64
CA GLU C 519 -16.54 20.46 39.69
C GLU C 519 -15.94 20.93 38.39
N VAL C 520 -14.75 21.52 38.41
CA VAL C 520 -14.14 21.91 37.15
C VAL C 520 -13.17 20.85 36.64
N ARG C 521 -13.37 20.42 35.40
CA ARG C 521 -12.54 19.41 34.78
C ARG C 521 -11.80 19.96 33.58
N ARG C 522 -10.61 19.42 33.33
CA ARG C 522 -9.81 19.85 32.19
C ARG C 522 -9.83 18.71 31.21
N GLY C 523 -9.75 19.02 29.92
CA GLY C 523 -9.67 17.96 28.91
C GLY C 523 -10.89 17.10 28.61
N LEU C 524 -11.95 17.71 28.07
CA LEU C 524 -13.15 16.94 27.80
C LEU C 524 -12.85 15.90 26.71
N ARG C 525 -12.83 14.62 27.11
CA ARG C 525 -12.41 13.50 26.23
C ARG C 525 -11.24 13.86 25.28
N ALA C 526 -10.07 14.15 25.85
CA ALA C 526 -9.00 14.85 25.13
C ALA C 526 -8.21 14.02 24.11
N GLN C 527 -7.73 12.86 24.57
CA GLN C 527 -6.82 12.03 23.77
C GLN C 527 -7.65 11.30 22.75
N THR C 528 -8.79 10.82 23.21
CA THR C 528 -9.69 10.05 22.37
C THR C 528 -10.17 10.91 21.21
N CYS C 529 -10.45 12.18 21.51
CA CYS C 529 -10.85 13.10 20.46
C CYS C 529 -9.68 13.53 19.59
N ALA C 530 -8.47 13.50 20.12
CA ALA C 530 -7.32 13.74 19.25
C ALA C 530 -7.36 12.68 18.18
N PHE C 531 -7.61 11.43 18.59
CA PHE C 531 -7.80 10.33 17.64
C PHE C 531 -8.87 10.65 16.60
N TRP C 532 -10.11 10.76 17.08
CA TRP C 532 -11.28 10.94 16.22
C TRP C 532 -11.21 12.15 15.29
N ASN C 533 -10.87 13.31 15.85
CA ASN C 533 -10.85 14.57 15.10
C ASN C 533 -9.59 14.81 14.25
N ARG C 534 -8.43 14.43 14.78
CA ARG C 534 -7.18 14.68 14.09
C ARG C 534 -6.70 13.48 13.26
N PHE C 535 -6.48 12.33 13.88
CA PHE C 535 -5.86 11.21 13.18
C PHE C 535 -6.79 10.45 12.24
N LEU C 536 -7.84 9.86 12.83
CA LEU C 536 -8.78 8.99 12.12
C LEU C 536 -9.20 9.50 10.72
N PRO C 537 -9.45 10.81 10.56
CA PRO C 537 -9.64 11.38 9.23
C PRO C 537 -8.49 11.11 8.26
N LYS C 538 -7.24 11.32 8.67
CA LYS C 538 -6.10 11.06 7.77
C LYS C 538 -5.99 9.58 7.40
N LEU C 539 -6.58 8.73 8.21
CA LEU C 539 -6.50 7.29 8.02
C LEU C 539 -7.44 6.75 6.97
N LEU C 540 -8.71 7.17 7.02
CA LEU C 540 -9.66 6.77 5.98
C LEU C 540 -9.56 7.73 4.81
N SER C 541 -8.61 8.67 4.94
CA SER C 541 -8.15 9.49 3.82
C SER C 541 -7.06 8.77 3.00
N ALA C 542 -6.65 7.59 3.44
CA ALA C 542 -5.93 6.66 2.57
C ALA C 542 -6.78 5.40 2.35
N THR C 543 -7.37 5.30 1.16
CA THR C 543 -8.30 4.22 0.81
C THR C 543 -8.41 4.04 -0.72
N GLU D 4 52.93 -25.97 41.60
CA GLU D 4 52.45 -24.63 41.92
C GLU D 4 51.17 -24.72 42.76
N ASP D 5 50.11 -25.19 42.12
CA ASP D 5 48.81 -25.40 42.75
C ASP D 5 47.89 -26.01 41.70
N PRO D 6 47.26 -27.14 42.04
CA PRO D 6 46.38 -27.87 41.13
C PRO D 6 45.04 -27.19 40.88
N GLN D 7 44.66 -26.27 41.75
CA GLN D 7 43.40 -25.56 41.56
C GLN D 7 43.53 -24.70 40.31
N LEU D 8 44.67 -24.03 40.20
CA LEU D 8 44.92 -23.13 39.09
C LEU D 8 45.39 -23.82 37.81
N LEU D 9 45.77 -25.09 37.86
CA LEU D 9 46.22 -25.77 36.65
C LEU D 9 45.19 -26.78 36.20
N VAL D 10 44.65 -26.54 35.01
CA VAL D 10 43.58 -27.36 34.45
C VAL D 10 44.04 -27.96 33.13
N ARG D 11 43.55 -29.13 32.76
CA ARG D 11 43.77 -29.62 31.39
C ARG D 11 42.47 -29.66 30.59
N VAL D 12 42.48 -29.06 29.41
CA VAL D 12 41.32 -29.15 28.53
C VAL D 12 41.64 -29.94 27.24
N ARG D 13 40.65 -30.02 26.35
CA ARG D 13 40.80 -30.83 25.14
C ARG D 13 41.97 -30.37 24.26
N GLY D 14 42.45 -29.15 24.50
CA GLY D 14 43.61 -28.67 23.76
C GLY D 14 44.89 -28.61 24.58
N GLY D 15 44.87 -29.22 25.77
CA GLY D 15 46.02 -29.12 26.66
C GLY D 15 45.87 -28.23 27.89
N GLN D 16 46.99 -27.95 28.54
CA GLN D 16 47.00 -27.36 29.87
C GLN D 16 46.80 -25.86 29.90
N LEU D 17 46.28 -25.38 31.03
CA LEU D 17 46.04 -23.97 31.28
C LEU D 17 46.41 -23.62 32.72
N ARG D 18 47.19 -22.57 32.88
CA ARG D 18 47.44 -22.01 34.19
C ARG D 18 46.39 -20.96 34.39
N GLY D 19 45.80 -20.95 35.59
CA GLY D 19 44.76 -19.99 35.93
C GLY D 19 45.30 -18.95 36.89
N ILE D 20 44.41 -18.16 37.47
CA ILE D 20 44.84 -17.20 38.48
C ILE D 20 43.85 -17.20 39.64
N ARG D 21 44.38 -17.21 40.87
CA ARG D 21 43.56 -17.09 42.08
C ARG D 21 43.28 -15.63 42.40
N LEU D 22 42.01 -15.32 42.69
CA LEU D 22 41.55 -13.93 42.80
C LEU D 22 40.76 -13.70 44.08
N LYS D 23 40.66 -12.45 44.50
CA LYS D 23 39.90 -12.14 45.71
C LYS D 23 38.53 -11.49 45.47
N ALA D 24 37.49 -12.26 45.72
CA ALA D 24 36.16 -11.72 45.93
C ALA D 24 36.21 -11.24 47.36
N PRO D 25 35.36 -10.29 47.74
CA PRO D 25 35.41 -9.82 49.12
C PRO D 25 35.16 -10.97 50.09
N GLY D 26 34.40 -11.96 49.67
CA GLY D 26 34.07 -13.08 50.53
C GLY D 26 34.78 -14.40 50.26
N GLY D 27 35.91 -14.35 49.57
CA GLY D 27 36.67 -15.57 49.31
C GLY D 27 37.60 -15.52 48.13
N PRO D 28 38.40 -16.59 47.94
CA PRO D 28 39.22 -16.80 46.75
C PRO D 28 38.40 -17.40 45.59
N VAL D 29 38.80 -17.13 44.34
CA VAL D 29 38.14 -17.69 43.15
C VAL D 29 39.13 -18.05 42.05
N SER D 30 38.88 -19.14 41.34
CA SER D 30 39.72 -19.48 40.19
C SER D 30 39.22 -18.76 38.94
N ALA D 31 40.11 -18.10 38.21
CA ALA D 31 39.74 -17.54 36.92
C ALA D 31 40.70 -18.04 35.85
N PHE D 32 40.13 -18.45 34.71
CA PHE D 32 40.91 -18.84 33.56
C PHE D 32 40.52 -17.92 32.43
N LEU D 33 41.42 -17.01 32.07
CA LEU D 33 41.05 -15.86 31.27
C LEU D 33 41.76 -15.87 29.93
N GLY D 34 41.01 -15.75 28.84
CA GLY D 34 41.60 -15.69 27.51
C GLY D 34 42.03 -17.05 27.00
N ILE D 35 41.25 -18.07 27.34
CA ILE D 35 41.39 -19.38 26.76
C ILE D 35 40.95 -19.25 25.32
N PRO D 36 41.82 -19.61 24.37
CA PRO D 36 41.48 -19.51 22.95
C PRO D 36 40.45 -20.54 22.56
N PHE D 37 39.32 -20.16 21.96
CA PHE D 37 38.39 -21.20 21.54
C PHE D 37 38.30 -21.49 20.05
N ALA D 38 39.04 -20.69 19.26
CA ALA D 38 39.03 -20.81 17.81
C ALA D 38 40.34 -20.29 17.26
N GLU D 39 40.79 -20.87 16.15
CA GLU D 39 41.93 -20.31 15.45
C GLU D 39 41.59 -18.87 15.06
N PRO D 40 42.54 -17.93 15.24
CA PRO D 40 42.30 -16.52 14.99
C PRO D 40 41.75 -16.27 13.61
N PRO D 41 40.60 -15.58 13.52
CA PRO D 41 39.86 -15.39 12.26
C PRO D 41 40.48 -14.29 11.44
N VAL D 42 41.79 -14.34 11.24
CA VAL D 42 42.50 -13.25 10.59
C VAL D 42 42.80 -13.60 9.13
N GLY D 43 43.37 -12.66 8.39
CA GLY D 43 43.87 -12.95 7.07
C GLY D 43 42.79 -13.34 6.08
N SER D 44 42.94 -14.52 5.50
CA SER D 44 41.99 -15.05 4.54
C SER D 44 40.80 -15.69 5.27
N ARG D 45 40.79 -15.55 6.60
CA ARG D 45 39.68 -15.99 7.43
C ARG D 45 38.72 -14.86 7.79
N ARG D 46 39.00 -13.63 7.36
CA ARG D 46 38.12 -12.52 7.72
C ARG D 46 36.76 -12.69 7.04
N PHE D 47 35.68 -12.52 7.83
CA PHE D 47 34.28 -12.68 7.38
C PHE D 47 33.84 -14.14 7.27
N MET D 48 34.77 -15.06 7.52
CA MET D 48 34.48 -16.49 7.45
C MET D 48 34.04 -17.03 8.81
N PRO D 49 33.31 -18.17 8.80
CA PRO D 49 32.94 -18.86 10.03
C PRO D 49 34.19 -19.33 10.77
N PRO D 50 34.11 -19.46 12.10
CA PRO D 50 35.32 -19.85 12.86
C PRO D 50 35.66 -21.32 12.71
N GLU D 51 36.94 -21.63 12.53
CA GLU D 51 37.41 -23.00 12.68
C GLU D 51 37.88 -23.05 14.13
N PRO D 52 37.75 -24.21 14.78
CA PRO D 52 38.10 -24.35 16.20
C PRO D 52 39.61 -24.48 16.48
N LYS D 53 40.02 -24.11 17.69
CA LYS D 53 41.43 -24.06 18.08
C LYS D 53 42.17 -25.41 18.00
N ARG D 54 43.25 -25.42 17.22
CA ARG D 54 44.12 -26.57 17.11
C ARG D 54 44.80 -26.65 18.45
N PRO D 55 45.06 -27.87 18.94
CA PRO D 55 45.57 -28.09 20.30
C PRO D 55 46.96 -27.49 20.48
N TRP D 56 47.37 -27.21 21.73
CA TRP D 56 48.64 -26.51 21.98
C TRP D 56 49.60 -27.21 22.93
N SER D 57 50.88 -26.92 22.74
CA SER D 57 51.97 -27.55 23.49
C SER D 57 52.19 -26.86 24.82
N GLY D 58 52.61 -27.63 25.82
CA GLY D 58 52.98 -27.08 27.11
C GLY D 58 51.79 -26.58 27.89
N VAL D 59 52.04 -25.67 28.81
CA VAL D 59 50.97 -25.07 29.57
C VAL D 59 50.72 -23.69 29.06
N LEU D 60 49.49 -23.43 28.66
CA LEU D 60 49.13 -22.15 28.07
C LEU D 60 48.69 -21.21 29.18
N ASP D 61 49.11 -19.97 29.09
CA ASP D 61 48.81 -19.03 30.14
C ASP D 61 47.39 -18.52 29.98
N ALA D 62 46.50 -18.79 30.94
CA ALA D 62 45.37 -17.89 31.05
C ALA D 62 45.35 -17.23 32.42
N THR D 63 46.04 -16.10 32.57
CA THR D 63 45.89 -15.28 33.75
C THR D 63 45.26 -13.92 33.52
N THR D 64 45.00 -13.57 32.28
CA THR D 64 44.70 -12.19 31.93
C THR D 64 43.84 -12.15 30.70
N PHE D 65 42.95 -11.18 30.63
CA PHE D 65 42.08 -11.03 29.48
C PHE D 65 42.87 -10.85 28.20
N GLN D 66 42.32 -11.35 27.09
CA GLN D 66 42.91 -11.21 25.77
C GLN D 66 42.41 -9.95 25.09
N ASN D 67 42.75 -9.78 23.83
CA ASN D 67 42.31 -8.60 23.09
C ASN D 67 40.80 -8.50 22.83
N VAL D 68 40.29 -7.27 22.91
CA VAL D 68 38.92 -6.99 22.51
C VAL D 68 38.82 -7.11 20.99
N CYS D 69 37.66 -7.53 20.48
CA CYS D 69 37.47 -7.56 19.03
C CYS D 69 37.46 -6.17 18.42
N TYR D 70 37.90 -6.08 17.16
CA TYR D 70 37.98 -4.79 16.47
C TYR D 70 36.63 -4.06 16.32
N GLN D 71 36.59 -2.82 16.78
CA GLN D 71 35.32 -2.13 16.87
C GLN D 71 35.44 -0.61 16.94
N TYR D 72 34.34 0.08 16.65
CA TYR D 72 34.26 1.51 16.89
C TYR D 72 34.55 1.78 18.37
N VAL D 73 35.18 2.91 18.68
CA VAL D 73 35.40 3.28 20.08
C VAL D 73 34.78 4.62 20.36
N ASP D 74 33.99 4.72 21.42
CA ASP D 74 33.06 5.84 21.56
C ASP D 74 33.64 7.14 22.11
N THR D 75 33.51 8.18 21.30
CA THR D 75 34.09 9.48 21.59
C THR D 75 33.14 10.58 22.13
N LEU D 76 31.84 10.25 22.26
CA LEU D 76 30.80 11.25 22.49
C LEU D 76 31.01 12.16 23.68
N TYR D 77 31.27 11.55 24.84
CA TYR D 77 31.58 12.31 26.06
C TYR D 77 32.86 11.73 26.64
N PRO D 78 34.02 12.08 26.05
CA PRO D 78 35.31 11.45 26.35
C PRO D 78 35.73 11.61 27.80
N GLY D 79 36.15 10.52 28.42
CA GLY D 79 36.55 10.54 29.82
C GLY D 79 35.40 10.49 30.82
N PHE D 80 34.18 10.73 30.35
CA PHE D 80 32.99 10.58 31.18
C PHE D 80 32.70 9.10 31.32
N GLU D 81 32.67 8.59 32.55
CA GLU D 81 32.69 7.16 32.76
C GLU D 81 31.38 6.43 32.43
N GLY D 82 30.29 7.18 32.27
CA GLY D 82 29.03 6.58 31.86
C GLY D 82 29.12 5.94 30.48
N THR D 83 29.76 6.64 29.54
CA THR D 83 30.03 6.11 28.21
C THR D 83 31.27 5.24 28.22
N GLU D 84 32.27 5.70 28.95
CA GLU D 84 33.59 5.06 28.98
C GLU D 84 33.52 3.61 29.49
N MET D 85 32.63 3.32 30.44
CA MET D 85 32.53 1.98 31.02
C MET D 85 32.26 0.87 29.98
N TRP D 86 31.64 1.24 28.86
CA TRP D 86 31.27 0.28 27.84
C TRP D 86 32.34 0.15 26.76
N ASN D 87 33.31 1.05 26.80
CA ASN D 87 34.41 1.08 25.83
C ASN D 87 35.45 -0.03 26.07
N PRO D 88 36.18 -0.43 25.01
CA PRO D 88 37.17 -1.52 25.13
C PRO D 88 38.17 -1.25 26.24
N ASN D 89 38.33 -2.21 27.14
CA ASN D 89 39.37 -2.13 28.18
C ASN D 89 40.66 -2.91 27.90
N ARG D 90 40.77 -3.42 26.67
CA ARG D 90 42.02 -4.00 26.18
C ARG D 90 42.37 -3.46 24.79
N GLU D 91 43.44 -4.02 24.22
CA GLU D 91 43.90 -3.66 22.88
C GLU D 91 42.98 -4.26 21.83
N LEU D 92 42.60 -3.46 20.84
CA LEU D 92 41.75 -3.97 19.77
C LEU D 92 42.54 -4.96 18.97
N SER D 93 41.89 -6.02 18.50
CA SER D 93 42.51 -6.92 17.54
C SER D 93 41.49 -7.74 16.78
N GLU D 94 41.86 -8.22 15.59
CA GLU D 94 41.02 -9.14 14.88
C GLU D 94 41.28 -10.53 15.43
N ASP D 95 42.33 -10.68 16.24
CA ASP D 95 42.57 -11.97 16.84
C ASP D 95 41.99 -11.81 18.24
N CYS D 96 40.68 -11.96 18.30
CA CYS D 96 39.89 -11.80 19.53
C CYS D 96 39.15 -13.00 20.12
N LEU D 97 39.19 -14.17 19.47
CA LEU D 97 38.22 -15.19 19.86
C LEU D 97 38.78 -16.02 20.98
N TYR D 98 38.28 -15.73 22.18
CA TYR D 98 38.82 -16.26 23.43
C TYR D 98 37.65 -16.24 24.39
N LEU D 99 37.72 -17.06 25.44
CA LEU D 99 36.69 -17.02 26.47
C LEU D 99 37.32 -17.00 27.84
N ASN D 100 36.51 -16.70 28.85
CA ASN D 100 36.91 -16.61 30.25
C ASN D 100 36.02 -17.48 31.11
N VAL D 101 36.59 -18.00 32.18
CA VAL D 101 35.84 -18.87 33.08
C VAL D 101 36.13 -18.50 34.52
N TRP D 102 35.10 -18.28 35.33
CA TRP D 102 35.28 -18.15 36.77
C TRP D 102 34.66 -19.35 37.49
N THR D 103 35.37 -19.93 38.45
CA THR D 103 34.80 -21.00 39.29
C THR D 103 35.20 -20.76 40.74
N PRO D 104 34.55 -21.44 41.68
CA PRO D 104 34.90 -21.36 43.10
C PRO D 104 36.32 -21.88 43.41
N TYR D 105 36.96 -21.35 44.44
CA TYR D 105 38.24 -21.87 44.90
C TYR D 105 38.07 -22.41 46.31
N PRO D 106 38.20 -23.74 46.50
CA PRO D 106 38.58 -24.77 45.54
C PRO D 106 37.48 -25.11 44.54
N ARG D 107 37.90 -25.80 43.48
CA ARG D 107 37.02 -26.24 42.41
C ARG D 107 35.81 -26.96 43.02
N PRO D 108 34.62 -26.78 42.42
CA PRO D 108 33.37 -27.39 42.92
C PRO D 108 33.47 -28.90 43.06
N ALA D 109 32.98 -29.39 44.20
CA ALA D 109 32.91 -30.82 44.48
C ALA D 109 32.03 -31.54 43.47
N SER D 110 30.87 -30.96 43.21
CA SER D 110 29.86 -31.57 42.35
C SER D 110 29.57 -30.66 41.15
N PRO D 111 29.03 -31.22 40.07
CA PRO D 111 28.87 -30.49 38.80
C PRO D 111 27.93 -29.27 38.87
N THR D 112 28.50 -28.17 39.38
CA THR D 112 27.87 -26.86 39.44
C THR D 112 27.26 -26.39 38.11
N PRO D 113 26.06 -25.77 38.17
CA PRO D 113 25.40 -25.08 37.06
C PRO D 113 26.24 -23.97 36.45
N VAL D 114 26.20 -23.91 35.12
CA VAL D 114 27.00 -23.00 34.31
C VAL D 114 26.16 -21.88 33.71
N LEU D 115 26.66 -20.65 33.85
CA LEU D 115 26.03 -19.45 33.32
C LEU D 115 26.96 -18.83 32.30
N ILE D 116 26.54 -18.88 31.03
CA ILE D 116 27.31 -18.30 29.94
C ILE D 116 26.75 -16.94 29.59
N TRP D 117 27.60 -15.93 29.61
CA TRP D 117 27.18 -14.55 29.39
C TRP D 117 27.61 -14.05 28.01
N ILE D 118 26.69 -13.34 27.35
CA ILE D 118 26.97 -12.79 26.03
C ILE D 118 26.74 -11.29 26.08
N TYR D 119 27.78 -10.50 25.81
CA TYR D 119 27.67 -9.05 25.90
C TYR D 119 26.84 -8.40 24.78
N GLY D 120 26.33 -7.20 25.05
CA GLY D 120 25.58 -6.41 24.09
C GLY D 120 26.52 -5.44 23.41
N GLY D 121 26.03 -4.25 23.06
CA GLY D 121 26.81 -3.35 22.22
C GLY D 121 26.41 -3.29 20.76
N GLY D 122 25.19 -3.71 20.44
CA GLY D 122 24.60 -3.43 19.14
C GLY D 122 25.21 -4.21 18.02
N PHE D 123 25.93 -5.25 18.38
CA PHE D 123 26.72 -6.06 17.46
C PHE D 123 27.75 -5.21 16.75
N TYR D 124 27.99 -3.98 17.20
CA TYR D 124 29.13 -3.24 16.69
C TYR D 124 30.27 -3.11 17.69
N SER D 125 30.08 -3.60 18.90
CA SER D 125 31.02 -3.28 19.97
C SER D 125 30.90 -4.24 21.13
N GLY D 126 31.71 -4.01 22.15
CA GLY D 126 31.67 -4.83 23.33
C GLY D 126 32.84 -5.79 23.44
N ALA D 127 32.91 -6.45 24.58
CA ALA D 127 33.93 -7.43 24.89
C ALA D 127 33.63 -7.96 26.26
N ALA D 128 34.09 -9.17 26.55
CA ALA D 128 33.73 -9.85 27.77
C ALA D 128 34.61 -9.40 28.94
N SER D 129 35.60 -8.57 28.64
CA SER D 129 36.59 -8.21 29.65
C SER D 129 36.24 -6.94 30.42
N LEU D 130 35.10 -6.34 30.10
CA LEU D 130 34.64 -5.12 30.77
C LEU D 130 34.47 -5.34 32.26
N ASP D 131 34.67 -4.29 33.05
CA ASP D 131 34.59 -4.43 34.51
C ASP D 131 33.21 -4.86 35.01
N VAL D 132 32.16 -4.45 34.30
CA VAL D 132 30.80 -4.77 34.72
C VAL D 132 30.48 -6.27 34.59
N TYR D 133 31.26 -6.97 33.77
CA TYR D 133 31.03 -8.38 33.50
C TYR D 133 31.88 -9.31 34.36
N ASP D 134 32.60 -8.73 35.33
CA ASP D 134 33.45 -9.52 36.23
C ASP D 134 32.59 -10.64 36.83
N GLY D 135 33.01 -11.87 36.63
CA GLY D 135 32.21 -12.99 37.09
C GLY D 135 32.63 -13.51 38.45
N ARG D 136 33.52 -12.79 39.13
CA ARG D 136 34.10 -13.27 40.38
C ARG D 136 33.06 -13.46 41.48
N PHE D 137 32.13 -12.51 41.62
CA PHE D 137 31.11 -12.61 42.66
C PHE D 137 30.14 -13.75 42.43
N LEU D 138 29.52 -13.84 41.26
CA LEU D 138 28.57 -14.94 41.00
C LEU D 138 29.18 -16.30 41.33
N ALA D 139 30.44 -16.46 40.94
CA ALA D 139 31.21 -17.65 41.31
C ALA D 139 31.26 -17.79 42.80
N GLN D 140 31.96 -16.85 43.45
CA GLN D 140 32.23 -16.97 44.88
C GLN D 140 30.97 -17.14 45.73
N VAL D 141 30.02 -16.22 45.63
CA VAL D 141 28.84 -16.23 46.48
C VAL D 141 27.69 -17.16 46.06
N GLU D 142 27.44 -17.34 44.77
CA GLU D 142 26.39 -18.29 44.43
C GLU D 142 26.94 -19.66 44.08
N GLY D 143 28.26 -19.79 44.20
CA GLY D 143 28.93 -21.07 44.01
C GLY D 143 28.90 -21.55 42.58
N ALA D 144 28.90 -20.61 41.64
CA ALA D 144 28.55 -20.90 40.25
C ALA D 144 29.76 -20.84 39.33
N VAL D 145 29.69 -21.57 38.21
CA VAL D 145 30.70 -21.50 37.16
C VAL D 145 30.25 -20.61 36.03
N LEU D 146 31.05 -19.60 35.74
CA LEU D 146 30.67 -18.52 34.85
C LEU D 146 31.55 -18.39 33.59
N VAL D 147 30.97 -18.62 32.41
CA VAL D 147 31.71 -18.44 31.15
C VAL D 147 31.30 -17.15 30.49
N SER D 148 32.27 -16.50 29.84
CA SER D 148 31.98 -15.34 28.99
C SER D 148 32.91 -15.40 27.78
N MET D 149 32.40 -15.11 26.58
CA MET D 149 33.25 -15.20 25.38
C MET D 149 33.24 -13.91 24.58
N ASN D 150 34.28 -13.72 23.76
CA ASN D 150 34.29 -12.65 22.78
C ASN D 150 33.69 -13.17 21.48
N TYR D 151 32.97 -12.33 20.76
CA TYR D 151 32.53 -12.68 19.40
C TYR D 151 32.78 -11.48 18.52
N ARG D 152 33.02 -11.74 17.24
CA ARG D 152 33.30 -10.67 16.29
C ARG D 152 32.08 -9.78 16.09
N VAL D 153 32.25 -8.51 16.37
CA VAL D 153 31.18 -7.57 16.21
C VAL D 153 31.49 -6.75 14.97
N GLY D 154 30.61 -5.82 14.62
CA GLY D 154 30.83 -4.94 13.49
C GLY D 154 30.99 -5.64 12.15
N THR D 155 31.71 -5.01 11.23
CA THR D 155 31.88 -5.53 9.88
C THR D 155 32.46 -6.93 9.95
N PHE D 156 33.40 -7.13 10.85
CA PHE D 156 34.12 -8.40 10.96
C PHE D 156 33.17 -9.52 11.30
N GLY D 157 32.29 -9.26 12.26
CA GLY D 157 31.31 -10.26 12.64
C GLY D 157 30.13 -10.42 11.70
N PHE D 158 29.54 -9.31 11.34
CA PHE D 158 28.33 -9.38 10.56
C PHE D 158 28.27 -8.98 9.10
N LEU D 159 29.37 -8.52 8.51
CA LEU D 159 29.34 -8.11 7.10
C LEU D 159 29.08 -9.32 6.23
N ALA D 160 28.08 -9.23 5.36
CA ALA D 160 27.54 -10.43 4.72
C ALA D 160 27.20 -10.18 3.28
N LEU D 161 27.64 -11.08 2.42
CA LEU D 161 27.20 -11.06 1.04
C LEU D 161 26.45 -12.34 0.80
N PRO D 162 25.15 -12.34 1.17
CA PRO D 162 24.33 -13.54 1.33
C PRO D 162 24.46 -14.46 0.14
N GLY D 163 24.67 -15.75 0.40
CA GLY D 163 24.82 -16.72 -0.67
C GLY D 163 26.27 -17.06 -0.98
N SER D 164 27.16 -16.16 -0.58
CA SER D 164 28.59 -16.37 -0.80
C SER D 164 29.15 -17.30 0.25
N ARG D 165 30.14 -18.08 -0.16
CA ARG D 165 30.89 -18.93 0.74
C ARG D 165 31.94 -18.09 1.47
N GLU D 166 32.30 -16.97 0.86
CA GLU D 166 33.40 -16.11 1.29
C GLU D 166 33.09 -15.16 2.46
N ALA D 167 31.84 -14.72 2.55
CA ALA D 167 31.36 -13.92 3.67
C ALA D 167 29.91 -14.28 3.96
N PRO D 168 29.67 -15.48 4.53
CA PRO D 168 28.33 -16.06 4.59
C PRO D 168 27.42 -15.32 5.54
N GLY D 169 28.00 -14.56 6.47
CA GLY D 169 27.19 -13.79 7.39
C GLY D 169 26.87 -14.53 8.67
N ASN D 170 26.52 -13.75 9.70
CA ASN D 170 26.29 -14.24 11.06
C ASN D 170 27.48 -14.94 11.66
N VAL D 171 28.68 -14.67 11.18
CA VAL D 171 29.80 -15.40 11.72
C VAL D 171 30.04 -15.05 13.20
N GLY D 172 29.58 -13.87 13.64
CA GLY D 172 29.66 -13.51 15.04
C GLY D 172 28.88 -14.50 15.89
N LEU D 173 27.69 -14.81 15.43
CA LEU D 173 26.86 -15.81 16.08
C LEU D 173 27.53 -17.20 16.04
N LEU D 174 28.22 -17.50 14.95
CA LEU D 174 28.91 -18.78 14.84
C LEU D 174 30.07 -18.86 15.84
N ASP D 175 30.67 -17.71 16.15
CA ASP D 175 31.65 -17.58 17.23
C ASP D 175 31.02 -17.93 18.56
N GLN D 176 29.94 -17.24 18.92
CA GLN D 176 29.25 -17.54 20.18
C GLN D 176 28.96 -19.03 20.27
N ARG D 177 28.38 -19.57 19.21
CA ARG D 177 28.05 -20.98 19.18
C ARG D 177 29.27 -21.83 19.45
N LEU D 178 30.36 -21.60 18.73
CA LEU D 178 31.60 -22.35 18.96
C LEU D 178 32.06 -22.26 20.42
N ALA D 179 31.90 -21.12 21.04
CA ALA D 179 32.23 -21.02 22.44
C ALA D 179 31.29 -21.90 23.25
N LEU D 180 30.07 -22.08 22.76
CA LEU D 180 29.10 -22.95 23.41
C LEU D 180 29.45 -24.44 23.29
N GLN D 181 29.90 -24.87 22.11
CA GLN D 181 30.43 -26.22 21.93
C GLN D 181 31.62 -26.41 22.83
N TRP D 182 32.52 -25.42 22.88
CA TRP D 182 33.66 -25.48 23.78
C TRP D 182 33.15 -25.75 25.16
N VAL D 183 32.15 -24.99 25.59
CA VAL D 183 31.61 -25.16 26.93
C VAL D 183 31.16 -26.61 27.11
N GLN D 184 30.56 -27.13 26.07
CA GLN D 184 29.99 -28.46 26.11
C GLN D 184 31.07 -29.51 26.30
N GLU D 185 32.21 -29.35 25.64
CA GLU D 185 33.29 -30.34 25.75
C GLU D 185 34.15 -30.18 27.00
N ASN D 186 34.48 -28.94 27.33
CA ASN D 186 35.41 -28.70 28.42
C ASN D 186 34.96 -28.16 29.77
N ILE D 187 33.71 -27.74 29.92
CA ILE D 187 33.40 -26.95 31.12
C ILE D 187 33.47 -27.82 32.35
N ALA D 188 33.34 -29.13 32.13
CA ALA D 188 33.34 -30.09 33.21
C ALA D 188 34.63 -30.04 34.03
N ALA D 189 35.77 -29.88 33.36
CA ALA D 189 37.05 -29.91 34.04
C ALA D 189 37.20 -28.77 35.03
N PHE D 190 36.39 -27.74 34.90
CA PHE D 190 36.42 -26.66 35.90
C PHE D 190 35.33 -26.85 36.93
N GLY D 191 34.61 -27.96 36.83
CA GLY D 191 33.51 -28.23 37.75
C GLY D 191 32.17 -27.70 37.28
N GLY D 192 32.02 -27.56 35.97
CA GLY D 192 30.75 -27.18 35.40
C GLY D 192 29.90 -28.40 35.11
N ASP D 193 28.61 -28.19 34.92
CA ASP D 193 27.74 -29.25 34.46
C ASP D 193 27.37 -28.98 33.02
N PRO D 194 27.93 -29.76 32.08
CA PRO D 194 27.57 -29.70 30.66
C PRO D 194 26.07 -29.77 30.43
N MET D 195 25.34 -30.39 31.35
CA MET D 195 23.88 -30.50 31.19
C MET D 195 23.03 -29.46 31.94
N SER D 196 23.65 -28.60 32.76
CA SER D 196 22.92 -27.39 33.15
C SER D 196 23.65 -26.13 32.70
N VAL D 197 23.19 -25.55 31.61
CA VAL D 197 23.87 -24.43 31.01
C VAL D 197 22.85 -23.37 30.65
N THR D 198 22.95 -22.21 31.31
CA THR D 198 22.02 -21.13 31.06
C THR D 198 22.72 -20.00 30.33
N LEU D 199 22.20 -19.64 29.16
CA LEU D 199 22.74 -18.49 28.44
C LEU D 199 22.07 -17.27 29.04
N PHE D 200 22.84 -16.21 29.23
CA PHE D 200 22.23 -14.95 29.63
C PHE D 200 22.96 -13.77 29.00
N GLY D 201 22.21 -12.81 28.50
CA GLY D 201 22.83 -11.68 27.86
C GLY D 201 21.98 -10.44 27.92
N GLU D 202 22.58 -9.32 27.53
CA GLU D 202 21.89 -8.04 27.58
C GLU D 202 21.97 -7.32 26.21
N SER D 203 20.90 -6.60 25.87
CA SER D 203 20.79 -5.86 24.60
C SER D 203 20.99 -6.76 23.36
N ALA D 204 22.01 -6.47 22.57
CA ALA D 204 22.36 -7.33 21.44
C ALA D 204 22.75 -8.71 21.94
N GLY D 205 23.26 -8.79 23.15
CA GLY D 205 23.60 -10.06 23.73
C GLY D 205 22.34 -10.88 23.95
N ALA D 206 21.30 -10.23 24.43
CA ALA D 206 20.04 -10.93 24.67
C ALA D 206 19.39 -11.27 23.33
N ALA D 207 19.58 -10.39 22.35
CA ALA D 207 19.14 -10.68 20.99
C ALA D 207 19.78 -11.99 20.56
N SER D 208 21.07 -12.13 20.83
CA SER D 208 21.81 -13.31 20.45
C SER D 208 21.29 -14.54 21.17
N VAL D 209 21.02 -14.42 22.46
CA VAL D 209 20.48 -15.53 23.24
C VAL D 209 19.17 -15.98 22.58
N GLY D 210 18.31 -15.01 22.28
CA GLY D 210 17.10 -15.31 21.54
C GLY D 210 17.40 -15.96 20.19
N MET D 211 18.52 -15.60 19.61
CA MET D 211 18.87 -16.08 18.30
C MET D 211 19.35 -17.56 18.36
N HIS D 212 19.96 -17.97 19.47
CA HIS D 212 20.31 -19.38 19.63
C HIS D 212 19.07 -20.18 20.00
N ILE D 213 18.13 -19.55 20.71
CA ILE D 213 16.85 -20.21 20.96
C ILE D 213 16.19 -20.60 19.62
N LEU D 214 16.37 -19.75 18.62
CA LEU D 214 15.66 -19.93 17.37
C LEU D 214 16.46 -20.67 16.28
N SER D 215 17.69 -21.06 16.60
CA SER D 215 18.56 -21.68 15.61
C SER D 215 18.81 -23.11 16.02
N LEU D 216 18.44 -24.06 15.18
CA LEU D 216 18.45 -25.45 15.62
C LEU D 216 19.79 -26.00 16.16
N PRO D 217 20.87 -25.91 15.36
CA PRO D 217 22.14 -26.38 15.90
C PRO D 217 22.48 -25.79 17.26
N SER D 218 22.12 -24.54 17.54
CA SER D 218 22.44 -23.97 18.86
C SER D 218 21.68 -24.63 20.02
N ARG D 219 20.48 -25.13 19.72
CA ARG D 219 19.51 -25.53 20.74
C ARG D 219 20.02 -26.50 21.80
N SER D 220 20.95 -27.38 21.42
CA SER D 220 21.41 -28.44 22.31
C SER D 220 22.64 -28.05 23.08
N LEU D 221 23.06 -26.80 22.95
CA LEU D 221 24.25 -26.36 23.66
C LEU D 221 23.86 -25.67 24.97
N PHE D 222 22.57 -25.52 25.20
CA PHE D 222 22.12 -24.88 26.43
C PHE D 222 20.75 -25.37 26.88
N HIS D 223 20.29 -24.83 28.01
CA HIS D 223 19.11 -25.35 28.70
C HIS D 223 18.12 -24.25 29.08
N ARG D 224 18.60 -23.30 29.85
CA ARG D 224 17.79 -22.13 30.18
C ARG D 224 18.30 -20.86 29.47
N ALA D 225 17.40 -19.90 29.24
CA ALA D 225 17.81 -18.63 28.66
C ALA D 225 17.38 -17.39 29.48
N VAL D 226 18.20 -16.35 29.48
CA VAL D 226 17.87 -15.06 30.10
C VAL D 226 18.15 -13.89 29.16
N LEU D 227 17.08 -13.23 28.75
CA LEU D 227 17.13 -12.11 27.82
C LEU D 227 16.87 -10.80 28.57
N GLN D 228 17.93 -10.04 28.75
CA GLN D 228 17.86 -8.80 29.48
C GLN D 228 17.85 -7.63 28.53
N SER D 229 16.70 -6.96 28.43
CA SER D 229 16.54 -5.72 27.65
C SER D 229 16.95 -5.88 26.20
N GLY D 230 16.55 -7.00 25.60
CA GLY D 230 16.81 -7.24 24.20
C GLY D 230 16.16 -8.51 23.69
N THR D 231 15.94 -8.58 22.37
CA THR D 231 15.24 -9.69 21.77
C THR D 231 15.72 -10.01 20.36
N PRO D 232 15.53 -11.25 19.90
CA PRO D 232 15.88 -11.57 18.52
C PRO D 232 14.90 -10.92 17.57
N ASN D 233 13.70 -10.65 18.01
CA ASN D 233 12.74 -9.99 17.12
C ASN D 233 12.83 -8.48 17.26
N GLY D 234 12.05 -7.77 16.46
CA GLY D 234 12.02 -6.33 16.56
C GLY D 234 12.71 -5.58 15.43
N PRO D 235 12.77 -4.25 15.54
CA PRO D 235 13.35 -3.39 14.52
C PRO D 235 14.83 -3.62 14.25
N TRP D 236 15.65 -3.71 15.30
CA TRP D 236 17.10 -3.57 15.14
C TRP D 236 18.04 -4.77 15.11
N ALA D 237 17.56 -5.97 15.41
CA ALA D 237 18.47 -7.09 15.66
C ALA D 237 18.81 -7.91 14.44
N THR D 238 18.07 -7.74 13.35
CA THR D 238 18.39 -8.47 12.12
C THR D 238 18.09 -7.58 10.96
N VAL D 239 18.84 -7.75 9.86
CA VAL D 239 18.38 -7.25 8.55
C VAL D 239 18.12 -8.42 7.63
N SER D 240 17.64 -8.10 6.44
CA SER D 240 17.31 -9.10 5.45
C SER D 240 18.55 -9.42 4.63
N ALA D 241 18.42 -10.38 3.74
CA ALA D 241 19.49 -10.71 2.83
C ALA D 241 19.80 -9.48 1.98
N GLY D 242 18.73 -8.84 1.51
CA GLY D 242 18.86 -7.70 0.64
C GLY D 242 19.67 -6.56 1.23
N GLU D 243 19.24 -6.10 2.40
CA GLU D 243 19.92 -5.01 3.08
C GLU D 243 21.36 -5.39 3.44
N ALA D 244 21.56 -6.64 3.84
CA ALA D 244 22.90 -7.14 4.11
C ALA D 244 23.77 -6.83 2.90
N ARG D 245 23.33 -7.29 1.73
CA ARG D 245 24.09 -7.06 0.49
C ARG D 245 24.27 -5.58 0.21
N ARG D 246 23.19 -4.81 0.33
CA ARG D 246 23.24 -3.37 0.09
C ARG D 246 24.36 -2.73 0.91
N ARG D 247 24.37 -3.04 2.19
CA ARG D 247 25.26 -2.37 3.13
C ARG D 247 26.68 -2.85 2.92
N ALA D 248 26.82 -4.15 2.66
CA ALA D 248 28.15 -4.74 2.50
C ALA D 248 28.80 -4.17 1.24
N THR D 249 28.05 -4.23 0.16
CA THR D 249 28.45 -3.65 -1.11
C THR D 249 28.86 -2.18 -1.00
N LEU D 250 28.01 -1.37 -0.38
CA LEU D 250 28.28 0.07 -0.21
C LEU D 250 29.52 0.36 0.65
N LEU D 251 29.64 -0.33 1.77
CA LEU D 251 30.80 -0.17 2.65
C LEU D 251 32.05 -0.54 1.91
N ALA D 252 31.95 -1.61 1.13
CA ALA D 252 33.01 -1.99 0.22
C ALA D 252 33.35 -0.83 -0.72
N ARG D 253 32.31 -0.19 -1.27
CA ARG D 253 32.50 0.88 -2.23
C ARG D 253 33.32 2.00 -1.60
N LEU D 254 33.05 2.27 -0.34
CA LEU D 254 33.74 3.37 0.35
C LEU D 254 35.22 3.14 0.64
N VAL D 255 35.63 1.89 0.80
CA VAL D 255 37.04 1.60 1.04
C VAL D 255 37.82 1.39 -0.24
N GLY D 256 37.14 1.63 -1.37
CA GLY D 256 37.77 1.54 -2.66
C GLY D 256 37.81 0.13 -3.21
N CYS D 257 37.05 -0.77 -2.57
CA CYS D 257 36.97 -2.14 -3.06
C CYS D 257 36.25 -2.23 -4.38
N PRO D 258 36.01 -3.44 -4.90
CA PRO D 258 36.73 -3.74 -6.15
C PRO D 258 36.87 -2.56 -7.10
N PRO D 259 38.13 -2.28 -7.51
CA PRO D 259 38.52 -0.97 -8.09
C PRO D 259 37.91 -0.54 -9.44
N GLY D 260 37.26 0.63 -9.38
CA GLY D 260 36.79 1.43 -10.50
C GLY D 260 35.49 0.93 -11.07
N GLY D 261 35.37 -0.39 -11.08
CA GLY D 261 34.13 -1.14 -11.07
C GLY D 261 34.58 -2.57 -11.32
N ALA D 262 33.87 -3.51 -10.73
CA ALA D 262 34.04 -4.92 -11.03
C ALA D 262 32.66 -5.48 -11.07
N GLY D 263 32.01 -5.39 -9.91
CA GLY D 263 30.72 -6.01 -9.64
C GLY D 263 31.01 -7.49 -9.76
N GLY D 264 30.03 -8.25 -10.26
CA GLY D 264 30.33 -9.59 -10.68
C GLY D 264 30.75 -10.41 -9.51
N ASN D 265 32.00 -10.85 -9.55
CA ASN D 265 32.56 -11.63 -8.46
C ASN D 265 32.44 -10.93 -7.11
N ASP D 266 31.76 -11.59 -6.19
CA ASP D 266 31.78 -11.21 -4.80
C ASP D 266 33.09 -11.73 -4.28
N THR D 267 33.55 -12.83 -4.87
CA THR D 267 34.77 -13.47 -4.38
C THR D 267 35.89 -12.46 -4.50
N GLU D 268 35.88 -11.71 -5.60
CA GLU D 268 36.88 -10.67 -5.85
C GLU D 268 36.66 -9.45 -4.94
N LEU D 269 35.40 -9.06 -4.74
CA LEU D 269 35.08 -8.00 -3.80
C LEU D 269 35.63 -8.33 -2.39
N ILE D 270 35.10 -9.39 -1.76
CA ILE D 270 35.54 -9.83 -0.43
C ILE D 270 37.04 -10.06 -0.38
N ALA D 271 37.60 -10.47 -1.53
CA ALA D 271 39.03 -10.56 -1.67
C ALA D 271 39.66 -9.21 -1.34
N CYS D 272 39.35 -8.20 -2.17
CA CYS D 272 39.87 -6.84 -1.99
C CYS D 272 39.69 -6.36 -0.55
N LEU D 273 38.47 -6.58 -0.03
CA LEU D 273 38.11 -6.20 1.32
C LEU D 273 39.06 -6.80 2.35
N ARG D 274 39.42 -8.06 2.15
CA ARG D 274 40.23 -8.82 3.11
C ARG D 274 41.65 -8.24 3.25
N THR D 275 41.97 -7.32 2.34
CA THR D 275 43.29 -6.69 2.26
C THR D 275 43.37 -5.30 2.91
N ARG D 276 42.25 -4.80 3.42
CA ARG D 276 42.25 -3.50 4.09
C ARG D 276 42.52 -3.69 5.57
N PRO D 277 43.34 -2.80 6.14
CA PRO D 277 43.55 -2.80 7.60
C PRO D 277 42.21 -2.66 8.32
N ALA D 278 42.10 -3.22 9.52
CA ALA D 278 40.79 -3.29 10.18
C ALA D 278 40.22 -1.90 10.41
N GLN D 279 41.08 -0.99 10.82
CA GLN D 279 40.63 0.34 11.21
C GLN D 279 40.02 1.08 10.02
N ASP D 280 40.50 0.78 8.82
CA ASP D 280 39.92 1.34 7.60
C ASP D 280 38.48 0.91 7.45
N LEU D 281 38.20 -0.37 7.70
CA LEU D 281 36.82 -0.83 7.65
C LEU D 281 35.97 -0.07 8.67
N VAL D 282 36.41 -0.10 9.93
CA VAL D 282 35.67 0.56 11.01
C VAL D 282 35.40 2.06 10.79
N ASP D 283 36.35 2.75 10.17
CA ASP D 283 36.18 4.17 9.87
C ASP D 283 34.92 4.40 9.04
N HIS D 284 34.83 3.77 7.88
CA HIS D 284 33.67 4.00 7.03
C HIS D 284 32.49 3.16 7.50
N GLU D 285 32.65 2.44 8.61
CA GLU D 285 31.52 1.63 9.11
C GLU D 285 30.33 2.49 9.44
N TRP D 286 30.54 3.70 9.97
CA TRP D 286 29.35 4.51 10.09
C TRP D 286 29.30 5.47 8.89
N HIS D 287 28.72 4.93 7.84
CA HIS D 287 28.26 5.63 6.65
C HIS D 287 26.99 4.92 6.24
N VAL D 288 27.16 3.64 5.96
CA VAL D 288 26.18 2.78 5.29
C VAL D 288 24.74 2.80 5.80
N LEU D 289 24.54 3.19 7.07
CA LEU D 289 23.21 3.32 7.66
C LEU D 289 22.34 4.21 6.79
N PRO D 290 21.20 3.66 6.32
CA PRO D 290 20.29 4.21 5.29
C PRO D 290 19.83 5.64 5.53
N GLN D 291 19.44 5.92 6.76
CA GLN D 291 19.03 7.27 7.13
C GLN D 291 19.49 7.60 8.56
N GLU D 292 19.45 8.88 8.91
CA GLU D 292 19.83 9.35 10.22
C GLU D 292 19.00 8.61 11.28
N SER D 293 19.69 7.91 12.17
CA SER D 293 19.01 7.06 13.14
C SER D 293 19.69 6.95 14.49
N ILE D 294 18.91 6.50 15.46
CA ILE D 294 19.40 6.05 16.75
C ILE D 294 18.77 4.68 17.08
N PHE D 295 19.54 3.84 17.75
CA PHE D 295 19.18 2.45 18.00
C PHE D 295 18.93 1.71 16.67
N ARG D 296 19.77 1.99 15.68
CA ARG D 296 19.93 1.11 14.52
C ARG D 296 21.43 0.90 14.36
N PHE D 297 21.83 -0.24 13.82
CA PHE D 297 23.24 -0.54 13.77
C PHE D 297 23.58 -1.05 12.40
N SER D 298 24.78 -0.72 11.91
CA SER D 298 25.18 -1.03 10.53
C SER D 298 25.09 -2.50 10.11
N PHE D 299 25.90 -3.36 10.74
CA PHE D 299 25.92 -4.77 10.39
C PHE D 299 25.44 -5.65 11.53
N VAL D 300 24.39 -6.41 11.31
CA VAL D 300 23.77 -7.22 12.36
C VAL D 300 23.45 -8.61 11.82
N PRO D 301 22.88 -9.52 12.65
CA PRO D 301 22.46 -10.80 12.08
C PRO D 301 21.63 -10.70 10.80
N VAL D 302 21.89 -11.59 9.85
CA VAL D 302 21.16 -11.59 8.59
C VAL D 302 20.17 -12.74 8.61
N VAL D 303 19.00 -12.54 8.01
CA VAL D 303 18.07 -13.64 7.86
C VAL D 303 18.44 -14.26 6.52
N ASP D 304 19.26 -15.31 6.61
CA ASP D 304 19.98 -15.90 5.49
C ASP D 304 19.41 -17.20 4.98
N GLY D 305 18.39 -17.71 5.65
CA GLY D 305 17.90 -19.05 5.39
C GLY D 305 18.74 -20.17 6.00
N ASP D 306 19.89 -19.82 6.56
CA ASP D 306 20.82 -20.82 7.11
C ASP D 306 20.69 -20.87 8.64
N PHE D 307 21.27 -19.86 9.29
CA PHE D 307 21.32 -19.77 10.75
C PHE D 307 19.95 -19.41 11.25
N LEU D 308 19.39 -18.37 10.65
CA LEU D 308 17.98 -18.07 10.82
C LEU D 308 17.22 -18.65 9.63
N SER D 309 16.37 -19.62 9.91
CA SER D 309 15.66 -20.39 8.89
C SER D 309 14.56 -19.58 8.23
N ASP D 310 13.98 -18.66 9.01
CA ASP D 310 13.04 -17.67 8.51
C ASP D 310 13.33 -16.43 9.36
N THR D 311 12.49 -15.41 9.25
CA THR D 311 12.65 -14.22 10.09
C THR D 311 12.42 -14.67 11.51
N PRO D 312 13.00 -13.96 12.48
CA PRO D 312 12.73 -14.29 13.88
C PRO D 312 11.24 -14.16 14.26
N GLU D 313 10.51 -13.17 13.73
CA GLU D 313 9.09 -13.00 14.06
C GLU D 313 8.31 -14.24 13.64
N ALA D 314 8.70 -14.82 12.51
CA ALA D 314 8.18 -16.10 12.06
C ALA D 314 8.47 -17.26 13.05
N LEU D 315 9.74 -17.45 13.38
CA LEU D 315 10.14 -18.56 14.21
C LEU D 315 9.53 -18.48 15.59
N ILE D 316 9.35 -17.26 16.11
CA ILE D 316 8.67 -17.15 17.39
C ILE D 316 7.17 -17.32 17.21
N ASN D 317 6.66 -16.96 16.03
CA ASN D 317 5.24 -17.18 15.72
C ASN D 317 4.85 -18.64 15.72
N THR D 318 5.76 -19.52 15.30
CA THR D 318 5.40 -20.92 15.11
C THR D 318 6.05 -21.99 16.00
N GLY D 319 7.36 -22.20 15.89
CA GLY D 319 7.99 -23.39 16.45
C GLY D 319 7.72 -23.73 17.91
N ASP D 320 7.87 -25.02 18.26
CA ASP D 320 7.46 -25.54 19.58
C ASP D 320 8.45 -25.25 20.71
N PHE D 321 7.97 -24.47 21.68
CA PHE D 321 8.75 -24.07 22.84
C PHE D 321 8.47 -24.86 24.12
N GLN D 322 7.72 -25.95 23.97
CA GLN D 322 7.41 -26.87 25.08
C GLN D 322 8.69 -27.17 25.82
N ASP D 323 8.64 -27.12 27.15
CA ASP D 323 9.84 -27.20 28.00
C ASP D 323 11.03 -26.39 27.47
N LEU D 324 10.84 -25.07 27.50
CA LEU D 324 11.93 -24.12 27.43
C LEU D 324 11.72 -23.15 28.56
N GLN D 325 12.74 -22.91 29.36
CA GLN D 325 12.60 -21.96 30.44
C GLN D 325 13.29 -20.66 30.11
N VAL D 326 12.53 -19.57 30.17
CA VAL D 326 13.04 -18.28 29.74
C VAL D 326 12.76 -17.21 30.78
N LEU D 327 13.77 -16.42 31.08
CA LEU D 327 13.59 -15.23 31.91
C LEU D 327 13.88 -13.98 31.08
N VAL D 328 12.87 -13.14 30.87
CA VAL D 328 13.01 -11.92 30.09
C VAL D 328 12.74 -10.69 30.94
N GLY D 329 13.23 -9.54 30.49
CA GLY D 329 12.87 -8.33 31.22
C GLY D 329 13.44 -7.04 30.71
N VAL D 330 12.97 -5.92 31.26
CA VAL D 330 13.42 -4.61 30.76
C VAL D 330 13.77 -3.65 31.90
N VAL D 331 14.62 -2.65 31.64
CA VAL D 331 14.90 -1.61 32.65
C VAL D 331 13.75 -0.60 32.67
N LYS D 332 13.78 0.37 33.58
CA LYS D 332 12.64 1.28 33.70
C LYS D 332 12.43 2.09 32.44
N ASP D 333 13.42 2.89 32.05
CA ASP D 333 13.32 3.63 30.80
C ASP D 333 14.47 3.28 29.87
N GLU D 334 14.17 2.52 28.84
CA GLU D 334 15.22 1.99 27.96
C GLU D 334 15.70 3.05 26.99
N GLY D 335 14.84 4.03 26.71
CA GLY D 335 15.10 4.97 25.65
C GLY D 335 16.02 6.14 25.96
N SER D 336 16.17 6.47 27.23
CA SER D 336 16.91 7.67 27.61
C SER D 336 18.35 7.61 27.13
N TYR D 337 19.00 6.47 27.37
CA TYR D 337 20.43 6.31 27.07
C TYR D 337 20.77 6.72 25.64
N PHE D 338 19.92 6.35 24.69
CA PHE D 338 20.20 6.59 23.28
C PHE D 338 19.95 8.02 22.84
N LEU D 339 19.03 8.71 23.51
CA LEU D 339 18.61 10.03 23.04
C LEU D 339 19.77 11.01 22.84
N VAL D 340 20.81 10.91 23.67
CA VAL D 340 21.97 11.79 23.54
C VAL D 340 22.80 11.54 22.28
N TYR D 341 22.46 10.45 21.58
CA TYR D 341 23.19 9.94 20.43
C TYR D 341 22.76 10.54 19.10
N GLY D 342 22.08 11.69 19.16
CA GLY D 342 21.60 12.34 17.97
C GLY D 342 20.11 12.59 17.77
N VAL D 343 19.33 12.48 18.83
CA VAL D 343 18.10 13.27 18.86
C VAL D 343 18.42 14.66 19.39
N PRO D 344 18.16 15.68 18.57
CA PRO D 344 18.44 17.08 18.92
C PRO D 344 17.76 17.53 20.22
N GLY D 345 18.54 18.12 21.13
CA GLY D 345 17.99 18.69 22.36
C GLY D 345 18.32 17.89 23.60
N PHE D 346 18.86 16.70 23.40
CA PHE D 346 19.21 15.83 24.51
C PHE D 346 20.72 15.77 24.70
N SER D 347 21.17 16.21 25.86
CA SER D 347 22.57 16.08 26.25
C SER D 347 22.57 15.49 27.65
N LYS D 348 23.71 15.01 28.11
CA LYS D 348 23.77 14.50 29.47
C LYS D 348 23.78 15.68 30.43
N ASP D 349 24.18 16.84 29.93
CA ASP D 349 24.42 18.00 30.79
C ASP D 349 23.22 18.90 31.19
N ASN D 350 22.34 19.25 30.24
CA ASN D 350 21.08 19.93 30.58
C ASN D 350 20.00 18.91 30.95
N GLU D 351 18.81 19.36 31.33
CA GLU D 351 17.73 18.41 31.62
C GLU D 351 16.97 18.09 30.34
N SER D 352 17.43 18.68 29.24
CA SER D 352 16.92 18.35 27.91
C SER D 352 15.42 18.54 27.78
N LEU D 353 14.86 19.60 28.35
CA LEU D 353 13.47 19.91 28.14
C LEU D 353 13.40 20.30 26.68
N ILE D 354 12.47 19.73 25.91
CA ILE D 354 12.46 19.93 24.47
C ILE D 354 11.18 20.63 24.03
N SER D 355 11.23 21.26 22.86
CA SER D 355 10.06 21.92 22.31
C SER D 355 9.18 20.90 21.61
N ARG D 356 8.01 21.34 21.14
CA ARG D 356 7.16 20.42 20.44
C ARG D 356 7.79 20.01 19.13
N ALA D 357 8.26 21.00 18.37
CA ALA D 357 8.90 20.73 17.09
C ALA D 357 10.09 19.79 17.26
N GLN D 358 10.74 19.91 18.42
CA GLN D 358 11.86 19.04 18.76
C GLN D 358 11.40 17.60 18.92
N PHE D 359 10.32 17.41 19.67
CA PHE D 359 9.73 16.07 19.84
C PHE D 359 9.26 15.48 18.49
N LEU D 360 8.62 16.31 17.67
CA LEU D 360 8.15 15.87 16.35
C LEU D 360 9.27 15.38 15.47
N ALA D 361 10.33 16.17 15.36
CA ALA D 361 11.50 15.76 14.59
C ALA D 361 12.17 14.52 15.20
N GLY D 362 12.18 14.47 16.52
CA GLY D 362 12.78 13.36 17.25
C GLY D 362 12.08 12.04 16.99
N VAL D 363 10.78 12.10 16.74
CA VAL D 363 10.04 10.89 16.38
C VAL D 363 10.43 10.35 15.01
N ARG D 364 10.71 11.23 14.06
CA ARG D 364 11.25 10.78 12.77
C ARG D 364 12.64 10.20 12.96
N ILE D 365 13.40 10.79 13.89
CA ILE D 365 14.79 10.34 14.13
C ILE D 365 14.86 8.96 14.82
N GLY D 366 13.91 8.67 15.70
CA GLY D 366 13.91 7.41 16.45
C GLY D 366 13.11 6.27 15.84
N VAL D 367 12.15 6.64 14.97
CA VAL D 367 11.41 5.66 14.21
C VAL D 367 11.62 5.97 12.73
N PRO D 368 12.79 5.58 12.19
CA PRO D 368 13.15 5.81 10.78
C PRO D 368 12.25 4.97 9.89
N GLN D 369 11.88 3.81 10.44
CA GLN D 369 10.94 2.85 9.88
C GLN D 369 9.70 3.58 9.34
N ALA D 370 9.29 4.61 10.06
CA ALA D 370 7.99 5.23 9.89
C ALA D 370 7.83 6.03 8.62
N SER D 371 6.68 5.87 7.99
CA SER D 371 6.22 6.77 6.94
C SER D 371 5.74 8.05 7.60
N ASP D 372 5.17 8.96 6.82
CA ASP D 372 4.57 10.17 7.39
C ASP D 372 3.45 9.77 8.37
N LEU D 373 2.49 9.00 7.85
CA LEU D 373 1.27 8.66 8.61
C LEU D 373 1.56 7.84 9.87
N ALA D 374 2.55 6.95 9.79
CA ALA D 374 2.88 6.12 10.94
C ALA D 374 3.45 7.01 12.04
N ALA D 375 4.26 7.98 11.65
CA ALA D 375 4.83 8.94 12.58
C ALA D 375 3.73 9.80 13.22
N GLU D 376 2.75 10.18 12.41
CA GLU D 376 1.63 10.91 12.94
C GLU D 376 0.87 10.06 13.96
N ALA D 377 0.81 8.76 13.73
CA ALA D 377 0.16 7.86 14.66
C ALA D 377 0.96 7.82 15.96
N VAL D 378 2.27 7.72 15.83
CA VAL D 378 3.13 7.65 17.01
C VAL D 378 3.03 8.92 17.84
N VAL D 379 2.94 10.06 17.15
CA VAL D 379 2.82 11.33 17.84
C VAL D 379 1.48 11.37 18.52
N LEU D 380 0.43 11.00 17.79
CA LEU D 380 -0.91 10.99 18.37
C LEU D 380 -0.92 10.19 19.66
N HIS D 381 -0.24 9.05 19.62
CA HIS D 381 -0.22 8.17 20.78
C HIS D 381 0.55 8.75 21.95
N TYR D 382 1.76 9.23 21.71
CA TYR D 382 2.62 9.64 22.80
C TYR D 382 2.45 11.07 23.34
N THR D 383 1.73 11.90 22.61
CA THR D 383 1.41 13.26 23.05
C THR D 383 0.34 13.27 24.15
N ASP D 384 0.56 14.04 25.21
CA ASP D 384 -0.54 14.33 26.12
C ASP D 384 -1.21 15.57 25.56
N TRP D 385 -2.47 15.39 25.13
CA TRP D 385 -3.16 16.38 24.36
C TRP D 385 -3.76 17.45 25.23
N LEU D 386 -3.83 17.15 26.51
CA LEU D 386 -4.23 18.18 27.45
C LEU D 386 -3.09 19.22 27.59
N HIS D 387 -1.84 18.75 27.42
CA HIS D 387 -0.64 19.59 27.50
C HIS D 387 0.34 19.28 26.38
N PRO D 388 0.04 19.72 25.15
CA PRO D 388 0.83 19.32 23.98
C PRO D 388 2.24 19.89 24.03
N GLU D 389 2.38 21.04 24.70
CA GLU D 389 3.63 21.80 24.70
C GLU D 389 4.60 21.47 25.83
N ASP D 390 4.17 20.70 26.81
CA ASP D 390 4.98 20.51 28.02
C ASP D 390 6.33 19.92 27.66
N PRO D 391 7.40 20.67 27.92
CA PRO D 391 8.74 20.22 27.55
C PRO D 391 9.10 18.96 28.32
N THR D 392 8.80 18.93 29.60
CA THR D 392 9.12 17.76 30.43
C THR D 392 8.45 16.49 29.93
N HIS D 393 7.13 16.56 29.75
CA HIS D 393 6.40 15.43 29.19
C HIS D 393 6.95 15.03 27.82
N LEU D 394 7.21 15.99 26.95
CA LEU D 394 7.76 15.71 25.64
C LEU D 394 9.06 14.91 25.74
N ARG D 395 9.95 15.38 26.61
CA ARG D 395 11.23 14.73 26.82
C ARG D 395 11.05 13.28 27.26
N ASP D 396 10.34 13.08 28.37
CA ASP D 396 10.13 11.73 28.86
C ASP D 396 9.41 10.84 27.84
N ALA D 397 8.54 11.44 27.03
CA ALA D 397 7.74 10.70 26.08
C ALA D 397 8.57 10.33 24.86
N MET D 398 9.62 11.10 24.58
CA MET D 398 10.51 10.74 23.51
C MET D 398 11.35 9.55 23.97
N SER D 399 11.74 9.60 25.24
CA SER D 399 12.41 8.47 25.87
C SER D 399 11.51 7.26 25.68
N ALA D 400 10.21 7.49 25.87
CA ALA D 400 9.22 6.43 25.84
C ALA D 400 9.12 5.81 24.45
N VAL D 401 8.93 6.65 23.44
CA VAL D 401 8.88 6.18 22.04
C VAL D 401 10.07 5.28 21.76
N VAL D 402 11.28 5.83 21.86
CA VAL D 402 12.48 5.04 21.60
C VAL D 402 12.49 3.70 22.35
N GLY D 403 12.30 3.77 23.66
CA GLY D 403 12.32 2.59 24.51
C GLY D 403 11.30 1.52 24.15
N ASP D 404 10.07 1.92 23.89
CA ASP D 404 9.00 0.97 23.62
C ASP D 404 9.22 0.31 22.28
N HIS D 405 9.54 1.13 21.29
CA HIS D 405 9.67 0.61 19.94
C HIS D 405 10.84 -0.35 19.77
N ASN D 406 11.99 0.02 20.33
CA ASN D 406 13.19 -0.82 20.23
C ASN D 406 13.36 -1.96 21.24
N VAL D 407 12.92 -1.77 22.47
CA VAL D 407 13.10 -2.78 23.51
C VAL D 407 11.79 -3.34 24.06
N VAL D 408 11.09 -2.55 24.88
CA VAL D 408 9.96 -3.04 25.69
C VAL D 408 8.92 -3.83 24.90
N CYS D 409 8.40 -3.25 23.83
CA CYS D 409 7.35 -3.91 23.07
C CYS D 409 7.78 -5.22 22.36
N PRO D 410 8.96 -5.21 21.71
CA PRO D 410 9.54 -6.49 21.30
C PRO D 410 9.67 -7.53 22.43
N VAL D 411 10.13 -7.13 23.62
CA VAL D 411 10.25 -8.06 24.75
C VAL D 411 8.90 -8.62 25.10
N ALA D 412 7.91 -7.75 25.13
CA ALA D 412 6.53 -8.12 25.40
C ALA D 412 6.01 -9.13 24.39
N GLN D 413 6.22 -8.82 23.10
CA GLN D 413 5.82 -9.72 22.02
C GLN D 413 6.48 -11.08 22.18
N LEU D 414 7.78 -11.10 22.49
CA LEU D 414 8.50 -12.35 22.70
C LEU D 414 7.92 -13.14 23.85
N ALA D 415 7.73 -12.50 25.00
CA ALA D 415 7.20 -13.19 26.17
C ALA D 415 5.88 -13.83 25.79
N GLY D 416 5.02 -13.04 25.17
CA GLY D 416 3.72 -13.51 24.73
C GLY D 416 3.80 -14.73 23.83
N ARG D 417 4.61 -14.68 22.79
CA ARG D 417 4.69 -15.78 21.84
C ARG D 417 5.27 -17.03 22.50
N LEU D 418 6.38 -16.87 23.22
CA LEU D 418 7.01 -18.01 23.88
C LEU D 418 6.04 -18.65 24.86
N ALA D 419 5.24 -17.83 25.52
CA ALA D 419 4.24 -18.34 26.45
C ALA D 419 3.20 -19.13 25.68
N ALA D 420 2.67 -18.52 24.63
CA ALA D 420 1.65 -19.15 23.79
C ALA D 420 2.10 -20.48 23.17
N GLN D 421 3.41 -20.60 22.96
CA GLN D 421 3.99 -21.83 22.43
C GLN D 421 4.40 -22.75 23.58
N GLY D 422 3.98 -22.38 24.80
CA GLY D 422 4.04 -23.26 25.95
C GLY D 422 5.40 -23.36 26.59
N ALA D 423 6.07 -22.23 26.72
CA ALA D 423 7.34 -22.19 27.39
C ALA D 423 7.13 -21.53 28.74
N ARG D 424 7.85 -21.98 29.77
CA ARG D 424 7.79 -21.30 31.05
C ARG D 424 8.59 -20.02 30.92
N VAL D 425 8.02 -18.92 31.41
CA VAL D 425 8.52 -17.59 31.12
C VAL D 425 8.36 -16.77 32.37
N TYR D 426 9.41 -16.07 32.78
CA TYR D 426 9.30 -15.07 33.85
C TYR D 426 9.67 -13.69 33.31
N ALA D 427 9.03 -12.63 33.81
CA ALA D 427 9.27 -11.30 33.27
C ALA D 427 9.56 -10.30 34.38
N TYR D 428 10.59 -9.48 34.20
CA TYR D 428 10.95 -8.49 35.20
C TYR D 428 10.92 -7.07 34.65
N ILE D 429 10.67 -6.12 35.53
CA ILE D 429 10.95 -4.72 35.21
C ILE D 429 11.91 -4.18 36.28
N PHE D 430 13.09 -3.75 35.86
CA PHE D 430 14.14 -3.38 36.78
C PHE D 430 14.05 -1.89 37.07
N GLU D 431 13.66 -1.55 38.29
CA GLU D 431 13.39 -0.16 38.68
C GLU D 431 14.44 0.62 39.51
N HIS D 432 15.54 -0.01 39.90
CA HIS D 432 16.49 0.67 40.79
C HIS D 432 17.62 1.38 40.05
N ARG D 433 17.62 2.70 40.12
CA ARG D 433 18.76 3.49 39.64
C ARG D 433 19.88 3.41 40.68
N ALA D 434 21.06 2.97 40.26
CA ALA D 434 22.19 2.86 41.16
C ALA D 434 22.63 4.23 41.70
N SER D 435 22.95 4.26 42.99
CA SER D 435 23.41 5.49 43.65
C SER D 435 24.68 6.02 42.99
N THR D 436 25.50 5.09 42.51
CA THR D 436 26.81 5.39 41.96
C THR D 436 26.73 5.78 40.49
N LEU D 437 25.51 5.86 39.97
CA LEU D 437 25.33 6.14 38.56
C LEU D 437 25.85 7.53 38.20
N THR D 438 26.17 7.73 36.93
CA THR D 438 26.85 8.91 36.43
C THR D 438 25.94 9.84 35.65
N TRP D 439 25.23 9.26 34.69
CA TRP D 439 24.27 9.97 33.84
C TRP D 439 23.27 10.82 34.63
N PRO D 440 22.69 11.85 33.98
CA PRO D 440 21.78 12.80 34.61
C PRO D 440 20.56 12.17 35.26
N LEU D 441 19.96 12.92 36.18
CA LEU D 441 18.75 12.50 36.90
C LEU D 441 17.61 12.17 35.92
N TRP D 442 17.54 12.90 34.83
CA TRP D 442 16.41 12.80 33.92
C TRP D 442 16.35 11.48 33.16
N MET D 443 17.46 10.75 33.15
CA MET D 443 17.58 9.53 32.35
C MET D 443 17.08 8.29 33.08
N GLY D 444 16.53 8.49 34.27
CA GLY D 444 15.92 7.40 35.01
C GLY D 444 16.88 6.26 35.27
N VAL D 445 16.49 5.07 34.81
CA VAL D 445 17.28 3.87 34.99
C VAL D 445 17.62 3.45 33.58
N PRO D 446 18.73 3.99 33.06
CA PRO D 446 19.09 3.81 31.65
C PRO D 446 19.31 2.37 31.24
N HIS D 447 19.22 2.15 29.93
CA HIS D 447 19.49 0.87 29.31
C HIS D 447 20.84 0.32 29.78
N GLY D 448 20.84 -0.94 30.19
CA GLY D 448 22.08 -1.59 30.55
C GLY D 448 22.50 -1.43 32.00
N TYR D 449 21.76 -0.68 32.80
CA TYR D 449 22.22 -0.38 34.16
C TYR D 449 21.78 -1.34 35.27
N GLU D 450 21.18 -2.46 34.86
CA GLU D 450 20.92 -3.57 35.78
C GLU D 450 22.07 -4.58 35.82
N ILE D 451 23.00 -4.50 34.87
CA ILE D 451 24.04 -5.53 34.74
C ILE D 451 24.92 -5.62 35.98
N GLU D 452 25.45 -4.48 36.40
CA GLU D 452 26.37 -4.40 37.53
C GLU D 452 25.77 -5.06 38.78
N PHE D 453 24.45 -5.02 38.88
CA PHE D 453 23.78 -5.65 40.00
C PHE D 453 23.66 -7.14 39.82
N ILE D 454 23.32 -7.58 38.60
CA ILE D 454 23.17 -9.00 38.35
C ILE D 454 24.50 -9.69 38.56
N PHE D 455 25.59 -9.01 38.22
CA PHE D 455 26.92 -9.55 38.48
C PHE D 455 27.36 -9.39 39.94
N GLY D 456 26.73 -8.46 40.65
CA GLY D 456 26.96 -8.33 42.08
C GLY D 456 28.11 -7.42 42.49
N LEU D 457 28.49 -6.50 41.62
CA LEU D 457 29.50 -5.48 41.95
C LEU D 457 29.31 -4.77 43.30
N PRO D 458 28.06 -4.43 43.70
CA PRO D 458 27.89 -3.78 45.00
C PRO D 458 28.53 -4.52 46.18
N LEU D 459 28.76 -5.83 46.04
CA LEU D 459 29.38 -6.61 47.10
C LEU D 459 30.82 -6.19 47.37
N ASP D 460 31.45 -5.56 46.36
CA ASP D 460 32.81 -5.06 46.49
C ASP D 460 32.79 -3.70 47.20
N PRO D 461 33.41 -3.62 48.40
CA PRO D 461 33.32 -2.45 49.27
C PRO D 461 34.08 -1.23 48.75
N SER D 462 35.01 -1.45 47.83
CA SER D 462 35.75 -0.36 47.23
C SER D 462 34.93 0.38 46.18
N LEU D 463 33.73 -0.12 45.91
CA LEU D 463 32.89 0.43 44.84
C LEU D 463 31.86 1.45 45.30
N ASN D 464 31.76 1.65 46.61
CA ASN D 464 30.94 2.72 47.18
C ASN D 464 29.44 2.58 46.91
N TYR D 465 28.96 1.35 46.77
CA TYR D 465 27.53 1.12 46.69
C TYR D 465 27.01 1.17 48.11
N THR D 466 25.74 1.50 48.30
CA THR D 466 25.13 1.54 49.62
C THR D 466 24.76 0.15 50.13
N THR D 467 24.29 0.07 51.36
CA THR D 467 24.08 -1.24 51.97
C THR D 467 22.77 -1.86 51.50
N GLU D 468 21.80 -1.00 51.19
CA GLU D 468 20.58 -1.43 50.49
C GLU D 468 21.02 -2.10 49.21
N GLU D 469 21.80 -1.36 48.43
CA GLU D 469 22.24 -1.82 47.13
C GLU D 469 22.96 -3.16 47.19
N ARG D 470 23.75 -3.38 48.23
CA ARG D 470 24.44 -4.64 48.41
C ARG D 470 23.39 -5.74 48.65
N ILE D 471 22.48 -5.50 49.60
CA ILE D 471 21.47 -6.50 49.97
C ILE D 471 20.63 -6.91 48.74
N PHE D 472 20.34 -5.90 47.92
CA PHE D 472 19.56 -6.00 46.71
C PHE D 472 20.34 -6.78 45.67
N ALA D 473 21.64 -6.49 45.60
CA ALA D 473 22.54 -7.15 44.65
C ALA D 473 22.53 -8.64 44.90
N GLN D 474 22.86 -9.04 46.12
CA GLN D 474 22.88 -10.47 46.41
C GLN D 474 21.50 -11.09 46.23
N ARG D 475 20.45 -10.31 46.49
CA ARG D 475 19.10 -10.80 46.20
C ARG D 475 18.95 -11.18 44.74
N LEU D 476 19.37 -10.28 43.85
CA LEU D 476 19.24 -10.51 42.41
C LEU D 476 20.10 -11.68 41.93
N MET D 477 21.31 -11.79 42.46
CA MET D 477 22.16 -12.94 42.17
C MET D 477 21.48 -14.24 42.55
N LYS D 478 20.89 -14.25 43.74
CA LYS D 478 20.09 -15.39 44.18
C LYS D 478 19.02 -15.72 43.15
N TYR D 479 18.28 -14.70 42.69
CA TYR D 479 17.21 -14.94 41.70
C TYR D 479 17.78 -15.63 40.47
N TRP D 480 18.77 -14.98 39.87
CA TRP D 480 19.33 -15.41 38.58
C TRP D 480 19.91 -16.81 38.63
N THR D 481 20.74 -17.07 39.64
CA THR D 481 21.36 -18.38 39.75
C THR D 481 20.35 -19.46 40.15
N ASN D 482 19.30 -19.07 40.87
CA ASN D 482 18.19 -19.99 41.12
C ASN D 482 17.52 -20.38 39.82
N PHE D 483 17.35 -19.41 38.93
CA PHE D 483 16.78 -19.69 37.62
C PHE D 483 17.71 -20.63 36.89
N ALA D 484 18.99 -20.29 36.90
CA ALA D 484 20.02 -21.07 36.21
C ALA D 484 19.98 -22.53 36.64
N ARG D 485 19.84 -22.72 37.95
CA ARG D 485 19.89 -24.03 38.59
C ARG D 485 18.60 -24.82 38.37
N THR D 486 17.49 -24.33 38.92
CA THR D 486 16.19 -25.02 38.86
C THR D 486 15.25 -24.65 37.73
N GLY D 487 15.49 -23.51 37.08
CA GLY D 487 14.54 -22.97 36.10
C GLY D 487 13.38 -22.17 36.69
N ASP D 488 13.52 -21.76 37.95
CA ASP D 488 12.53 -20.91 38.59
C ASP D 488 13.33 -19.89 39.37
N PRO D 489 12.95 -18.61 39.28
CA PRO D 489 13.73 -17.60 40.02
C PRO D 489 13.62 -17.67 41.56
N ASN D 490 12.45 -18.00 42.10
CA ASN D 490 12.26 -17.88 43.55
C ASN D 490 12.87 -18.99 44.38
N ASP D 491 13.13 -18.66 45.64
CA ASP D 491 13.65 -19.58 46.64
C ASP D 491 12.72 -20.77 46.85
N PRO D 492 13.28 -21.99 46.76
CA PRO D 492 12.51 -23.23 46.94
C PRO D 492 11.99 -23.37 48.36
N ARG D 493 12.86 -23.09 49.33
CA ARG D 493 12.53 -23.24 50.74
C ARG D 493 11.61 -22.14 51.24
N ASP D 494 11.92 -20.88 50.93
CA ASP D 494 11.10 -19.83 51.50
C ASP D 494 9.98 -19.76 50.51
N SER D 495 8.90 -20.44 50.86
CA SER D 495 7.73 -20.51 49.98
C SER D 495 6.77 -19.43 50.44
N LYS D 496 7.10 -18.83 51.58
CA LYS D 496 6.62 -17.49 51.80
C LYS D 496 7.81 -16.53 51.86
N SER D 497 7.99 -15.91 50.70
CA SER D 497 8.59 -14.62 50.44
C SER D 497 7.72 -14.40 49.21
N PRO D 498 7.54 -13.15 48.75
CA PRO D 498 6.62 -13.07 47.59
C PRO D 498 7.13 -13.86 46.37
N GLN D 499 6.24 -14.68 45.81
CA GLN D 499 6.58 -15.57 44.70
C GLN D 499 6.59 -14.81 43.37
N TRP D 500 7.50 -15.19 42.49
CA TRP D 500 7.57 -14.61 41.16
C TRP D 500 6.73 -15.50 40.25
N PRO D 501 5.57 -15.00 39.83
CA PRO D 501 4.66 -15.79 39.01
C PRO D 501 5.22 -15.98 37.62
N PRO D 502 4.91 -17.11 36.97
CA PRO D 502 5.25 -17.18 35.54
C PRO D 502 4.46 -16.11 34.78
N TYR D 503 4.93 -15.74 33.61
CA TYR D 503 4.19 -14.85 32.75
C TYR D 503 3.42 -15.69 31.73
N THR D 504 2.10 -15.52 31.67
CA THR D 504 1.25 -16.26 30.72
C THR D 504 0.39 -15.31 29.89
N THR D 505 -0.14 -15.78 28.78
CA THR D 505 -0.89 -14.88 27.92
C THR D 505 -2.16 -14.43 28.59
N ALA D 506 -2.76 -15.33 29.37
CA ALA D 506 -3.94 -15.00 30.14
C ALA D 506 -3.69 -13.82 31.09
N ALA D 507 -2.96 -14.09 32.16
CA ALA D 507 -2.81 -13.15 33.28
C ALA D 507 -1.79 -12.03 33.05
N GLN D 508 -0.74 -12.35 32.30
CA GLN D 508 0.35 -11.43 31.94
C GLN D 508 1.01 -10.78 33.13
N GLN D 509 1.48 -11.57 34.08
CA GLN D 509 2.11 -10.98 35.24
C GLN D 509 3.64 -11.02 35.24
N TYR D 510 4.23 -9.89 35.59
CA TYR D 510 5.68 -9.72 35.68
C TYR D 510 5.95 -9.07 37.03
N VAL D 511 7.20 -9.03 37.47
CA VAL D 511 7.47 -8.44 38.79
C VAL D 511 8.40 -7.23 38.71
N SER D 512 8.29 -6.34 39.70
CA SER D 512 9.25 -5.25 39.80
C SER D 512 10.47 -5.68 40.63
N LEU D 513 11.65 -5.27 40.17
CA LEU D 513 12.86 -5.40 40.95
C LEU D 513 13.30 -4.00 41.30
N ASN D 514 13.10 -3.64 42.57
CA ASN D 514 13.52 -2.36 43.13
C ASN D 514 14.06 -2.70 44.49
N LEU D 515 14.31 -1.71 45.32
CA LEU D 515 14.78 -2.01 46.65
C LEU D 515 13.77 -2.83 47.46
N LYS D 516 12.56 -2.31 47.60
CA LYS D 516 11.50 -2.97 48.38
C LYS D 516 11.16 -4.32 47.73
N PRO D 517 10.47 -5.22 48.46
CA PRO D 517 10.31 -6.60 47.95
C PRO D 517 9.57 -6.76 46.61
N LEU D 518 9.47 -8.00 46.17
CA LEU D 518 8.82 -8.30 44.90
C LEU D 518 7.39 -7.83 44.91
N GLU D 519 6.99 -7.23 43.81
CA GLU D 519 5.64 -6.72 43.64
C GLU D 519 5.14 -7.20 42.30
N VAL D 520 4.07 -7.98 42.28
CA VAL D 520 3.59 -8.51 41.01
C VAL D 520 2.66 -7.52 40.29
N ARG D 521 2.96 -7.23 39.03
CA ARG D 521 2.15 -6.32 38.23
C ARG D 521 1.61 -7.07 37.04
N ARG D 522 0.53 -6.55 36.47
CA ARG D 522 -0.17 -7.21 35.37
C ARG D 522 -0.24 -6.35 34.12
N GLY D 523 0.31 -6.91 33.05
CA GLY D 523 0.31 -6.35 31.70
C GLY D 523 1.55 -5.50 31.51
N LEU D 524 2.21 -5.65 30.36
CA LEU D 524 3.49 -5.00 30.16
C LEU D 524 3.37 -3.99 29.05
N ARG D 525 3.27 -2.72 29.42
CA ARG D 525 3.04 -1.63 28.48
C ARG D 525 2.00 -2.08 27.44
N ALA D 526 0.89 -2.63 27.94
CA ALA D 526 -0.05 -3.44 27.16
C ALA D 526 -0.74 -2.77 25.99
N GLN D 527 -1.42 -1.66 26.27
CA GLN D 527 -2.11 -0.89 25.23
C GLN D 527 -1.14 -0.36 24.20
N THR D 528 -0.03 0.17 24.70
CA THR D 528 1.02 0.73 23.88
C THR D 528 1.63 -0.36 23.00
N CYS D 529 1.88 -1.52 23.60
CA CYS D 529 2.48 -2.59 22.82
C CYS D 529 1.48 -3.13 21.82
N ALA D 530 0.19 -2.98 22.09
CA ALA D 530 -0.84 -3.37 21.13
C ALA D 530 -0.77 -2.41 19.96
N PHE D 531 -0.43 -1.16 20.23
CA PHE D 531 -0.19 -0.21 19.15
C PHE D 531 0.99 -0.68 18.30
N TRP D 532 2.14 -0.85 18.96
CA TRP D 532 3.40 -1.13 18.28
C TRP D 532 3.43 -2.46 17.55
N ASN D 533 3.03 -3.54 18.21
CA ASN D 533 3.13 -4.87 17.63
C ASN D 533 1.97 -5.27 16.77
N ARG D 534 0.85 -4.55 16.88
CA ARG D 534 -0.36 -4.98 16.18
C ARG D 534 -0.80 -4.02 15.09
N PHE D 535 -1.21 -2.82 15.49
CA PHE D 535 -1.76 -1.88 14.53
C PHE D 535 -0.68 -1.27 13.65
N LEU D 536 0.36 -0.75 14.28
CA LEU D 536 1.42 -0.04 13.57
C LEU D 536 1.97 -0.78 12.31
N PRO D 537 2.21 -2.11 12.40
CA PRO D 537 2.60 -2.83 11.18
C PRO D 537 1.54 -2.79 10.11
N LYS D 538 0.28 -3.02 10.48
CA LYS D 538 -0.84 -2.96 9.55
C LYS D 538 -0.79 -1.63 8.81
N LEU D 539 -0.54 -0.58 9.58
CA LEU D 539 -0.55 0.78 9.07
C LEU D 539 0.59 0.97 8.09
N LEU D 540 1.79 0.69 8.59
CA LEU D 540 3.05 0.83 7.89
C LEU D 540 3.04 0.06 6.56
N SER D 541 2.31 -1.04 6.51
CA SER D 541 2.14 -1.84 5.29
C SER D 541 1.09 -1.27 4.29
N ALA D 542 -0.08 -0.90 4.81
CA ALA D 542 -1.15 -0.38 3.96
C ALA D 542 -0.84 1.02 3.40
N THR D 543 0.19 1.66 3.93
CA THR D 543 0.73 2.90 3.36
C THR D 543 2.17 2.70 2.87
C1 4OJ E . 33.57 4.34 -24.49
C2 4OJ E . 33.84 3.93 -23.17
C3 4OJ E . 32.99 4.32 -22.14
C4 4OJ E . 31.88 5.10 -22.44
C5 4OJ E . 31.60 5.51 -23.75
C6 4OJ E . 32.46 5.12 -24.78
O12 4OJ E . 30.49 6.28 -24.01
P13 4OJ E . 29.41 6.85 -22.96
O1P 4OJ E . 29.86 8.09 -22.37
O2P 4OJ E . 28.99 5.90 -21.90
C7 4OJ E . 32.18 5.54 -26.21
C1 NAG F . 33.59 30.43 5.74
C2 NAG F . 33.79 31.94 5.57
C3 NAG F . 35.26 32.30 5.45
C4 NAG F . 36.02 31.73 6.65
C5 NAG F . 35.70 30.24 6.82
C6 NAG F . 36.39 29.64 8.05
C7 NAG F . 31.70 32.52 4.50
C8 NAG F . 30.95 31.98 3.32
N2 NAG F . 33.03 32.44 4.45
O3 NAG F . 35.43 33.70 5.36
O4 NAG F . 37.40 31.89 6.47
O5 NAG F . 34.30 30.04 6.91
O6 NAG F . 36.35 28.24 7.96
O7 NAG F . 31.11 32.97 5.49
S SO4 G . 8.67 -3.10 -29.48
O1 SO4 G . 9.14 -4.26 -28.73
O2 SO4 G . 8.45 -1.99 -28.56
O3 SO4 G . 7.42 -3.41 -30.16
O4 SO4 G . 9.66 -2.74 -30.50
S SO4 H . 7.10 11.10 -23.78
O1 SO4 H . 8.06 10.11 -24.25
O2 SO4 H . 6.32 10.50 -22.70
O3 SO4 H . 6.20 11.49 -24.85
O4 SO4 H . 7.79 12.30 -23.29
S SO4 I . 10.33 -15.38 -11.47
O1 SO4 I . 9.21 -14.82 -10.72
O2 SO4 I . 11.45 -15.59 -10.55
O3 SO4 I . 10.77 -14.44 -12.50
O4 SO4 I . 9.94 -16.65 -12.08
S SO4 J . 3.84 -4.39 -19.04
O1 SO4 J . 3.61 -5.80 -19.37
O2 SO4 J . 2.53 -3.73 -18.97
O3 SO4 J . 4.68 -3.79 -20.07
O4 SO4 J . 4.52 -4.24 -17.74
S SO4 K . 50.56 10.70 -39.21
O1 SO4 K . 51.09 9.37 -38.93
O2 SO4 K . 50.42 10.89 -40.65
O3 SO4 K . 51.46 11.72 -38.67
O4 SO4 K . 49.27 10.83 -38.53
C1 4OJ L . -24.95 -16.91 -21.92
C2 4OJ L . -25.43 -15.69 -21.44
C3 4OJ L . -24.84 -15.09 -20.33
C4 4OJ L . -23.78 -15.73 -19.70
C5 4OJ L . -23.30 -16.97 -20.18
C6 4OJ L . -23.90 -17.55 -21.30
O12 4OJ L . -22.23 -17.59 -19.53
P13 4OJ L . -21.43 -17.08 -18.21
O1P 4OJ L . -22.10 -17.53 -17.01
O2P 4OJ L . -21.10 -15.59 -18.18
C7 4OJ L . -23.40 -18.88 -21.83
C1 NAG M . -34.42 -11.96 16.71
C2 NAG M . -34.21 -12.93 17.87
C3 NAG M . -34.81 -14.25 17.44
C4 NAG M . -36.33 -14.03 17.50
C5 NAG M . -36.73 -12.84 16.59
C6 NAG M . -38.19 -12.39 16.87
C7 NAG M . -31.72 -13.06 17.65
C8 NAG M . -30.68 -12.03 18.00
N2 NAG M . -32.84 -13.02 18.37
O3 NAG M . -34.39 -15.31 18.26
O4 NAG M . -37.03 -15.21 17.15
O5 NAG M . -35.84 -11.72 16.68
O6 NAG M . -39.12 -13.21 16.20
O7 NAG M . -31.53 -13.91 16.77
C1 NAG N . -22.79 2.42 -32.44
C2 NAG N . -22.54 3.87 -32.02
C3 NAG N . -22.63 4.00 -30.50
C4 NAG N . -23.97 3.50 -29.97
C5 NAG N . -24.45 2.18 -30.64
C6 NAG N . -25.96 1.88 -30.44
C7 NAG N . -21.08 5.55 -33.09
C8 NAG N . -20.25 6.54 -32.32
N2 NAG N . -21.26 4.34 -32.53
O3 NAG N . -22.45 5.33 -30.07
O4 NAG N . -23.82 3.35 -28.57
O5 NAG N . -24.11 2.08 -32.04
O6 NAG N . -26.84 2.42 -31.42
O7 NAG N . -21.57 5.84 -34.18
S SO4 O . 0.71 -13.31 -25.95
O1 SO4 O . 1.98 -13.32 -25.22
O2 SO4 O . -0.39 -12.81 -25.11
O3 SO4 O . 0.41 -14.67 -26.38
O4 SO4 O . 0.79 -12.41 -27.10
S SO4 P . 0.45 -18.52 -10.74
O1 SO4 P . -0.40 -18.60 -9.56
O2 SO4 P . 1.42 -17.43 -10.61
O3 SO4 P . -0.37 -18.30 -11.93
O4 SO4 P . 1.18 -19.79 -10.87
S SO4 Q . -3.36 8.03 -23.82
O1 SO4 Q . -3.36 6.73 -23.17
O2 SO4 Q . -3.33 7.85 -25.27
O3 SO4 Q . -2.17 8.77 -23.40
O4 SO4 Q . -4.56 8.78 -23.44
C1 4OJ R . -34.73 11.22 20.58
C2 4OJ R . -34.86 10.17 19.66
C3 4OJ R . -34.03 10.11 18.54
C4 4OJ R . -33.07 11.11 18.36
C5 4OJ R . -32.93 12.16 19.27
C6 4OJ R . -33.76 12.21 20.39
O12 4OJ R . -31.97 13.13 19.06
P13 4OJ R . -30.97 13.26 17.84
O1P 4OJ R . -31.59 13.98 16.75
O2P 4OJ R . -30.39 11.97 17.37
C7 4OJ R . -33.64 13.34 21.40
C1 NAG S . -38.94 18.86 -18.19
C2 NAG S . -38.60 20.21 -18.82
C3 NAG S . -39.87 21.08 -18.82
C4 NAG S . -40.93 20.36 -19.66
C5 NAG S . -41.15 18.92 -19.20
C6 NAG S . -42.04 18.15 -20.17
C7 NAG S . -36.23 20.85 -18.73
C8 NAG S . -36.08 20.24 -20.10
N2 NAG S . -37.46 20.84 -18.18
O3 NAG S . -39.63 22.37 -19.35
O4 NAG S . -42.14 21.08 -19.61
O5 NAG S . -39.93 18.21 -18.99
O6 NAG S . -41.52 18.23 -21.48
O7 NAG S . -35.25 21.32 -18.17
CL CL T . -9.00 -8.91 17.91
CL CL U . -9.73 19.59 15.87
S SO4 V . -9.36 10.66 27.19
O1 SO4 V . -10.46 10.16 28.03
O2 SO4 V . -9.84 11.10 25.88
O3 SO4 V . -8.44 9.56 26.94
O4 SO4 V . -8.69 11.79 27.84
S SO4 W . -4.05 5.03 18.51
O1 SO4 W . -3.90 3.92 19.43
O2 SO4 W . -5.01 5.96 19.09
O3 SO4 W . -4.53 4.58 17.19
O4 SO4 W . -2.76 5.69 18.37
CL CL X . -58.39 42.56 12.47
CL CL Y . -52.32 21.21 31.81
CL CL Z . -49.75 45.21 13.36
C1 4OJ AA . 26.02 -0.35 25.72
C2 4OJ AA . 26.28 0.50 24.64
C3 4OJ AA . 25.59 0.35 23.44
C4 4OJ AA . 24.63 -0.66 23.34
C5 4OJ AA . 24.37 -1.53 24.42
C6 4OJ AA . 25.06 -1.37 25.62
O12 4OJ AA . 23.41 -2.52 24.27
P13 4OJ AA . 22.50 -2.87 22.94
O1P 4OJ AA . 23.23 -3.76 22.09
O2P 4OJ AA . 21.96 -1.67 22.18
C7 4OJ AA . 24.80 -2.28 26.80
C1 NAG BA . 35.68 -15.05 -9.67
C2 NAG BA . 35.41 -15.82 -10.95
C3 NAG BA . 36.19 -17.15 -10.98
C4 NAG BA . 37.70 -16.93 -10.77
C5 NAG BA . 38.00 -15.74 -9.83
C6 NAG BA . 38.57 -14.49 -10.53
C7 NAG BA . 33.18 -15.14 -11.73
C8 NAG BA . 33.86 -14.07 -12.54
N2 NAG BA . 33.97 -16.02 -11.09
O3 NAG BA . 35.97 -17.78 -12.24
O4 NAG BA . 38.31 -18.13 -10.31
O5 NAG BA . 36.87 -15.45 -9.01
O6 NAG BA . 39.96 -14.59 -10.73
O7 NAG BA . 31.96 -15.19 -11.68
C1 NAG CA . 20.93 21.44 25.87
C2 NAG CA . 21.98 20.94 24.83
C3 NAG CA . 21.67 21.37 23.38
C4 NAG CA . 20.19 21.72 23.12
C5 NAG CA . 19.61 22.64 24.21
C6 NAG CA . 18.17 22.25 24.58
C7 NAG CA . 24.52 21.23 24.52
C8 NAG CA . 24.92 19.87 24.02
N2 NAG CA . 23.36 21.34 25.21
O3 NAG CA . 22.03 20.34 22.46
O4 NAG CA . 20.05 22.33 21.84
O5 NAG CA . 20.46 22.69 25.36
O6 NAG CA . 17.29 22.40 23.48
O7 NAG CA . 25.29 22.18 24.31
C1 NAG DA . 34.77 5.61 46.47
C2 NAG DA . 35.21 6.45 45.26
C3 NAG DA . 36.07 7.64 45.68
C4 NAG DA . 35.71 8.10 47.10
C5 NAG DA . 35.96 6.97 48.10
C6 NAG DA . 35.12 7.14 49.38
C7 NAG DA . 35.30 5.19 43.14
C8 NAG DA . 35.45 3.74 42.79
N2 NAG DA . 35.88 5.61 44.27
O3 NAG DA . 35.90 8.73 44.81
O4 NAG DA . 36.46 9.25 47.45
O5 NAG DA . 35.72 5.69 47.52
O6 NAG DA . 35.46 8.32 50.04
O7 NAG DA . 34.65 5.93 42.40
S SO4 EA . -0.14 1.05 28.98
O1 SO4 EA . -0.43 -0.28 29.50
O2 SO4 EA . -1.23 1.97 29.28
O3 SO4 EA . 0.00 1.00 27.53
O4 SO4 EA . 1.09 1.58 29.60
S SO4 FA . 0.95 18.88 16.33
O1 SO4 FA . 1.97 19.25 15.36
O2 SO4 FA . 1.10 17.47 16.72
O3 SO4 FA . 1.09 19.73 17.51
O4 SO4 FA . -0.37 19.08 15.73
S SO4 GA . 1.63 -10.61 18.44
O1 SO4 GA . 0.25 -10.38 18.05
O2 SO4 GA . 2.12 -11.87 17.86
O3 SO4 GA . 1.74 -10.69 19.90
O4 SO4 GA . 2.45 -9.49 17.98
CL CL HA . 4.61 8.56 28.08
CL CL IA . 42.11 -7.87 41.21
CL CL JA . 41.35 -5.19 34.56
#